data_5UR0
#
_entry.id   5UR0
#
_cell.length_a   83.743
_cell.length_b   94.552
_cell.length_c   90.932
_cell.angle_alpha   90.00
_cell.angle_beta   99.96
_cell.angle_gamma   90.00
#
_symmetry.space_group_name_H-M   'P 1 21 1'
#
loop_
_entity.id
_entity.type
_entity.pdbx_description
1 polymer 'Glyceraldehyde-3-phosphate dehydrogenase'
2 non-polymer NICOTINAMIDE-ADENINE-DINUCLEOTIDE
3 non-polymer 'TRIETHYLENE GLYCOL'
4 non-polymer 'SODIUM ION'
5 water water
#
_entity_poly.entity_id   1
_entity_poly.type   'polypeptide(L)'
_entity_poly.pdbx_seq_one_letter_code
;HHHHHHSSGLVPRGSHMVKIGINGFGRIGRLVFRASLERTDVEVVAINDIMMTPEYMIYMIKYDTVHGKFHGKLEHTEKS
IIVNGREIHVL(CME)ERDPEQLPWGQHNVEYVVESTGIFTKLDSAAKHLKGGAKRVVISAPADTPTFVMGVNNHEYKPE
MTVINNAS(CSD)TTNCLAPIAAVLHENFGIVEGLMTTVHAVTATQPTVDAPSRKDWRGGRAAGYNIIPSSTGAAKAVGL
VIPSLNGKLTGMAFRVPTVDVSVVDLTCRLEKPATKKQIDEAMKAASESERFKGILKFTDEEVVSSDFVHDSASSTYDSK
ASI(CSD)LNEHFVKVVAWYDNEWGYSNRVLDLIKSTAKIQ
;
_entity_poly.pdbx_strand_id   A,B,C,D
#
loop_
_chem_comp.id
_chem_comp.type
_chem_comp.name
_chem_comp.formula
NA non-polymer 'SODIUM ION' 'Na 1'
NAD non-polymer NICOTINAMIDE-ADENINE-DINUCLEOTIDE 'C21 H27 N7 O14 P2'
PGE non-polymer 'TRIETHYLENE GLYCOL' 'C6 H14 O4'
#
# COMPACT_ATOMS: atom_id res chain seq x y z
N SER A 15 -32.29 -28.65 -13.04
CA SER A 15 -33.53 -27.92 -13.30
C SER A 15 -33.81 -26.92 -12.19
N HIS A 16 -34.69 -27.30 -11.25
CA HIS A 16 -35.07 -26.49 -10.09
C HIS A 16 -33.87 -25.74 -9.47
N MET A 17 -32.78 -26.47 -9.25
CA MET A 17 -31.51 -25.83 -8.91
C MET A 17 -30.41 -26.51 -9.68
N VAL A 18 -29.57 -25.74 -10.34
CA VAL A 18 -28.39 -26.30 -10.97
C VAL A 18 -27.37 -26.63 -9.90
N LYS A 19 -26.95 -27.88 -9.86
CA LYS A 19 -25.98 -28.32 -8.87
C LYS A 19 -24.58 -28.12 -9.40
N ILE A 20 -23.77 -27.42 -8.62
CA ILE A 20 -22.47 -26.94 -9.06
C ILE A 20 -21.36 -27.53 -8.19
N GLY A 21 -20.24 -27.89 -8.81
CA GLY A 21 -19.05 -28.22 -8.06
C GLY A 21 -18.02 -27.16 -8.34
N ILE A 22 -17.24 -26.82 -7.32
CA ILE A 22 -16.16 -25.82 -7.50
C ILE A 22 -14.80 -26.49 -7.36
N ASN A 23 -13.98 -26.33 -8.38
CA ASN A 23 -12.62 -26.84 -8.34
C ASN A 23 -11.69 -25.64 -8.22
N GLY A 24 -11.02 -25.56 -7.08
CA GLY A 24 -10.22 -24.37 -6.76
C GLY A 24 -11.06 -23.36 -5.99
N PHE A 25 -10.95 -23.41 -4.67
CA PHE A 25 -11.78 -22.61 -3.78
C PHE A 25 -11.04 -21.32 -3.44
N GLY A 26 -10.62 -20.58 -4.48
CA GLY A 26 -9.77 -19.42 -4.29
C GLY A 26 -10.59 -18.15 -4.24
N ARG A 27 -10.01 -17.04 -4.72
CA ARG A 27 -10.75 -15.79 -4.75
C ARG A 27 -12.05 -15.97 -5.56
N ILE A 28 -11.96 -16.54 -6.75
CA ILE A 28 -13.16 -16.70 -7.57
C ILE A 28 -14.02 -17.84 -7.03
N GLY A 29 -13.40 -18.97 -6.71
CA GLY A 29 -14.18 -20.10 -6.21
C GLY A 29 -15.03 -19.75 -4.98
N ARG A 30 -14.41 -19.12 -3.99
CA ARG A 30 -15.12 -18.77 -2.77
C ARG A 30 -16.17 -17.71 -2.98
N LEU A 31 -15.95 -16.83 -3.97
CA LEU A 31 -16.91 -15.76 -4.17
C LEU A 31 -18.05 -16.24 -5.08
N VAL A 32 -17.76 -17.16 -5.99
CA VAL A 32 -18.83 -17.88 -6.68
C VAL A 32 -19.67 -18.60 -5.60
N PHE A 33 -18.99 -19.22 -4.64
CA PHE A 33 -19.71 -19.87 -3.56
C PHE A 33 -20.62 -18.88 -2.79
N ARG A 34 -20.05 -17.76 -2.35
CA ARG A 34 -20.85 -16.77 -1.64
C ARG A 34 -22.04 -16.29 -2.46
N ALA A 35 -21.81 -15.94 -3.72
CA ALA A 35 -22.89 -15.48 -4.57
C ALA A 35 -23.95 -16.56 -4.79
N SER A 36 -23.53 -17.82 -4.84
CA SER A 36 -24.47 -18.93 -5.03
C SER A 36 -25.47 -19.02 -3.89
N LEU A 37 -25.06 -18.57 -2.72
CA LEU A 37 -25.95 -18.56 -1.57
C LEU A 37 -27.04 -17.50 -1.68
N GLU A 38 -26.84 -16.53 -2.56
CA GLU A 38 -27.76 -15.40 -2.65
C GLU A 38 -28.83 -15.60 -3.71
N ARG A 39 -28.81 -16.75 -4.37
CA ARG A 39 -29.79 -17.01 -5.42
C ARG A 39 -30.32 -18.42 -5.29
N THR A 40 -31.57 -18.62 -5.64
CA THR A 40 -32.19 -19.90 -5.35
C THR A 40 -32.19 -20.86 -6.53
N ASP A 41 -31.61 -20.45 -7.65
CA ASP A 41 -31.66 -21.28 -8.86
C ASP A 41 -30.38 -22.09 -9.07
N VAL A 42 -29.38 -21.86 -8.20
CA VAL A 42 -28.13 -22.60 -8.27
C VAL A 42 -27.66 -22.93 -6.85
N GLU A 43 -26.99 -24.06 -6.68
CA GLU A 43 -26.39 -24.39 -5.39
C GLU A 43 -25.08 -25.12 -5.61
N VAL A 44 -24.11 -24.86 -4.74
CA VAL A 44 -22.84 -25.56 -4.81
C VAL A 44 -22.92 -26.76 -3.88
N VAL A 45 -22.64 -27.95 -4.41
CA VAL A 45 -22.88 -29.14 -3.60
C VAL A 45 -21.58 -29.87 -3.32
N ALA A 46 -20.52 -29.46 -4.02
CA ALA A 46 -19.22 -30.06 -3.78
C ALA A 46 -18.10 -29.09 -4.08
N ILE A 47 -17.05 -29.17 -3.27
CA ILE A 47 -15.91 -28.27 -3.44
C ILE A 47 -14.64 -29.07 -3.34
N ASN A 48 -13.75 -28.85 -4.30
CA ASN A 48 -12.44 -29.44 -4.22
C ASN A 48 -11.35 -28.38 -4.16
N ASP A 49 -10.51 -28.45 -3.15
CA ASP A 49 -9.33 -27.59 -3.08
C ASP A 49 -8.24 -28.35 -2.36
N ILE A 50 -7.15 -28.61 -3.07
CA ILE A 50 -6.10 -29.48 -2.55
CA ILE A 50 -6.10 -29.49 -2.55
C ILE A 50 -5.30 -28.87 -1.40
N MET A 51 -5.52 -27.59 -1.13
CA MET A 51 -4.78 -26.97 -0.03
C MET A 51 -5.64 -26.72 1.21
N MET A 52 -6.84 -27.28 1.24
CA MET A 52 -7.75 -26.99 2.34
C MET A 52 -8.40 -28.22 2.93
N THR A 53 -8.69 -28.13 4.22
CA THR A 53 -9.53 -29.08 4.91
C THR A 53 -10.90 -28.47 5.03
N PRO A 54 -11.91 -29.28 5.39
CA PRO A 54 -13.21 -28.65 5.64
C PRO A 54 -13.12 -27.55 6.70
N GLU A 55 -12.38 -27.81 7.77
CA GLU A 55 -12.17 -26.84 8.82
C GLU A 55 -11.56 -25.55 8.29
N TYR A 56 -10.56 -25.68 7.43
CA TYR A 56 -9.91 -24.52 6.82
C TYR A 56 -10.84 -23.78 5.86
N MET A 57 -11.64 -24.55 5.11
CA MET A 57 -12.56 -23.95 4.16
C MET A 57 -13.55 -23.02 4.84
N ILE A 58 -14.00 -23.42 6.01
CA ILE A 58 -14.94 -22.63 6.77
C ILE A 58 -14.32 -21.29 7.15
N TYR A 59 -13.04 -21.33 7.49
CA TYR A 59 -12.34 -20.10 7.86
C TYR A 59 -12.26 -19.16 6.67
N MET A 60 -11.94 -19.73 5.51
CA MET A 60 -11.78 -18.89 4.33
CA MET A 60 -11.82 -19.02 4.22
C MET A 60 -13.11 -18.33 3.83
N ILE A 61 -14.21 -19.06 4.01
CA ILE A 61 -15.54 -18.51 3.74
C ILE A 61 -15.86 -17.40 4.74
N LYS A 62 -15.55 -17.64 6.02
CA LYS A 62 -15.99 -16.76 7.08
C LYS A 62 -15.41 -15.37 7.00
N TYR A 63 -14.12 -15.27 6.71
CA TYR A 63 -13.45 -13.97 6.69
C TYR A 63 -12.92 -13.66 5.30
N ASP A 64 -13.06 -12.42 4.88
CA ASP A 64 -12.61 -12.04 3.55
C ASP A 64 -12.15 -10.61 3.66
N THR A 65 -10.89 -10.42 3.29
CA THR A 65 -10.25 -9.12 3.41
C THR A 65 -10.98 -8.04 2.62
N VAL A 66 -11.55 -8.43 1.48
CA VAL A 66 -12.20 -7.50 0.55
C VAL A 66 -13.71 -7.44 0.77
N HIS A 67 -14.37 -8.60 0.83
CA HIS A 67 -15.84 -8.65 0.78
C HIS A 67 -16.47 -8.87 2.15
N GLY A 68 -15.65 -8.70 3.18
CA GLY A 68 -16.07 -8.76 4.56
C GLY A 68 -16.49 -10.13 5.06
N LYS A 69 -16.97 -10.13 6.29
CA LYS A 69 -17.26 -11.34 7.01
C LYS A 69 -18.55 -12.00 6.52
N PHE A 70 -18.53 -13.34 6.45
CA PHE A 70 -19.71 -14.08 6.12
C PHE A 70 -20.67 -14.01 7.28
N HIS A 71 -21.92 -13.75 6.97
CA HIS A 71 -22.95 -13.81 7.99
C HIS A 71 -23.88 -14.96 7.63
N GLY A 72 -23.96 -15.93 8.55
CA GLY A 72 -24.60 -17.20 8.26
C GLY A 72 -23.91 -18.23 9.12
N LYS A 73 -24.47 -19.42 9.19
CA LYS A 73 -23.92 -20.45 10.07
C LYS A 73 -22.89 -21.28 9.32
N LEU A 74 -21.75 -21.51 9.94
CA LEU A 74 -20.70 -22.31 9.36
C LEU A 74 -20.30 -23.42 10.32
N GLU A 75 -20.38 -24.65 9.84
CA GLU A 75 -19.92 -25.82 10.58
C GLU A 75 -19.15 -26.72 9.61
N HIS A 76 -18.44 -27.72 10.13
CA HIS A 76 -17.84 -28.70 9.24
C HIS A 76 -17.84 -30.09 9.86
N THR A 77 -17.62 -31.09 9.00
CA THR A 77 -17.38 -32.45 9.45
C THR A 77 -16.03 -32.88 8.90
N GLU A 78 -15.72 -34.17 9.02
CA GLU A 78 -14.51 -34.71 8.42
C GLU A 78 -14.47 -34.47 6.92
N LYS A 79 -15.60 -34.54 6.24
CA LYS A 79 -15.57 -34.54 4.79
C LYS A 79 -16.58 -33.59 4.14
N SER A 80 -17.10 -32.66 4.94
CA SER A 80 -18.12 -31.73 4.48
C SER A 80 -18.02 -30.44 5.23
N ILE A 81 -18.50 -29.38 4.60
CA ILE A 81 -18.80 -28.17 5.33
C ILE A 81 -20.31 -28.05 5.38
N ILE A 82 -20.81 -27.36 6.40
CA ILE A 82 -22.23 -27.13 6.53
C ILE A 82 -22.48 -25.64 6.64
N VAL A 83 -23.19 -25.15 5.65
CA VAL A 83 -23.41 -23.74 5.48
C VAL A 83 -24.90 -23.49 5.63
N ASN A 84 -25.27 -22.69 6.64
CA ASN A 84 -26.67 -22.48 6.98
C ASN A 84 -27.43 -23.79 7.00
N GLY A 85 -26.86 -24.77 7.67
CA GLY A 85 -27.52 -26.05 7.85
C GLY A 85 -27.42 -27.01 6.67
N ARG A 86 -26.91 -26.54 5.53
CA ARG A 86 -26.82 -27.38 4.35
C ARG A 86 -25.42 -27.97 4.17
N GLU A 87 -25.36 -29.29 3.96
CA GLU A 87 -24.08 -29.96 3.78
C GLU A 87 -23.54 -29.78 2.37
N ILE A 88 -22.26 -29.47 2.28
CA ILE A 88 -21.57 -29.39 1.02
C ILE A 88 -20.37 -30.32 1.09
N HIS A 89 -20.27 -31.20 0.11
CA HIS A 89 -19.25 -32.23 0.15
C HIS A 89 -17.89 -31.64 -0.19
N VAL A 90 -16.89 -32.00 0.60
CA VAL A 90 -15.55 -31.52 0.36
C VAL A 90 -14.76 -32.67 -0.25
N LEU A 91 -14.26 -32.47 -1.46
CA LEU A 91 -13.48 -33.51 -2.13
C LEU A 91 -12.02 -33.28 -1.86
N CME A 92 -11.16 -34.15 -2.38
CA CME A 92 -9.72 -34.03 -2.11
CB CME A 92 -9.38 -34.65 -0.76
SG CME A 92 -7.72 -34.17 -0.23
SD CME A 92 -7.89 -32.15 -0.05
C CME A 92 -8.96 -34.78 -3.22
O CME A 92 -8.54 -35.91 -3.03
N GLU A 93 -8.80 -34.14 -4.37
CA GLU A 93 -8.00 -34.73 -5.42
C GLU A 93 -7.22 -33.65 -6.15
N ARG A 94 -5.91 -33.88 -6.29
CA ARG A 94 -5.09 -32.96 -7.06
C ARG A 94 -5.47 -33.07 -8.54
N ASP A 95 -5.77 -34.29 -8.98
CA ASP A 95 -6.01 -34.55 -10.40
C ASP A 95 -7.52 -34.54 -10.72
N PRO A 96 -7.96 -33.61 -11.59
CA PRO A 96 -9.37 -33.42 -11.91
C PRO A 96 -10.01 -34.71 -12.46
N GLU A 97 -9.19 -35.50 -13.15
CA GLU A 97 -9.59 -36.78 -13.70
C GLU A 97 -10.08 -37.73 -12.63
N GLN A 98 -9.69 -37.48 -11.39
CA GLN A 98 -10.05 -38.32 -10.26
C GLN A 98 -11.29 -37.85 -9.49
N LEU A 99 -11.81 -36.67 -9.80
CA LEU A 99 -12.89 -36.13 -8.98
C LEU A 99 -14.25 -36.77 -9.28
N PRO A 100 -14.91 -37.32 -8.25
CA PRO A 100 -16.16 -38.07 -8.39
C PRO A 100 -17.37 -37.13 -8.47
N TRP A 101 -17.39 -36.25 -9.45
CA TRP A 101 -18.41 -35.20 -9.52
C TRP A 101 -19.80 -35.82 -9.66
N GLY A 102 -19.93 -36.80 -10.56
CA GLY A 102 -21.20 -37.46 -10.82
C GLY A 102 -21.73 -38.10 -9.55
N GLN A 103 -20.84 -38.66 -8.74
CA GLN A 103 -21.23 -39.26 -7.46
C GLN A 103 -22.01 -38.26 -6.63
N HIS A 104 -21.62 -37.00 -6.69
CA HIS A 104 -22.30 -35.98 -5.91
C HIS A 104 -23.28 -35.18 -6.74
N ASN A 105 -23.68 -35.72 -7.89
CA ASN A 105 -24.76 -35.15 -8.68
C ASN A 105 -24.42 -33.73 -9.14
N VAL A 106 -23.13 -33.50 -9.40
CA VAL A 106 -22.67 -32.20 -9.87
C VAL A 106 -22.94 -32.08 -11.38
N GLU A 107 -23.68 -31.06 -11.75
CA GLU A 107 -23.98 -30.85 -13.15
C GLU A 107 -22.88 -30.01 -13.81
N TYR A 108 -22.67 -28.81 -13.29
CA TYR A 108 -21.57 -27.96 -13.75
C TYR A 108 -20.39 -27.96 -12.80
N VAL A 109 -19.17 -28.06 -13.34
CA VAL A 109 -17.99 -27.75 -12.54
C VAL A 109 -17.50 -26.35 -12.89
N VAL A 110 -17.24 -25.55 -11.86
CA VAL A 110 -16.52 -24.29 -12.03
C VAL A 110 -15.04 -24.59 -11.87
N GLU A 111 -14.29 -24.38 -12.95
CA GLU A 111 -12.89 -24.76 -12.92
C GLU A 111 -12.11 -23.48 -12.63
N SER A 112 -11.72 -23.31 -11.37
CA SER A 112 -11.20 -22.03 -10.93
C SER A 112 -9.91 -22.19 -10.11
N THR A 113 -9.14 -23.21 -10.45
CA THR A 113 -7.82 -23.39 -9.82
C THR A 113 -6.78 -22.46 -10.38
N GLY A 114 -6.98 -21.98 -11.60
CA GLY A 114 -5.95 -21.22 -12.25
C GLY A 114 -4.90 -22.08 -12.95
N ILE A 115 -4.97 -23.40 -12.82
CA ILE A 115 -3.92 -24.22 -13.44
C ILE A 115 -4.48 -25.20 -14.48
N PHE A 116 -5.79 -25.22 -14.65
CA PHE A 116 -6.40 -26.14 -15.62
C PHE A 116 -7.21 -25.35 -16.64
N THR A 117 -6.63 -24.26 -17.17
CA THR A 117 -7.33 -23.45 -18.14
C THR A 117 -7.18 -23.99 -19.55
N LYS A 118 -6.43 -25.09 -19.72
CA LYS A 118 -6.38 -25.73 -21.01
C LYS A 118 -7.52 -26.72 -21.10
N LEU A 119 -8.15 -26.79 -22.28
CA LEU A 119 -9.21 -27.76 -22.52
C LEU A 119 -8.72 -29.16 -22.13
N ASP A 120 -7.45 -29.45 -22.44
CA ASP A 120 -6.84 -30.74 -22.17
C ASP A 120 -6.93 -31.11 -20.68
N SER A 121 -6.86 -30.11 -19.81
CA SER A 121 -7.01 -30.36 -18.39
C SER A 121 -8.47 -30.23 -17.94
N ALA A 122 -9.12 -29.16 -18.35
CA ALA A 122 -10.45 -28.86 -17.82
C ALA A 122 -11.49 -29.90 -18.23
N ALA A 123 -11.27 -30.54 -19.38
CA ALA A 123 -12.17 -31.57 -19.86
C ALA A 123 -12.14 -32.78 -18.95
N LYS A 124 -11.09 -32.90 -18.13
CA LYS A 124 -10.95 -34.08 -17.29
C LYS A 124 -12.04 -34.19 -16.23
N HIS A 125 -12.69 -33.07 -15.91
CA HIS A 125 -13.82 -33.09 -14.98
C HIS A 125 -14.96 -33.95 -15.47
N LEU A 126 -15.01 -34.16 -16.78
CA LEU A 126 -16.05 -34.96 -17.39
C LEU A 126 -15.83 -36.42 -17.07
N LYS A 127 -14.56 -36.81 -16.88
CA LYS A 127 -14.23 -38.21 -16.62
C LYS A 127 -14.96 -38.71 -15.38
N GLY A 128 -15.08 -37.84 -14.38
CA GLY A 128 -15.75 -38.17 -13.13
C GLY A 128 -17.25 -37.95 -13.15
N GLY A 129 -17.79 -37.49 -14.27
CA GLY A 129 -19.23 -37.46 -14.40
C GLY A 129 -19.88 -36.10 -14.26
N ALA A 130 -19.09 -35.04 -14.19
CA ALA A 130 -19.63 -33.69 -14.37
C ALA A 130 -20.25 -33.61 -15.76
N LYS A 131 -21.31 -32.82 -15.93
CA LYS A 131 -21.97 -32.74 -17.24
C LYS A 131 -21.35 -31.64 -18.10
N ARG A 132 -21.07 -30.50 -17.48
CA ARG A 132 -20.48 -29.38 -18.19
C ARG A 132 -19.42 -28.70 -17.36
N VAL A 133 -18.53 -27.97 -18.01
CA VAL A 133 -17.46 -27.31 -17.28
C VAL A 133 -17.38 -25.86 -17.72
N VAL A 134 -17.27 -24.98 -16.75
CA VAL A 134 -17.07 -23.57 -17.01
C VAL A 134 -15.70 -23.20 -16.45
N ILE A 135 -14.79 -22.86 -17.35
CA ILE A 135 -13.46 -22.42 -16.95
C ILE A 135 -13.53 -20.94 -16.58
N SER A 136 -13.04 -20.58 -15.40
CA SER A 136 -13.11 -19.21 -14.91
C SER A 136 -11.98 -18.33 -15.44
N ALA A 137 -11.64 -18.46 -16.73
CA ALA A 137 -10.52 -17.74 -17.32
C ALA A 137 -10.60 -17.91 -18.83
N PRO A 138 -9.84 -17.10 -19.59
CA PRO A 138 -9.74 -17.38 -21.01
C PRO A 138 -9.17 -18.79 -21.24
N ALA A 139 -9.58 -19.43 -22.32
CA ALA A 139 -9.21 -20.81 -22.58
C ALA A 139 -9.42 -21.13 -24.06
N ASP A 140 -8.81 -22.22 -24.53
CA ASP A 140 -9.00 -22.68 -25.90
C ASP A 140 -10.33 -23.42 -26.03
N THR A 141 -11.43 -22.73 -25.67
CA THR A 141 -12.77 -23.29 -25.74
C THR A 141 -13.72 -22.19 -26.20
N PRO A 142 -15.00 -22.51 -26.50
CA PRO A 142 -15.94 -21.40 -26.62
C PRO A 142 -15.88 -20.44 -25.42
N THR A 143 -15.88 -19.15 -25.74
CA THR A 143 -15.68 -18.09 -24.76
C THR A 143 -16.92 -17.25 -24.67
N PHE A 144 -17.38 -16.97 -23.46
CA PHE A 144 -18.63 -16.21 -23.31
C PHE A 144 -18.54 -15.01 -22.39
N VAL A 145 -19.29 -13.98 -22.75
CA VAL A 145 -19.46 -12.84 -21.86
C VAL A 145 -20.96 -12.59 -21.75
N MET A 146 -21.49 -12.67 -20.53
CA MET A 146 -22.94 -12.51 -20.34
C MET A 146 -23.38 -11.15 -20.84
N GLY A 147 -24.49 -11.11 -21.60
CA GLY A 147 -25.01 -9.87 -22.13
C GLY A 147 -24.50 -9.58 -23.52
N VAL A 148 -23.41 -10.22 -23.89
CA VAL A 148 -22.81 -9.97 -25.18
C VAL A 148 -22.95 -11.14 -26.15
N ASN A 149 -22.64 -12.36 -25.72
CA ASN A 149 -22.81 -13.50 -26.63
C ASN A 149 -23.28 -14.80 -25.96
N ASN A 150 -23.89 -14.71 -24.79
CA ASN A 150 -24.29 -15.95 -24.12
C ASN A 150 -25.36 -16.68 -24.91
N HIS A 151 -26.06 -15.96 -25.79
CA HIS A 151 -27.10 -16.60 -26.61
C HIS A 151 -26.50 -17.38 -27.77
N GLU A 152 -25.20 -17.25 -28.01
CA GLU A 152 -24.52 -18.06 -29.00
C GLU A 152 -24.14 -19.42 -28.43
N TYR A 153 -24.47 -19.66 -27.17
CA TYR A 153 -24.18 -20.95 -26.57
C TYR A 153 -24.99 -22.06 -27.27
N LYS A 154 -24.32 -23.15 -27.61
CA LYS A 154 -24.97 -24.32 -28.19
C LYS A 154 -24.92 -25.47 -27.20
N PRO A 155 -25.96 -26.29 -27.15
CA PRO A 155 -26.01 -27.33 -26.11
C PRO A 155 -24.89 -28.40 -26.19
N GLU A 156 -24.27 -28.55 -27.37
CA GLU A 156 -23.14 -29.47 -27.55
C GLU A 156 -21.85 -28.92 -26.90
N MET A 157 -21.87 -27.66 -26.50
CA MET A 157 -20.69 -27.05 -25.88
C MET A 157 -20.56 -27.48 -24.44
N THR A 158 -19.76 -28.51 -24.24
CA THR A 158 -19.66 -29.18 -22.96
C THR A 158 -18.66 -28.48 -22.05
N VAL A 159 -17.62 -27.89 -22.64
CA VAL A 159 -16.59 -27.18 -21.89
C VAL A 159 -16.46 -25.80 -22.47
N ILE A 160 -16.76 -24.79 -21.66
CA ILE A 160 -16.74 -23.41 -22.12
C ILE A 160 -15.97 -22.58 -21.10
N ASN A 161 -15.71 -21.33 -21.44
CA ASN A 161 -15.09 -20.44 -20.47
C ASN A 161 -15.87 -19.12 -20.42
N ASN A 162 -15.69 -18.42 -19.32
CA ASN A 162 -16.39 -17.19 -19.04
C ASN A 162 -15.47 -15.98 -19.28
N ALA A 163 -14.40 -16.21 -20.05
CA ALA A 163 -13.43 -15.19 -20.45
C ALA A 163 -12.70 -14.65 -19.22
N SER A 164 -12.03 -13.51 -19.38
CA SER A 164 -11.41 -12.88 -18.23
C SER A 164 -12.33 -11.85 -17.63
N CSD A 165 -11.99 -11.40 -16.42
CA CSD A 165 -12.67 -10.25 -15.82
CB CSD A 165 -12.11 -9.95 -14.37
SG CSD A 165 -10.29 -10.01 -14.13
C CSD A 165 -12.58 -9.01 -16.73
O CSD A 165 -13.55 -8.30 -16.90
OD1 CSD A 165 -9.72 -9.04 -15.08
OD2 CSD A 165 -9.79 -11.37 -14.86
N OCS A 165 -11.99 -11.40 -16.43
CA OCS A 165 -12.67 -10.25 -15.81
CB OCS A 165 -12.05 -9.92 -14.45
SG OCS A 165 -10.27 -10.01 -14.45
C OCS A 165 -12.59 -9.00 -16.72
O OCS A 165 -13.56 -8.29 -16.91
OD1 OCS A 165 -9.99 -11.27 -15.16
OD2 OCS A 165 -9.82 -8.89 -15.24
OD3 OCS A 165 -9.87 -10.12 -13.08
N THR A 166 -11.42 -8.78 -17.31
CA THR A 166 -11.21 -7.63 -18.20
C THR A 166 -12.07 -7.73 -19.47
N THR A 167 -12.15 -8.92 -20.07
CA THR A 167 -13.02 -9.08 -21.24
C THR A 167 -14.47 -8.85 -20.87
N ASN A 168 -14.86 -9.29 -19.69
CA ASN A 168 -16.23 -9.07 -19.23
C ASN A 168 -16.55 -7.60 -18.99
N CYS A 169 -15.53 -6.79 -18.71
CA CYS A 169 -15.74 -5.36 -18.54
C CYS A 169 -15.75 -4.67 -19.91
N LEU A 170 -14.83 -5.08 -20.76
CA LEU A 170 -14.63 -4.41 -22.05
C LEU A 170 -15.70 -4.73 -23.08
N ALA A 171 -16.10 -6.01 -23.15
CA ALA A 171 -16.99 -6.42 -24.24
C ALA A 171 -18.37 -5.73 -24.19
N PRO A 172 -18.98 -5.55 -23.00
CA PRO A 172 -20.25 -4.79 -23.00
C PRO A 172 -20.13 -3.36 -23.55
N ILE A 173 -19.08 -2.66 -23.15
CA ILE A 173 -18.73 -1.34 -23.66
C ILE A 173 -18.53 -1.38 -25.17
N ALA A 174 -17.73 -2.34 -25.62
CA ALA A 174 -17.47 -2.46 -27.05
C ALA A 174 -18.75 -2.75 -27.80
N ALA A 175 -19.60 -3.61 -27.23
CA ALA A 175 -20.88 -3.94 -27.86
C ALA A 175 -21.75 -2.72 -28.04
N VAL A 176 -21.88 -1.93 -26.99
CA VAL A 176 -22.68 -0.69 -27.08
C VAL A 176 -22.09 0.30 -28.12
N LEU A 177 -20.78 0.54 -28.09
CA LEU A 177 -20.15 1.45 -29.06
C LEU A 177 -20.29 0.91 -30.48
N HIS A 178 -20.01 -0.37 -30.67
CA HIS A 178 -20.00 -0.97 -32.00
C HIS A 178 -21.38 -0.96 -32.63
N GLU A 179 -22.38 -1.34 -31.86
CA GLU A 179 -23.75 -1.41 -32.36
C GLU A 179 -24.31 -0.03 -32.64
N ASN A 180 -23.83 0.98 -31.93
CA ASN A 180 -24.36 2.33 -32.10
C ASN A 180 -23.59 3.16 -33.11
N PHE A 181 -22.26 3.04 -33.10
CA PHE A 181 -21.46 3.91 -33.93
C PHE A 181 -20.47 3.16 -34.80
N GLY A 182 -20.20 1.92 -34.43
CA GLY A 182 -19.28 1.10 -35.19
C GLY A 182 -17.87 1.42 -34.74
N ILE A 183 -17.18 0.41 -34.23
CA ILE A 183 -15.80 0.57 -33.83
C ILE A 183 -14.91 0.15 -34.99
N VAL A 184 -14.16 1.10 -35.53
CA VAL A 184 -13.20 0.82 -36.61
C VAL A 184 -11.97 0.12 -36.06
N GLU A 185 -11.46 0.64 -34.95
CA GLU A 185 -10.31 0.04 -34.30
C GLU A 185 -10.24 0.57 -32.89
N GLY A 186 -9.67 -0.22 -31.99
CA GLY A 186 -9.52 0.23 -30.61
C GLY A 186 -8.28 -0.31 -29.92
N LEU A 187 -7.80 0.46 -28.96
CA LEU A 187 -6.66 0.05 -28.16
C LEU A 187 -7.05 0.21 -26.68
N MET A 188 -6.85 -0.86 -25.93
CA MET A 188 -7.33 -0.92 -24.57
C MET A 188 -6.19 -1.00 -23.56
N THR A 189 -6.32 -0.24 -22.49
CA THR A 189 -5.48 -0.43 -21.34
C THR A 189 -6.38 -0.78 -20.17
N THR A 190 -5.99 -1.74 -19.35
CA THR A 190 -6.70 -1.90 -18.09
C THR A 190 -5.73 -1.64 -16.94
N VAL A 191 -6.16 -0.82 -16.00
CA VAL A 191 -5.42 -0.59 -14.78
C VAL A 191 -6.04 -1.54 -13.75
N HIS A 192 -5.27 -2.54 -13.35
CA HIS A 192 -5.82 -3.74 -12.75
C HIS A 192 -5.29 -3.99 -11.34
N ALA A 193 -6.18 -4.34 -10.42
CA ALA A 193 -5.80 -4.77 -9.07
C ALA A 193 -4.84 -5.96 -9.08
N VAL A 194 -4.07 -6.11 -8.02
CA VAL A 194 -3.23 -7.27 -7.92
C VAL A 194 -4.06 -8.54 -7.79
N THR A 195 -3.49 -9.64 -8.19
CA THR A 195 -4.16 -10.92 -8.00
C THR A 195 -3.17 -11.93 -7.49
N ALA A 196 -3.68 -13.12 -7.16
CA ALA A 196 -2.87 -14.18 -6.57
C ALA A 196 -1.65 -14.59 -7.40
N THR A 197 -1.64 -14.24 -8.69
CA THR A 197 -0.53 -14.62 -9.55
C THR A 197 0.69 -13.75 -9.33
N GLN A 198 0.54 -12.66 -8.58
CA GLN A 198 1.67 -11.80 -8.27
C GLN A 198 2.19 -12.05 -6.85
N PRO A 199 3.50 -11.94 -6.66
CA PRO A 199 4.12 -12.12 -5.35
C PRO A 199 4.20 -10.80 -4.56
N THR A 200 4.37 -10.91 -3.26
CA THR A 200 4.49 -9.73 -2.40
C THR A 200 5.87 -9.07 -2.50
N VAL A 201 6.87 -9.82 -2.93
CA VAL A 201 8.24 -9.29 -3.08
C VAL A 201 8.77 -9.70 -4.45
N ASP A 202 9.86 -9.10 -4.89
CA ASP A 202 10.48 -9.49 -6.17
C ASP A 202 10.80 -10.98 -6.12
N ALA A 203 10.18 -11.75 -7.01
CA ALA A 203 10.24 -13.20 -6.96
C ALA A 203 10.19 -13.77 -8.37
N PRO A 204 10.55 -15.05 -8.55
CA PRO A 204 10.55 -15.61 -9.91
C PRO A 204 9.17 -15.67 -10.53
N SER A 205 9.13 -15.28 -11.80
CA SER A 205 7.97 -15.43 -12.66
C SER A 205 8.53 -15.69 -14.08
N ARG A 206 9.00 -16.92 -14.31
CA ARG A 206 9.77 -17.28 -15.50
C ARG A 206 9.07 -16.99 -16.84
N LYS A 207 7.74 -16.97 -16.83
CA LYS A 207 6.96 -16.76 -18.05
C LYS A 207 6.56 -15.30 -18.24
N ASP A 208 6.57 -14.53 -17.16
CA ASP A 208 6.21 -13.12 -17.20
C ASP A 208 7.11 -12.35 -16.24
N TRP A 209 8.27 -11.92 -16.72
CA TRP A 209 9.26 -11.33 -15.82
C TRP A 209 8.76 -10.18 -14.99
N ARG A 210 8.17 -9.19 -15.65
CA ARG A 210 7.67 -8.06 -14.90
C ARG A 210 6.72 -8.52 -13.83
N GLY A 211 5.97 -9.60 -14.10
CA GLY A 211 4.93 -10.08 -13.21
C GLY A 211 5.48 -10.70 -11.94
N GLY A 212 6.78 -10.84 -11.84
CA GLY A 212 7.39 -11.36 -10.64
C GLY A 212 7.78 -10.26 -9.67
N ARG A 213 7.69 -9.01 -10.11
CA ARG A 213 8.07 -7.90 -9.25
C ARG A 213 7.05 -7.64 -8.15
N ALA A 214 7.54 -7.11 -7.02
CA ALA A 214 6.72 -6.86 -5.84
C ALA A 214 5.42 -6.15 -6.18
N ALA A 215 4.30 -6.84 -5.93
CA ALA A 215 3.00 -6.41 -6.42
C ALA A 215 2.56 -5.11 -5.78
N GLY A 216 2.82 -4.96 -4.48
CA GLY A 216 2.24 -3.86 -3.74
C GLY A 216 3.03 -2.57 -3.91
N TYR A 217 4.10 -2.60 -4.71
CA TYR A 217 5.04 -1.48 -4.72
C TYR A 217 5.49 -1.07 -6.12
N ASN A 218 4.70 -1.47 -7.10
CA ASN A 218 5.04 -1.20 -8.49
C ASN A 218 3.81 -1.00 -9.33
N ILE A 219 3.95 -0.17 -10.34
CA ILE A 219 3.09 -0.24 -11.50
C ILE A 219 3.75 -1.24 -12.43
N ILE A 220 3.02 -2.26 -12.88
CA ILE A 220 3.64 -3.37 -13.60
C ILE A 220 2.94 -3.61 -14.93
N PRO A 221 3.60 -3.29 -16.04
CA PRO A 221 2.95 -3.60 -17.32
C PRO A 221 2.79 -5.12 -17.44
N SER A 222 1.64 -5.52 -17.97
CA SER A 222 1.30 -6.92 -18.06
C SER A 222 0.56 -7.15 -19.36
N SER A 223 0.61 -8.39 -19.86
CA SER A 223 -0.06 -8.72 -21.12
C SER A 223 -1.47 -9.22 -20.83
N THR A 224 -2.35 -9.01 -21.79
CA THR A 224 -3.73 -9.43 -21.65
C THR A 224 -4.25 -9.68 -23.06
N GLY A 225 -5.02 -10.74 -23.21
CA GLY A 225 -5.62 -11.00 -24.51
C GLY A 225 -7.05 -10.53 -24.50
N ALA A 226 -7.42 -9.78 -23.45
CA ALA A 226 -8.82 -9.36 -23.28
C ALA A 226 -9.39 -8.64 -24.49
N ALA A 227 -8.59 -7.76 -25.08
CA ALA A 227 -9.09 -6.94 -26.17
C ALA A 227 -9.21 -7.77 -27.45
N LYS A 228 -8.24 -8.64 -27.71
CA LYS A 228 -8.39 -9.58 -28.80
C LYS A 228 -9.58 -10.50 -28.55
N ALA A 229 -9.73 -10.95 -27.30
CA ALA A 229 -10.83 -11.84 -26.95
C ALA A 229 -12.21 -11.23 -27.27
N VAL A 230 -12.31 -9.89 -27.24
CA VAL A 230 -13.55 -9.22 -27.58
C VAL A 230 -13.95 -9.51 -29.01
N GLY A 231 -12.95 -9.74 -29.86
CA GLY A 231 -13.19 -10.11 -31.25
C GLY A 231 -13.62 -11.55 -31.41
N LEU A 232 -13.62 -12.31 -30.32
CA LEU A 232 -14.19 -13.66 -30.33
C LEU A 232 -15.64 -13.63 -29.86
N VAL A 233 -15.94 -12.79 -28.87
CA VAL A 233 -17.30 -12.71 -28.37
C VAL A 233 -18.16 -11.77 -29.23
N ILE A 234 -17.51 -10.83 -29.91
CA ILE A 234 -18.14 -10.00 -30.93
C ILE A 234 -17.36 -10.16 -32.22
N PRO A 235 -17.76 -11.12 -33.07
CA PRO A 235 -16.91 -11.58 -34.16
C PRO A 235 -16.59 -10.50 -35.19
N SER A 236 -17.47 -9.52 -35.38
CA SER A 236 -17.19 -8.47 -36.36
C SER A 236 -16.06 -7.57 -35.86
N LEU A 237 -15.61 -7.78 -34.63
CA LEU A 237 -14.53 -6.98 -34.12
C LEU A 237 -13.24 -7.76 -34.11
N ASN A 238 -13.24 -8.95 -34.69
CA ASN A 238 -12.03 -9.75 -34.73
C ASN A 238 -10.94 -8.95 -35.42
N GLY A 239 -9.79 -8.85 -34.77
CA GLY A 239 -8.65 -8.18 -35.35
C GLY A 239 -8.70 -6.67 -35.24
N LYS A 240 -9.76 -6.13 -34.65
CA LYS A 240 -9.91 -4.68 -34.56
C LYS A 240 -9.53 -4.09 -33.22
N LEU A 241 -9.20 -4.95 -32.26
CA LEU A 241 -8.86 -4.49 -30.92
C LEU A 241 -7.64 -5.19 -30.38
N THR A 242 -6.82 -4.46 -29.64
CA THR A 242 -5.82 -5.13 -28.85
C THR A 242 -5.51 -4.26 -27.63
N GLY A 243 -4.66 -4.75 -26.76
CA GLY A 243 -4.48 -4.02 -25.54
C GLY A 243 -3.38 -4.51 -24.63
N MET A 244 -3.32 -3.91 -23.46
CA MET A 244 -2.47 -4.42 -22.39
C MET A 244 -2.92 -3.93 -21.05
N ALA A 245 -2.13 -4.27 -20.03
CA ALA A 245 -2.54 -4.02 -18.66
C ALA A 245 -1.39 -3.40 -17.87
N PHE A 246 -1.75 -2.61 -16.88
CA PHE A 246 -0.84 -2.26 -15.79
C PHE A 246 -1.44 -2.83 -14.49
N ARG A 247 -0.73 -3.72 -13.82
CA ARG A 247 -1.11 -4.11 -12.46
C ARG A 247 -0.65 -3.02 -11.48
N VAL A 248 -1.57 -2.55 -10.64
CA VAL A 248 -1.26 -1.54 -9.66
C VAL A 248 -1.60 -2.02 -8.25
N PRO A 249 -1.07 -1.35 -7.21
CA PRO A 249 -1.34 -1.84 -5.84
C PRO A 249 -2.72 -1.50 -5.27
N THR A 250 -3.76 -2.19 -5.74
CA THR A 250 -5.05 -2.19 -5.08
C THR A 250 -5.43 -3.64 -4.91
N VAL A 251 -6.27 -3.90 -3.92
CA VAL A 251 -6.51 -5.27 -3.50
C VAL A 251 -7.60 -5.90 -4.36
N ASP A 252 -8.43 -5.06 -4.95
CA ASP A 252 -9.55 -5.50 -5.79
C ASP A 252 -10.06 -4.28 -6.52
N VAL A 253 -10.73 -4.53 -7.64
CA VAL A 253 -11.38 -3.56 -8.52
C VAL A 253 -10.41 -3.01 -9.50
N SER A 254 -10.84 -3.02 -10.75
CA SER A 254 -9.97 -2.67 -11.85
C SER A 254 -10.73 -1.75 -12.77
N VAL A 255 -10.04 -1.20 -13.76
CA VAL A 255 -10.69 -0.26 -14.65
C VAL A 255 -10.17 -0.41 -16.07
N VAL A 256 -11.10 -0.28 -17.01
CA VAL A 256 -10.79 -0.38 -18.42
C VAL A 256 -10.77 1.00 -19.01
N ASP A 257 -9.80 1.20 -19.89
CA ASP A 257 -9.56 2.45 -20.58
C ASP A 257 -9.51 2.07 -22.07
N LEU A 258 -10.61 2.24 -22.77
CA LEU A 258 -10.71 1.88 -24.19
C LEU A 258 -10.63 3.10 -25.08
N THR A 259 -9.60 3.17 -25.90
CA THR A 259 -9.42 4.22 -26.89
C THR A 259 -9.80 3.69 -28.24
N CYS A 260 -10.82 4.26 -28.85
N CYS A 260 -10.87 4.20 -28.84
CA CYS A 260 -11.26 3.75 -30.13
CA CYS A 260 -11.19 3.71 -30.18
C CYS A 260 -11.65 4.82 -31.14
C CYS A 260 -11.77 4.73 -31.12
N ARG A 261 -11.52 4.45 -32.40
CA ARG A 261 -12.01 5.23 -33.52
C ARG A 261 -13.39 4.71 -33.91
N LEU A 262 -14.37 5.60 -34.01
CA LEU A 262 -15.76 5.22 -34.34
C LEU A 262 -16.06 5.48 -35.82
N GLU A 263 -16.91 4.66 -36.42
CA GLU A 263 -17.24 4.87 -37.83
C GLU A 263 -18.23 6.02 -37.98
N LYS A 264 -19.38 5.91 -37.32
CA LYS A 264 -20.35 6.99 -37.28
C LYS A 264 -19.95 7.98 -36.19
N PRO A 265 -20.29 9.26 -36.36
CA PRO A 265 -19.95 10.21 -35.30
C PRO A 265 -20.77 9.97 -34.02
N ALA A 266 -20.16 10.23 -32.88
CA ALA A 266 -20.84 10.12 -31.60
C ALA A 266 -20.47 11.31 -30.75
N THR A 267 -21.45 12.12 -30.39
CA THR A 267 -21.19 13.16 -29.43
C THR A 267 -21.09 12.50 -28.07
N LYS A 268 -20.52 13.20 -27.11
CA LYS A 268 -20.42 12.73 -25.73
C LYS A 268 -21.82 12.36 -25.21
N LYS A 269 -22.77 13.25 -25.43
CA LYS A 269 -24.17 13.03 -25.10
C LYS A 269 -24.71 11.71 -25.69
N GLN A 270 -24.51 11.51 -27.00
CA GLN A 270 -24.89 10.25 -27.63
C GLN A 270 -24.28 9.02 -26.97
N ILE A 271 -22.98 9.11 -26.68
CA ILE A 271 -22.31 8.00 -26.05
C ILE A 271 -22.90 7.80 -24.65
N ASP A 272 -23.06 8.89 -23.90
CA ASP A 272 -23.72 8.85 -22.60
C ASP A 272 -25.11 8.20 -22.67
N GLU A 273 -25.91 8.62 -23.66
CA GLU A 273 -27.26 8.09 -23.80
C GLU A 273 -27.28 6.61 -24.18
N ALA A 274 -26.37 6.24 -25.08
CA ALA A 274 -26.25 4.84 -25.50
C ALA A 274 -25.91 3.94 -24.31
N MET A 275 -24.96 4.37 -23.49
CA MET A 275 -24.57 3.55 -22.34
C MET A 275 -25.73 3.43 -21.35
N LYS A 276 -26.41 4.54 -21.13
CA LYS A 276 -27.49 4.60 -20.16
C LYS A 276 -28.62 3.69 -20.62
N ALA A 277 -28.98 3.81 -21.88
CA ALA A 277 -30.05 3.00 -22.43
C ALA A 277 -29.68 1.52 -22.33
N ALA A 278 -28.41 1.20 -22.58
CA ALA A 278 -27.97 -0.18 -22.51
C ALA A 278 -28.09 -0.71 -21.08
N SER A 279 -27.70 0.13 -20.12
CA SER A 279 -27.74 -0.27 -18.70
C SER A 279 -29.16 -0.53 -18.22
N GLU A 280 -30.15 0.03 -18.92
CA GLU A 280 -31.54 -0.15 -18.55
C GLU A 280 -32.17 -1.30 -19.31
N SER A 281 -31.49 -1.79 -20.34
CA SER A 281 -32.06 -2.81 -21.21
C SER A 281 -32.09 -4.14 -20.51
N GLU A 282 -33.02 -5.01 -20.88
CA GLU A 282 -33.12 -6.34 -20.30
C GLU A 282 -31.79 -7.07 -20.52
N ARG A 283 -31.22 -6.85 -21.70
CA ARG A 283 -29.99 -7.48 -22.10
C ARG A 283 -28.79 -7.22 -21.19
N PHE A 284 -28.64 -5.98 -20.75
CA PHE A 284 -27.46 -5.61 -19.96
C PHE A 284 -27.74 -5.27 -18.51
N LYS A 285 -29.01 -5.32 -18.09
CA LYS A 285 -29.37 -4.92 -16.73
C LYS A 285 -28.58 -5.70 -15.70
N GLY A 286 -27.87 -4.98 -14.83
CA GLY A 286 -27.06 -5.60 -13.79
C GLY A 286 -25.69 -6.02 -14.26
N ILE A 287 -25.49 -6.01 -15.57
CA ILE A 287 -24.25 -6.45 -16.19
C ILE A 287 -23.43 -5.22 -16.58
N LEU A 288 -24.04 -4.36 -17.38
CA LEU A 288 -23.44 -3.07 -17.69
C LEU A 288 -24.19 -1.99 -16.91
N LYS A 289 -23.48 -1.27 -16.06
CA LYS A 289 -24.11 -0.19 -15.31
C LYS A 289 -23.57 1.15 -15.79
N PHE A 290 -24.22 2.21 -15.34
CA PHE A 290 -23.90 3.56 -15.76
C PHE A 290 -23.67 4.43 -14.53
N THR A 291 -22.61 5.23 -14.51
CA THR A 291 -22.56 6.28 -13.50
C THR A 291 -22.17 7.62 -14.10
N ASP A 292 -22.64 8.71 -13.50
CA ASP A 292 -22.09 10.01 -13.84
C ASP A 292 -21.58 10.67 -12.58
N GLU A 293 -21.24 9.83 -11.61
CA GLU A 293 -20.74 10.34 -10.34
C GLU A 293 -19.22 10.23 -10.23
N GLU A 294 -18.65 10.92 -9.24
CA GLU A 294 -17.20 11.06 -9.16
C GLU A 294 -16.58 9.86 -8.45
N VAL A 295 -16.72 8.71 -9.07
CA VAL A 295 -16.34 7.44 -8.43
C VAL A 295 -14.84 7.15 -8.49
N VAL A 296 -14.38 6.37 -7.51
CA VAL A 296 -13.04 5.79 -7.57
C VAL A 296 -13.17 4.30 -7.32
N SER A 297 -12.09 3.55 -7.45
CA SER A 297 -12.19 2.10 -7.54
C SER A 297 -12.86 1.46 -6.32
N SER A 298 -12.61 1.97 -5.11
CA SER A 298 -13.16 1.24 -3.96
C SER A 298 -14.68 1.37 -3.95
N ASP A 299 -15.21 2.29 -4.74
CA ASP A 299 -16.66 2.44 -4.83
C ASP A 299 -17.30 1.25 -5.54
N PHE A 300 -16.49 0.43 -6.19
CA PHE A 300 -17.02 -0.74 -6.86
C PHE A 300 -16.73 -2.06 -6.15
N VAL A 301 -16.18 -1.99 -4.94
CA VAL A 301 -16.00 -3.22 -4.16
C VAL A 301 -17.34 -3.86 -3.85
N HIS A 302 -17.48 -5.13 -4.21
CA HIS A 302 -18.75 -5.84 -4.05
C HIS A 302 -19.91 -5.27 -4.89
N ASP A 303 -19.55 -4.61 -6.00
CA ASP A 303 -20.51 -4.26 -7.05
C ASP A 303 -20.48 -5.39 -8.06
N SER A 304 -21.61 -6.05 -8.24
CA SER A 304 -21.63 -7.25 -9.07
C SER A 304 -21.69 -6.96 -10.59
N ALA A 305 -21.58 -5.70 -11.00
CA ALA A 305 -21.58 -5.38 -12.44
C ALA A 305 -20.40 -6.02 -13.14
N SER A 306 -20.52 -6.33 -14.44
CA SER A 306 -19.32 -6.69 -15.20
C SER A 306 -18.55 -5.44 -15.58
N SER A 307 -19.28 -4.33 -15.66
CA SER A 307 -18.77 -3.12 -16.28
C SER A 307 -19.63 -1.94 -15.84
N THR A 308 -19.00 -0.91 -15.29
CA THR A 308 -19.73 0.34 -15.04
C THR A 308 -19.09 1.45 -15.83
N TYR A 309 -19.85 1.99 -16.77
CA TYR A 309 -19.38 3.09 -17.60
C TYR A 309 -19.33 4.38 -16.81
N ASP A 310 -18.18 5.02 -16.85
CA ASP A 310 -17.90 6.24 -16.10
C ASP A 310 -18.01 7.42 -17.07
N SER A 311 -19.13 8.12 -17.08
CA SER A 311 -19.31 9.15 -18.10
C SER A 311 -18.41 10.33 -17.81
N LYS A 312 -18.20 10.68 -16.55
CA LYS A 312 -17.36 11.85 -16.26
C LYS A 312 -15.89 11.61 -16.56
N ALA A 313 -15.44 10.38 -16.39
CA ALA A 313 -14.04 10.07 -16.64
C ALA A 313 -13.78 9.82 -18.12
N SER A 314 -14.80 9.37 -18.83
CA SER A 314 -14.67 9.13 -20.26
C SER A 314 -14.51 10.46 -20.96
N ILE A 315 -13.66 10.47 -21.99
CA ILE A 315 -13.33 11.70 -22.69
C ILE A 315 -13.30 11.44 -24.18
N CSD A 316 -13.19 12.50 -24.94
CA CSD A 316 -12.98 12.34 -26.37
CB CSD A 316 -14.34 12.10 -27.06
SG CSD A 316 -15.55 13.41 -26.70
C CSD A 316 -12.42 13.53 -26.95
O CSD A 316 -12.36 14.61 -26.42
OD1 CSD A 316 -15.76 13.29 -25.25
OD2 CSD A 316 -16.93 12.63 -27.14
N LEU A 317 -11.80 13.28 -28.08
CA LEU A 317 -11.06 14.31 -28.79
C LEU A 317 -12.00 14.89 -29.79
N ASN A 318 -12.76 14.02 -30.43
CA ASN A 318 -13.75 14.44 -31.40
C ASN A 318 -14.80 13.34 -31.51
N GLU A 319 -15.70 13.49 -32.47
CA GLU A 319 -16.86 12.61 -32.58
C GLU A 319 -16.50 11.22 -33.13
N HIS A 320 -15.27 11.04 -33.58
CA HIS A 320 -14.84 9.72 -34.03
C HIS A 320 -13.67 9.13 -33.24
N PHE A 321 -13.23 9.81 -32.19
CA PHE A 321 -12.05 9.33 -31.47
C PHE A 321 -12.27 9.54 -29.98
N VAL A 322 -12.49 8.45 -29.26
CA VAL A 322 -12.95 8.54 -27.88
C VAL A 322 -12.18 7.62 -26.94
N LYS A 323 -12.17 7.98 -25.67
CA LYS A 323 -11.61 7.14 -24.64
C LYS A 323 -12.69 6.85 -23.62
N VAL A 324 -13.14 5.60 -23.56
CA VAL A 324 -14.20 5.25 -22.64
C VAL A 324 -13.63 4.55 -21.43
N VAL A 325 -14.11 4.95 -20.26
CA VAL A 325 -13.63 4.43 -19.00
C VAL A 325 -14.70 3.56 -18.35
N ALA A 326 -14.35 2.35 -17.93
CA ALA A 326 -15.34 1.44 -17.33
C ALA A 326 -14.72 0.62 -16.20
N TRP A 327 -15.45 0.55 -15.10
CA TRP A 327 -14.95 -0.08 -13.87
C TRP A 327 -15.44 -1.49 -13.72
N TYR A 328 -14.65 -2.32 -13.05
CA TYR A 328 -15.13 -3.64 -12.71
C TYR A 328 -14.52 -4.17 -11.43
N ASP A 329 -15.38 -4.69 -10.57
CA ASP A 329 -14.90 -5.49 -9.47
C ASP A 329 -14.46 -6.85 -10.06
N ASN A 330 -13.15 -7.03 -10.26
CA ASN A 330 -12.65 -8.19 -10.97
C ASN A 330 -12.97 -9.50 -10.26
N GLU A 331 -13.05 -9.43 -8.92
CA GLU A 331 -13.49 -10.59 -8.15
C GLU A 331 -15.01 -10.82 -8.21
N TRP A 332 -15.79 -9.84 -7.76
CA TRP A 332 -17.23 -10.06 -7.53
C TRP A 332 -18.11 -10.05 -8.78
N GLY A 333 -17.82 -9.16 -9.72
CA GLY A 333 -18.59 -9.13 -10.97
C GLY A 333 -18.42 -10.42 -11.72
N TYR A 334 -17.16 -10.81 -11.90
CA TYR A 334 -16.86 -12.06 -12.58
C TYR A 334 -17.54 -13.26 -11.93
N SER A 335 -17.41 -13.36 -10.60
CA SER A 335 -17.97 -14.49 -9.89
C SER A 335 -19.48 -14.58 -10.09
N ASN A 336 -20.16 -13.45 -10.06
CA ASN A 336 -21.57 -13.43 -10.37
C ASN A 336 -21.87 -13.81 -11.83
N ARG A 337 -21.00 -13.41 -12.76
CA ARG A 337 -21.23 -13.79 -14.16
C ARG A 337 -21.03 -15.28 -14.41
N VAL A 338 -20.14 -15.91 -13.66
CA VAL A 338 -19.98 -17.37 -13.76
C VAL A 338 -21.30 -18.08 -13.46
N LEU A 339 -21.97 -17.65 -12.40
CA LEU A 339 -23.27 -18.18 -12.04
C LEU A 339 -24.33 -17.81 -13.07
N ASP A 340 -24.33 -16.57 -13.53
CA ASP A 340 -25.21 -16.20 -14.63
C ASP A 340 -24.99 -17.06 -15.87
N LEU A 341 -23.74 -17.31 -16.23
CA LEU A 341 -23.45 -18.15 -17.40
C LEU A 341 -23.96 -19.57 -17.23
N ILE A 342 -23.77 -20.11 -16.03
CA ILE A 342 -24.27 -21.45 -15.71
C ILE A 342 -25.78 -21.52 -15.86
N LYS A 343 -26.48 -20.58 -15.22
CA LYS A 343 -27.93 -20.50 -15.30
C LYS A 343 -28.39 -20.37 -16.75
N SER A 344 -27.77 -19.45 -17.48
CA SER A 344 -28.15 -19.21 -18.86
C SER A 344 -27.98 -20.46 -19.74
N THR A 345 -26.80 -21.06 -19.68
CA THR A 345 -26.48 -22.18 -20.54
C THR A 345 -27.22 -23.45 -20.09
N ALA A 346 -27.51 -23.55 -18.80
CA ALA A 346 -28.18 -24.74 -18.30
C ALA A 346 -29.54 -24.89 -18.95
N LYS A 347 -30.18 -23.76 -19.31
CA LYS A 347 -31.47 -23.77 -20.01
C LYS A 347 -31.42 -24.28 -21.45
N ILE A 348 -30.21 -24.44 -21.97
CA ILE A 348 -29.98 -24.86 -23.35
C ILE A 348 -29.46 -26.30 -23.40
N GLN A 349 -30.32 -27.25 -23.80
CA GLN A 349 -29.96 -28.67 -23.79
C GLN A 349 -30.15 -29.32 -25.15
N HIS B 16 29.65 33.53 -11.46
CA HIS B 16 29.96 32.25 -12.10
C HIS B 16 28.78 31.30 -11.99
N MET B 17 28.41 30.91 -10.78
CA MET B 17 27.27 30.01 -10.60
C MET B 17 25.95 30.77 -10.66
N VAL B 18 24.90 30.10 -11.15
CA VAL B 18 23.57 30.67 -11.09
C VAL B 18 23.01 30.50 -9.68
N LYS B 19 22.69 31.61 -9.03
CA LYS B 19 22.22 31.54 -7.65
C LYS B 19 20.71 31.52 -7.58
N ILE B 20 20.21 30.52 -6.86
CA ILE B 20 18.81 30.13 -6.85
C ILE B 20 18.20 30.24 -5.48
N GLY B 21 16.94 30.68 -5.41
CA GLY B 21 16.20 30.58 -4.17
C GLY B 21 15.05 29.60 -4.38
N ILE B 22 14.70 28.84 -3.34
CA ILE B 22 13.56 27.92 -3.44
C ILE B 22 12.44 28.39 -2.54
N ASN B 23 11.25 28.55 -3.14
CA ASN B 23 10.05 28.85 -2.37
C ASN B 23 9.16 27.62 -2.34
N GLY B 24 9.07 26.99 -1.17
CA GLY B 24 8.32 25.77 -1.06
C GLY B 24 9.30 24.62 -1.11
N PHE B 25 9.76 24.24 0.08
CA PHE B 25 10.82 23.27 0.19
C PHE B 25 10.21 21.87 0.32
N GLY B 26 9.33 21.54 -0.64
CA GLY B 26 8.57 20.31 -0.59
C GLY B 26 9.25 19.20 -1.39
N ARG B 27 8.47 18.27 -1.92
CA ARG B 27 9.03 17.16 -2.69
C ARG B 27 9.91 17.72 -3.81
N ILE B 28 9.34 18.62 -4.61
CA ILE B 28 10.11 19.21 -5.70
C ILE B 28 11.21 20.16 -5.17
N GLY B 29 10.85 21.07 -4.27
CA GLY B 29 11.81 21.98 -3.69
C GLY B 29 13.06 21.30 -3.13
N ARG B 30 12.87 20.27 -2.30
CA ARG B 30 13.99 19.55 -1.67
C ARG B 30 14.78 18.70 -2.63
N LEU B 31 14.15 18.20 -3.68
CA LEU B 31 14.86 17.39 -4.64
C LEU B 31 15.53 18.27 -5.69
N VAL B 32 14.95 19.42 -5.99
CA VAL B 32 15.68 20.45 -6.74
C VAL B 32 16.92 20.84 -5.93
N PHE B 33 16.74 20.98 -4.62
CA PHE B 33 17.91 21.25 -3.79
C PHE B 33 18.98 20.15 -3.89
N ARG B 34 18.58 18.90 -3.70
CA ARG B 34 19.55 17.80 -3.76
C ARG B 34 20.26 17.76 -5.09
N ALA B 35 19.50 17.89 -6.17
CA ALA B 35 20.09 17.89 -7.49
C ALA B 35 21.05 19.06 -7.64
N SER B 36 20.74 20.20 -7.02
CA SER B 36 21.62 21.36 -7.18
C SER B 36 23.00 21.07 -6.57
N LEU B 37 23.05 20.15 -5.61
CA LEU B 37 24.33 19.82 -4.95
C LEU B 37 25.23 18.97 -5.84
N GLU B 38 24.65 18.36 -6.86
CA GLU B 38 25.38 17.44 -7.72
C GLU B 38 25.86 18.08 -9.00
N ARG B 39 25.73 19.40 -9.10
CA ARG B 39 26.22 20.09 -10.29
C ARG B 39 26.79 21.44 -9.91
N THR B 40 27.86 21.83 -10.58
CA THR B 40 28.66 22.95 -10.11
C THR B 40 28.30 24.28 -10.77
N ASP B 41 27.28 24.29 -11.62
CA ASP B 41 26.96 25.49 -12.39
C ASP B 41 25.84 26.30 -11.74
N VAL B 42 25.19 25.68 -10.77
CA VAL B 42 23.97 26.18 -10.20
C VAL B 42 24.04 25.94 -8.70
N GLU B 43 23.58 26.88 -7.88
CA GLU B 43 23.56 26.64 -6.44
C GLU B 43 22.37 27.32 -5.76
N VAL B 44 21.86 26.67 -4.72
CA VAL B 44 20.77 27.24 -3.97
C VAL B 44 21.35 28.02 -2.82
N VAL B 45 20.99 29.29 -2.71
CA VAL B 45 21.56 30.16 -1.70
C VAL B 45 20.54 30.60 -0.67
N ALA B 46 19.25 30.37 -0.93
CA ALA B 46 18.22 30.72 0.03
C ALA B 46 16.99 29.87 -0.14
N ILE B 47 16.37 29.53 0.99
CA ILE B 47 15.17 28.71 0.99
C ILE B 47 14.08 29.36 1.85
N ASN B 48 12.86 29.40 1.32
CA ASN B 48 11.72 29.80 2.14
C ASN B 48 10.66 28.69 2.23
N ASP B 49 10.29 28.34 3.45
CA ASP B 49 9.15 27.44 3.67
C ASP B 49 8.55 27.75 5.02
N ILE B 50 7.32 28.29 5.03
CA ILE B 50 6.74 28.75 6.28
C ILE B 50 6.39 27.63 7.24
N MET B 51 6.63 26.38 6.86
CA MET B 51 6.33 25.28 7.76
C MET B 51 7.59 24.71 8.39
N MET B 52 8.73 25.33 8.11
CA MET B 52 9.98 24.74 8.51
C MET B 52 10.92 25.74 9.15
N THR B 53 11.54 25.31 10.24
CA THR B 53 12.70 25.98 10.81
C THR B 53 13.95 25.45 10.12
N PRO B 54 15.10 26.12 10.32
CA PRO B 54 16.32 25.50 9.82
C PRO B 54 16.56 24.08 10.37
N GLU B 55 16.36 23.82 11.67
CA GLU B 55 16.64 22.48 12.13
C GLU B 55 15.67 21.47 11.45
N TYR B 56 14.42 21.87 11.27
CA TYR B 56 13.48 21.00 10.56
C TYR B 56 13.86 20.78 9.10
N MET B 57 14.31 21.83 8.42
CA MET B 57 14.77 21.68 7.04
C MET B 57 15.87 20.64 6.92
N ILE B 58 16.78 20.65 7.88
CA ILE B 58 17.90 19.72 7.93
C ILE B 58 17.38 18.30 8.03
N TYR B 59 16.34 18.12 8.84
CA TYR B 59 15.71 16.81 8.97
C TYR B 59 15.08 16.39 7.62
N MET B 60 14.37 17.32 6.99
CA MET B 60 13.73 17.07 5.70
C MET B 60 14.71 16.67 4.60
N ILE B 61 15.88 17.29 4.62
CA ILE B 61 16.93 16.99 3.64
C ILE B 61 17.58 15.66 3.92
N LYS B 62 17.79 15.40 5.20
CA LYS B 62 18.57 14.25 5.59
C LYS B 62 17.88 12.96 5.20
N TYR B 63 16.58 12.89 5.44
CA TYR B 63 15.86 11.64 5.23
C TYR B 63 14.81 11.76 4.15
N ASP B 64 14.70 10.73 3.33
CA ASP B 64 13.74 10.78 2.24
C ASP B 64 13.23 9.39 1.99
N THR B 65 11.92 9.25 2.15
CA THR B 65 11.28 7.95 2.01
C THR B 65 11.61 7.32 0.66
N VAL B 66 11.69 8.16 -0.36
CA VAL B 66 11.81 7.68 -1.73
C VAL B 66 13.27 7.67 -2.19
N HIS B 67 13.97 8.77 -1.94
CA HIS B 67 15.28 8.97 -2.52
C HIS B 67 16.45 8.73 -1.56
N GLY B 68 16.14 8.16 -0.39
CA GLY B 68 17.17 7.66 0.50
C GLY B 68 17.81 8.79 1.28
N LYS B 69 18.72 8.41 2.15
CA LYS B 69 19.37 9.37 3.03
C LYS B 69 20.35 10.27 2.31
N PHE B 70 20.38 11.52 2.73
CA PHE B 70 21.41 12.45 2.32
C PHE B 70 22.74 12.00 2.86
N HIS B 71 23.75 12.07 2.01
CA HIS B 71 25.10 11.82 2.46
C HIS B 71 25.87 13.10 2.27
N GLY B 72 26.24 13.67 3.40
CA GLY B 72 26.88 14.96 3.40
C GLY B 72 26.67 15.56 4.76
N LYS B 73 27.34 16.68 5.02
CA LYS B 73 27.33 17.32 6.31
C LYS B 73 26.12 18.25 6.35
N LEU B 74 25.35 18.16 7.44
CA LEU B 74 24.21 19.03 7.64
C LEU B 74 24.31 19.64 9.03
N GLU B 75 24.27 20.97 9.06
CA GLU B 75 24.23 21.75 10.29
C GLU B 75 23.25 22.90 10.05
N HIS B 76 22.84 23.56 11.13
CA HIS B 76 22.01 24.76 10.96
C HIS B 76 22.43 25.81 11.97
N THR B 77 22.03 27.06 11.69
CA THR B 77 22.13 28.14 12.66
C THR B 77 20.73 28.63 12.93
N GLU B 78 20.59 29.80 13.52
CA GLU B 78 19.27 30.33 13.84
C GLU B 78 18.51 30.68 12.55
N LYS B 79 19.25 31.09 11.52
CA LYS B 79 18.63 31.62 10.30
C LYS B 79 19.19 31.03 9.01
N SER B 80 19.88 29.90 9.11
CA SER B 80 20.57 29.29 7.98
C SER B 80 20.67 27.79 8.14
N ILE B 81 20.81 27.10 7.02
CA ILE B 81 21.31 25.74 7.10
C ILE B 81 22.73 25.72 6.54
N ILE B 82 23.50 24.71 6.91
CA ILE B 82 24.87 24.60 6.44
C ILE B 82 25.03 23.21 5.84
N VAL B 83 25.22 23.18 4.53
CA VAL B 83 25.23 21.94 3.78
C VAL B 83 26.59 21.76 3.14
N ASN B 84 27.28 20.71 3.54
CA ASN B 84 28.65 20.49 3.09
C ASN B 84 29.50 21.72 3.35
N GLY B 85 29.27 22.33 4.50
CA GLY B 85 30.00 23.52 4.90
C GLY B 85 29.56 24.83 4.25
N ARG B 86 28.54 24.80 3.40
CA ARG B 86 28.11 26.03 2.74
C ARG B 86 26.81 26.55 3.33
N GLU B 87 26.80 27.83 3.69
CA GLU B 87 25.64 28.45 4.31
C GLU B 87 24.56 28.74 3.28
N ILE B 88 23.33 28.38 3.62
CA ILE B 88 22.18 28.67 2.78
C ILE B 88 21.18 29.42 3.66
N HIS B 89 20.72 30.56 3.20
CA HIS B 89 19.90 31.39 4.07
C HIS B 89 18.48 30.86 4.10
N VAL B 90 17.90 30.81 5.29
CA VAL B 90 16.55 30.31 5.48
C VAL B 90 15.67 31.50 5.73
N LEU B 91 14.75 31.77 4.80
CA LEU B 91 13.88 32.94 4.90
C LEU B 91 12.63 32.55 5.64
N CME B 92 11.74 33.50 5.85
CA CME B 92 10.55 33.16 6.64
CB CME B 92 10.88 33.17 8.13
SG CME B 92 9.55 32.40 9.08
SD CME B 92 9.61 30.45 8.53
CE CME B 92 10.33 29.62 9.99
CZ CME B 92 11.74 30.09 10.21
OH CME B 92 12.29 29.56 11.40
C CME B 92 9.48 34.19 6.37
O CME B 92 9.30 35.13 7.09
N GLU B 93 8.75 33.97 5.27
CA GLU B 93 7.63 34.83 4.91
C GLU B 93 6.58 34.00 4.19
N ARG B 94 5.33 34.12 4.64
CA ARG B 94 4.22 33.48 3.95
C ARG B 94 3.95 34.14 2.59
N ASP B 95 4.10 35.45 2.57
CA ASP B 95 3.77 36.29 1.43
C ASP B 95 5.01 36.46 0.57
N PRO B 96 4.99 35.97 -0.66
CA PRO B 96 6.17 36.06 -1.53
C PRO B 96 6.60 37.51 -1.80
N GLU B 97 5.66 38.45 -1.69
CA GLU B 97 5.95 39.87 -1.85
C GLU B 97 6.92 40.37 -0.79
N GLN B 98 7.04 39.63 0.31
CA GLN B 98 7.88 40.05 1.42
C GLN B 98 9.25 39.37 1.46
N LEU B 99 9.50 38.47 0.53
CA LEU B 99 10.77 37.75 0.52
C LEU B 99 11.93 38.60 -0.01
N PRO B 100 12.98 38.76 0.82
CA PRO B 100 14.12 39.60 0.40
C PRO B 100 15.11 38.80 -0.46
N TRP B 101 14.65 38.26 -1.57
CA TRP B 101 15.51 37.49 -2.45
C TRP B 101 16.75 38.29 -2.89
N GLY B 102 16.55 39.58 -3.17
CA GLY B 102 17.62 40.45 -3.64
C GLY B 102 18.77 40.57 -2.65
N GLN B 103 18.44 40.63 -1.35
CA GLN B 103 19.46 40.65 -0.31
C GLN B 103 20.47 39.53 -0.49
N HIS B 104 20.02 38.38 -1.01
CA HIS B 104 20.91 37.25 -1.12
C HIS B 104 21.36 36.96 -2.55
N ASN B 105 21.23 37.96 -3.42
CA ASN B 105 21.66 37.83 -4.80
C ASN B 105 21.01 36.62 -5.48
N VAL B 106 19.74 36.35 -5.12
CA VAL B 106 19.02 35.31 -5.82
C VAL B 106 18.62 35.77 -7.22
N GLU B 107 19.09 35.06 -8.22
CA GLU B 107 18.75 35.39 -9.59
C GLU B 107 17.42 34.72 -10.00
N TYR B 108 17.33 33.41 -9.73
CA TYR B 108 16.14 32.61 -10.03
C TYR B 108 15.45 32.12 -8.77
N VAL B 109 14.14 32.34 -8.68
CA VAL B 109 13.35 31.68 -7.66
C VAL B 109 12.63 30.50 -8.25
N VAL B 110 12.78 29.34 -7.61
CA VAL B 110 11.98 28.17 -7.98
C VAL B 110 10.68 28.27 -7.17
N GLU B 111 9.56 28.50 -7.84
CA GLU B 111 8.31 28.64 -7.14
C GLU B 111 7.64 27.27 -7.08
N SER B 112 7.78 26.63 -5.93
CA SER B 112 7.36 25.24 -5.75
C SER B 112 6.54 25.01 -4.48
N THR B 113 5.77 26.01 -4.06
CA THR B 113 4.83 25.85 -2.97
C THR B 113 3.60 25.09 -3.40
N GLY B 114 3.29 25.18 -4.68
CA GLY B 114 2.05 24.59 -5.17
C GLY B 114 0.87 25.53 -5.00
N ILE B 115 1.06 26.68 -4.37
CA ILE B 115 -0.08 27.59 -4.17
C ILE B 115 0.08 28.94 -4.90
N PHE B 116 1.21 29.14 -5.55
CA PHE B 116 1.43 30.40 -6.28
C PHE B 116 1.70 30.14 -7.76
N THR B 117 0.84 29.34 -8.38
CA THR B 117 1.05 28.94 -9.78
C THR B 117 0.32 29.87 -10.73
N LYS B 118 0.00 31.06 -10.29
CA LYS B 118 -0.56 32.04 -11.20
C LYS B 118 0.45 33.15 -11.30
N LEU B 119 0.55 33.75 -12.48
CA LEU B 119 1.46 34.85 -12.72
C LEU B 119 1.27 35.97 -11.69
N ASP B 120 0.01 36.28 -11.41
CA ASP B 120 -0.38 37.27 -10.41
C ASP B 120 0.31 37.02 -9.06
N SER B 121 0.58 35.76 -8.76
CA SER B 121 1.19 35.38 -7.49
C SER B 121 2.70 35.27 -7.64
N ALA B 122 3.13 34.52 -8.65
CA ALA B 122 4.55 34.19 -8.80
C ALA B 122 5.41 35.42 -9.06
N ALA B 123 4.83 36.42 -9.71
CA ALA B 123 5.55 37.65 -10.02
C ALA B 123 5.91 38.43 -8.75
N LYS B 124 5.29 38.06 -7.63
CA LYS B 124 5.53 38.81 -6.40
C LYS B 124 6.97 38.64 -5.92
N HIS B 125 7.59 37.54 -6.31
CA HIS B 125 9.00 37.28 -6.00
C HIS B 125 9.93 38.37 -6.55
N LEU B 126 9.51 38.98 -7.65
CA LEU B 126 10.28 40.04 -8.26
C LEU B 126 10.35 41.26 -7.37
N LYS B 127 9.33 41.48 -6.55
CA LYS B 127 9.26 42.69 -5.72
C LYS B 127 10.46 42.74 -4.78
N GLY B 128 10.81 41.57 -4.23
CA GLY B 128 11.95 41.45 -3.34
C GLY B 128 13.29 41.31 -4.07
N GLY B 129 13.28 41.42 -5.39
CA GLY B 129 14.54 41.53 -6.12
C GLY B 129 15.07 40.28 -6.79
N ALA B 130 14.30 39.19 -6.73
CA ALA B 130 14.61 38.06 -7.60
C ALA B 130 14.58 38.58 -9.03
N LYS B 131 15.38 38.00 -9.91
CA LYS B 131 15.40 38.47 -11.30
C LYS B 131 14.37 37.68 -12.13
N ARG B 132 14.29 36.38 -11.86
CA ARG B 132 13.41 35.52 -12.65
C ARG B 132 12.80 34.46 -11.76
N VAL B 133 11.64 33.97 -12.20
CA VAL B 133 10.92 32.98 -11.47
C VAL B 133 10.61 31.81 -12.39
N VAL B 134 10.90 30.61 -11.90
CA VAL B 134 10.40 29.40 -12.55
C VAL B 134 9.38 28.72 -11.67
N ILE B 135 8.15 28.67 -12.17
CA ILE B 135 7.07 27.99 -11.50
C ILE B 135 7.19 26.51 -11.83
N SER B 136 7.17 25.68 -10.78
CA SER B 136 7.32 24.24 -10.95
C SER B 136 5.98 23.59 -11.27
N ALA B 137 5.18 24.20 -12.14
CA ALA B 137 3.86 23.67 -12.48
C ALA B 137 3.31 24.41 -13.69
N PRO B 138 2.28 23.85 -14.35
CA PRO B 138 1.58 24.60 -15.37
C PRO B 138 1.11 25.94 -14.80
N ALA B 139 1.11 26.99 -15.62
CA ALA B 139 0.75 28.31 -15.15
C ALA B 139 0.40 29.15 -16.36
N ASP B 140 -0.29 30.27 -16.13
CA ASP B 140 -0.64 31.20 -17.19
C ASP B 140 0.56 32.07 -17.54
N THR B 141 1.66 31.42 -17.92
CA THR B 141 2.93 32.06 -18.20
C THR B 141 3.56 31.30 -19.34
N PRO B 142 4.60 31.86 -19.97
CA PRO B 142 5.36 31.01 -20.91
C PRO B 142 5.73 29.64 -20.32
N THR B 143 5.50 28.59 -21.11
CA THR B 143 5.65 27.22 -20.66
C THR B 143 6.76 26.54 -21.45
N PHE B 144 7.63 25.85 -20.73
CA PHE B 144 8.80 25.20 -21.34
C PHE B 144 9.02 23.76 -20.95
N VAL B 145 9.49 23.00 -21.92
CA VAL B 145 9.88 21.62 -21.69
C VAL B 145 11.28 21.44 -22.29
N MET B 146 12.26 21.14 -21.44
CA MET B 146 13.62 20.93 -21.90
C MET B 146 13.61 19.89 -23.01
N GLY B 147 14.36 20.18 -24.07
CA GLY B 147 14.51 19.27 -25.20
C GLY B 147 13.41 19.52 -26.23
N VAL B 148 12.39 20.27 -25.82
CA VAL B 148 11.25 20.45 -26.70
C VAL B 148 11.11 21.92 -27.17
N ASN B 149 11.01 22.87 -26.26
CA ASN B 149 10.89 24.25 -26.69
C ASN B 149 11.67 25.26 -25.82
N ASN B 150 12.65 24.79 -25.06
CA ASN B 150 13.35 25.71 -24.16
C ASN B 150 14.11 26.77 -24.94
N HIS B 151 14.41 26.52 -26.20
CA HIS B 151 15.10 27.53 -27.01
C HIS B 151 14.19 28.67 -27.45
N GLU B 152 12.90 28.52 -27.23
CA GLU B 152 11.94 29.59 -27.52
C GLU B 152 11.89 30.62 -26.39
N TYR B 153 12.63 30.39 -25.29
CA TYR B 153 12.68 31.36 -24.18
C TYR B 153 13.22 32.70 -24.66
N LYS B 154 12.61 33.78 -24.19
CA LYS B 154 13.05 35.13 -24.51
C LYS B 154 13.43 35.90 -23.25
N PRO B 155 14.50 36.71 -23.33
CA PRO B 155 15.03 37.27 -22.08
C PRO B 155 14.06 38.23 -21.38
N GLU B 156 13.05 38.71 -22.09
CA GLU B 156 12.05 39.61 -21.48
C GLU B 156 11.13 38.81 -20.57
N MET B 157 11.16 37.49 -20.68
CA MET B 157 10.29 36.65 -19.85
C MET B 157 10.88 36.45 -18.47
N THR B 158 10.31 37.12 -17.48
CA THR B 158 10.86 37.04 -16.13
C THR B 158 10.17 35.97 -15.29
N VAL B 159 8.97 35.57 -15.71
CA VAL B 159 8.22 34.53 -15.02
C VAL B 159 7.82 33.45 -16.02
N ILE B 160 8.31 32.24 -15.80
CA ILE B 160 8.05 31.14 -16.73
C ILE B 160 7.67 29.90 -15.93
N ASN B 161 7.26 28.84 -16.62
CA ASN B 161 7.02 27.61 -15.91
C ASN B 161 7.58 26.43 -16.68
N ASN B 162 7.78 25.35 -15.96
CA ASN B 162 8.46 24.15 -16.46
C ASN B 162 7.42 23.04 -16.71
N ALA B 163 6.18 23.49 -16.83
CA ALA B 163 5.02 22.65 -17.11
C ALA B 163 4.85 21.59 -16.04
N SER B 164 4.17 20.51 -16.37
CA SER B 164 3.93 19.48 -15.36
C SER B 164 4.90 18.35 -15.57
N CSD B 165 5.03 17.46 -14.59
CA CSD B 165 5.84 16.25 -14.82
CB CSD B 165 5.97 15.40 -13.53
SG CSD B 165 4.47 15.39 -12.51
C CSD B 165 5.28 15.44 -16.04
O CSD B 165 6.02 14.93 -16.87
OD1 CSD B 165 3.43 14.76 -13.34
OD2 CSD B 165 3.97 16.93 -12.54
N OCS B 165 4.97 17.45 -14.58
CA OCS B 165 5.75 16.20 -14.69
CB OCS B 165 5.73 15.45 -13.36
SG OCS B 165 4.14 15.19 -12.60
C OCS B 165 5.27 15.32 -15.91
O OCS B 165 6.02 14.69 -16.63
OD1 OCS B 165 3.45 14.24 -13.44
OD2 OCS B 165 3.47 16.48 -12.61
OD3 OCS B 165 4.38 14.82 -11.23
N THR B 166 3.95 15.34 -16.12
CA THR B 166 3.33 14.55 -17.18
C THR B 166 3.66 15.14 -18.55
N THR B 167 3.57 16.45 -18.65
CA THR B 167 3.91 17.13 -19.91
C THR B 167 5.37 16.88 -20.28
N ASN B 168 6.24 16.80 -19.28
CA ASN B 168 7.64 16.60 -19.55
C ASN B 168 7.92 15.17 -20.01
N CYS B 169 7.05 14.24 -19.64
CA CYS B 169 7.16 12.88 -20.11
C CYS B 169 6.56 12.76 -21.52
N LEU B 170 5.40 13.36 -21.70
CA LEU B 170 4.65 13.20 -22.92
C LEU B 170 5.30 13.92 -24.09
N ALA B 171 5.68 15.18 -23.86
CA ALA B 171 6.13 16.02 -24.96
C ALA B 171 7.34 15.44 -25.74
N PRO B 172 8.35 14.89 -25.06
CA PRO B 172 9.45 14.33 -25.86
C PRO B 172 8.98 13.12 -26.68
N ILE B 173 8.17 12.27 -26.06
CA ILE B 173 7.56 11.15 -26.78
C ILE B 173 6.75 11.62 -27.99
N ALA B 174 5.85 12.59 -27.80
CA ALA B 174 5.03 13.12 -28.88
C ALA B 174 5.89 13.75 -29.99
N ALA B 175 6.94 14.46 -29.58
CA ALA B 175 7.85 15.08 -30.53
C ALA B 175 8.46 14.05 -31.47
N VAL B 176 8.90 12.93 -30.90
CA VAL B 176 9.55 11.92 -31.73
C VAL B 176 8.52 11.27 -32.65
N LEU B 177 7.38 10.90 -32.09
CA LEU B 177 6.30 10.34 -32.90
C LEU B 177 5.85 11.27 -34.02
N HIS B 178 5.55 12.52 -33.67
CA HIS B 178 5.04 13.47 -34.66
C HIS B 178 6.08 13.75 -35.75
N GLU B 179 7.33 13.97 -35.36
CA GLU B 179 8.36 14.27 -36.34
C GLU B 179 8.62 13.11 -37.29
N ASN B 180 8.50 11.90 -36.80
CA ASN B 180 8.87 10.76 -37.62
C ASN B 180 7.71 10.18 -38.37
N PHE B 181 6.51 10.29 -37.83
CA PHE B 181 5.38 9.55 -38.40
C PHE B 181 4.16 10.41 -38.55
N GLY B 182 4.07 11.46 -37.75
CA GLY B 182 2.92 12.35 -37.79
C GLY B 182 1.79 11.84 -36.93
N ILE B 183 1.46 12.60 -35.90
CA ILE B 183 0.36 12.23 -35.05
C ILE B 183 -0.92 12.80 -35.62
N VAL B 184 -1.83 11.95 -36.07
CA VAL B 184 -3.11 12.42 -36.58
C VAL B 184 -3.97 12.90 -35.43
N GLU B 185 -4.00 12.08 -34.38
CA GLU B 185 -4.72 12.40 -33.17
C GLU B 185 -4.25 11.42 -32.11
N GLY B 186 -4.31 11.85 -30.86
CA GLY B 186 -3.85 11.00 -29.78
C GLY B 186 -4.69 11.16 -28.55
N LEU B 187 -4.81 10.07 -27.81
CA LEU B 187 -5.46 10.10 -26.51
C LEU B 187 -4.46 9.55 -25.50
N MET B 188 -4.30 10.30 -24.42
CA MET B 188 -3.28 10.00 -23.43
C MET B 188 -3.92 9.60 -22.10
N THR B 189 -3.41 8.53 -21.53
CA THR B 189 -3.69 8.23 -20.13
C THR B 189 -2.37 8.27 -19.38
N THR B 190 -2.33 8.89 -18.19
CA THR B 190 -1.18 8.67 -17.33
C THR B 190 -1.62 7.95 -16.04
N VAL B 191 -0.86 6.92 -15.69
CA VAL B 191 -1.04 6.19 -14.44
C VAL B 191 0.01 6.75 -13.50
N HIS B 192 -0.44 7.49 -12.51
CA HIS B 192 0.41 8.42 -11.80
C HIS B 192 0.56 8.05 -10.32
N ALA B 193 1.77 8.18 -9.78
CA ALA B 193 1.97 8.03 -8.35
C ALA B 193 1.20 9.06 -7.52
N VAL B 194 1.03 8.78 -6.23
CA VAL B 194 0.36 9.75 -5.38
CA VAL B 194 0.39 9.71 -5.31
C VAL B 194 1.26 10.95 -5.17
N THR B 195 0.64 12.08 -4.87
CA THR B 195 1.40 13.27 -4.53
C THR B 195 0.74 13.97 -3.37
N ALA B 196 1.40 15.03 -2.90
CA ALA B 196 1.01 15.74 -1.70
C ALA B 196 -0.42 16.31 -1.80
N THR B 197 -0.96 16.41 -3.01
CA THR B 197 -2.30 16.98 -3.20
C THR B 197 -3.38 16.02 -2.74
N GLN B 198 -3.02 14.75 -2.60
CA GLN B 198 -3.98 13.73 -2.20
C GLN B 198 -3.86 13.44 -0.71
N PRO B 199 -4.99 13.15 -0.05
CA PRO B 199 -4.98 12.77 1.37
C PRO B 199 -4.85 11.27 1.60
N THR B 200 -4.51 10.90 2.83
CA THR B 200 -4.36 9.51 3.18
C THR B 200 -5.69 8.80 3.36
N VAL B 201 -6.72 9.56 3.76
CA VAL B 201 -8.06 9.03 3.96
C VAL B 201 -9.04 9.87 3.16
N ASP B 202 -10.28 9.39 2.96
CA ASP B 202 -11.28 10.20 2.28
C ASP B 202 -11.42 11.55 2.99
N ALA B 203 -11.14 12.63 2.28
CA ALA B 203 -11.01 13.95 2.87
C ALA B 203 -11.37 15.03 1.85
N PRO B 204 -11.55 16.30 2.29
CA PRO B 204 -11.92 17.32 1.31
C PRO B 204 -10.86 17.53 0.29
N SER B 205 -11.33 17.87 -0.91
N SER B 205 -11.28 17.94 -0.91
CA SER B 205 -10.55 18.29 -2.04
CA SER B 205 -10.35 18.39 -1.93
C SER B 205 -11.54 18.99 -2.97
C SER B 205 -10.95 19.60 -2.65
N ARG B 206 -11.97 20.20 -2.61
N ARG B 206 -12.26 19.73 -2.58
CA ARG B 206 -13.15 20.86 -3.19
CA ARG B 206 -13.05 20.81 -3.18
C ARG B 206 -13.05 21.19 -4.69
C ARG B 206 -12.99 20.81 -4.71
N LYS B 207 -11.82 21.22 -5.22
CA LYS B 207 -11.67 21.47 -6.65
C LYS B 207 -11.50 20.20 -7.50
N ASP B 208 -11.20 19.08 -6.86
CA ASP B 208 -11.07 17.78 -7.54
C ASP B 208 -11.68 16.73 -6.63
N TRP B 209 -12.97 16.40 -6.81
CA TRP B 209 -13.66 15.55 -5.82
C TRP B 209 -13.01 14.21 -5.67
N ARG B 210 -12.77 13.57 -6.81
CA ARG B 210 -12.18 12.25 -6.78
C ARG B 210 -10.85 12.33 -6.08
N GLY B 211 -10.18 13.49 -6.22
CA GLY B 211 -8.86 13.70 -5.66
C GLY B 211 -8.76 13.74 -4.13
N GLY B 212 -9.89 13.76 -3.44
CA GLY B 212 -9.93 13.70 -1.98
C GLY B 212 -10.08 12.30 -1.41
N ARG B 213 -10.28 11.32 -2.29
CA ARG B 213 -10.47 9.96 -1.84
C ARG B 213 -9.11 9.37 -1.41
N ALA B 214 -9.16 8.47 -0.42
CA ALA B 214 -7.96 7.92 0.20
C ALA B 214 -6.96 7.43 -0.86
N ALA B 215 -5.76 8.02 -0.84
CA ALA B 215 -4.86 7.91 -1.98
C ALA B 215 -4.28 6.52 -2.08
N GLY B 216 -4.06 5.88 -0.94
CA GLY B 216 -3.33 4.62 -0.92
C GLY B 216 -4.20 3.42 -1.20
N TYR B 217 -5.50 3.64 -1.38
CA TYR B 217 -6.49 2.56 -1.42
C TYR B 217 -7.47 2.70 -2.56
N ASN B 218 -7.11 3.48 -3.57
CA ASN B 218 -7.96 3.70 -4.72
C ASN B 218 -7.18 3.93 -5.99
N ILE B 219 -7.74 3.46 -7.10
CA ILE B 219 -7.41 4.00 -8.42
C ILE B 219 -8.29 5.22 -8.61
N ILE B 220 -7.71 6.37 -8.88
CA ILE B 220 -8.48 7.62 -8.83
C ILE B 220 -8.34 8.41 -10.13
N PRO B 221 -9.44 8.49 -10.91
CA PRO B 221 -9.34 9.29 -12.14
C PRO B 221 -9.07 10.74 -11.82
N SER B 222 -8.21 11.36 -12.60
CA SER B 222 -7.92 12.75 -12.37
C SER B 222 -7.84 13.47 -13.72
N SER B 223 -8.14 14.76 -13.70
CA SER B 223 -7.98 15.58 -14.90
C SER B 223 -6.55 16.06 -14.91
N THR B 224 -6.11 16.28 -16.10
CA THR B 224 -4.78 16.76 -16.31
C THR B 224 -4.95 17.58 -17.57
N GLY B 225 -4.01 18.45 -17.81
CA GLY B 225 -4.13 19.24 -19.01
C GLY B 225 -2.94 18.94 -19.88
N ALA B 226 -2.17 17.92 -19.51
CA ALA B 226 -0.89 17.66 -20.16
C ALA B 226 -1.01 17.50 -21.66
N ALA B 227 -1.98 16.71 -22.11
CA ALA B 227 -2.05 16.40 -23.52
C ALA B 227 -2.49 17.63 -24.32
N LYS B 228 -3.47 18.39 -23.80
CA LYS B 228 -3.76 19.68 -24.43
C LYS B 228 -2.52 20.56 -24.34
N ALA B 229 -1.90 20.61 -23.16
CA ALA B 229 -0.75 21.50 -22.96
C ALA B 229 0.37 21.28 -23.96
N VAL B 230 0.44 20.09 -24.57
CA VAL B 230 1.55 19.77 -25.44
C VAL B 230 1.50 20.69 -26.66
N GLY B 231 0.32 21.22 -26.99
CA GLY B 231 0.17 22.19 -28.07
C GLY B 231 0.84 23.51 -27.75
N LEU B 232 1.09 23.76 -26.47
CA LEU B 232 1.79 24.98 -26.07
C LEU B 232 3.30 24.83 -26.28
N VAL B 233 3.79 23.60 -26.30
CA VAL B 233 5.22 23.42 -26.45
C VAL B 233 5.55 22.78 -27.81
N ILE B 234 4.57 22.11 -28.41
CA ILE B 234 4.70 21.62 -29.80
C ILE B 234 3.49 22.12 -30.58
N PRO B 235 3.55 23.37 -31.06
CA PRO B 235 2.41 24.06 -31.65
C PRO B 235 1.67 23.24 -32.70
N SER B 236 2.39 22.43 -33.46
CA SER B 236 1.75 21.66 -34.52
C SER B 236 0.84 20.57 -33.94
N LEU B 237 0.91 20.31 -32.64
CA LEU B 237 0.06 19.30 -32.04
C LEU B 237 -1.12 19.92 -31.30
N ASN B 238 -1.26 21.24 -31.43
CA ASN B 238 -2.38 21.91 -30.80
C ASN B 238 -3.71 21.33 -31.29
N GLY B 239 -4.53 20.87 -30.35
CA GLY B 239 -5.84 20.35 -30.66
C GLY B 239 -5.83 18.89 -31.11
N LYS B 240 -4.65 18.28 -31.14
CA LYS B 240 -4.55 16.91 -31.63
C LYS B 240 -4.49 15.86 -30.52
N LEU B 241 -4.33 16.32 -29.29
CA LEU B 241 -4.26 15.39 -28.16
C LEU B 241 -5.19 15.80 -27.03
N THR B 242 -5.67 14.82 -26.28
CA THR B 242 -6.28 15.14 -25.00
C THR B 242 -6.09 13.92 -24.15
N GLY B 243 -6.32 14.04 -22.85
CA GLY B 243 -5.96 12.93 -22.02
C GLY B 243 -6.55 12.97 -20.65
N MET B 244 -6.24 11.95 -19.86
CA MET B 244 -6.65 11.96 -18.47
C MET B 244 -5.67 11.16 -17.66
N ALA B 245 -5.96 11.01 -16.38
CA ALA B 245 -5.03 10.39 -15.45
C ALA B 245 -5.75 9.46 -14.49
N PHE B 246 -5.03 8.43 -14.05
CA PHE B 246 -5.44 7.66 -12.88
C PHE B 246 -4.32 7.77 -11.87
N ARG B 247 -4.64 8.28 -10.69
CA ARG B 247 -3.73 8.21 -9.55
C ARG B 247 -3.84 6.84 -8.93
N VAL B 248 -2.69 6.18 -8.73
CA VAL B 248 -2.70 4.85 -8.13
C VAL B 248 -1.77 4.84 -6.94
N PRO B 249 -1.93 3.84 -6.05
CA PRO B 249 -1.11 3.87 -4.83
C PRO B 249 0.36 3.45 -5.01
N THR B 250 1.20 4.31 -5.57
CA THR B 250 2.65 4.17 -5.51
C THR B 250 3.20 5.48 -4.99
N VAL B 251 4.43 5.46 -4.48
CA VAL B 251 4.93 6.61 -3.73
C VAL B 251 5.59 7.60 -4.67
N ASP B 252 6.02 7.07 -5.83
CA ASP B 252 6.74 7.85 -6.85
C ASP B 252 6.86 7.00 -8.09
N VAL B 253 7.06 7.69 -9.22
CA VAL B 253 7.15 7.17 -10.58
C VAL B 253 5.77 6.93 -11.19
N SER B 254 5.62 7.46 -12.40
CA SER B 254 4.38 7.48 -13.11
C SER B 254 4.64 7.02 -14.53
N VAL B 255 3.59 6.84 -15.30
CA VAL B 255 3.78 6.33 -16.63
C VAL B 255 2.72 6.89 -17.55
N VAL B 256 3.18 7.24 -18.75
CA VAL B 256 2.32 7.73 -19.80
C VAL B 256 2.00 6.59 -20.76
N ASP B 257 0.72 6.51 -21.10
CA ASP B 257 0.14 5.58 -22.04
C ASP B 257 -0.49 6.43 -23.18
N LEU B 258 0.23 6.56 -24.28
CA LEU B 258 -0.19 7.45 -25.35
C LEU B 258 -0.68 6.65 -26.56
N THR B 259 -1.97 6.75 -26.83
CA THR B 259 -2.56 6.05 -27.96
C THR B 259 -2.74 7.01 -29.12
N CYS B 260 -2.04 6.75 -30.22
CA CYS B 260 -2.03 7.64 -31.40
C CYS B 260 -2.41 6.96 -32.68
N ARG B 261 -3.09 7.72 -33.54
CA ARG B 261 -3.16 7.36 -34.94
C ARG B 261 -2.02 8.10 -35.63
N LEU B 262 -1.23 7.37 -36.41
CA LEU B 262 -0.08 7.96 -37.06
C LEU B 262 -0.37 8.19 -38.54
N GLU B 263 0.17 9.24 -39.15
CA GLU B 263 -0.08 9.44 -40.58
C GLU B 263 0.72 8.47 -41.45
N LYS B 264 2.03 8.44 -41.25
CA LYS B 264 2.89 7.52 -41.97
C LYS B 264 2.91 6.18 -41.27
N PRO B 265 2.86 5.08 -42.03
CA PRO B 265 2.93 3.77 -41.38
C PRO B 265 4.24 3.59 -40.65
N ALA B 266 4.18 3.02 -39.46
CA ALA B 266 5.37 2.73 -38.67
C ALA B 266 5.36 1.27 -38.24
N THR B 267 6.39 0.52 -38.58
CA THR B 267 6.53 -0.81 -37.99
C THR B 267 6.96 -0.59 -36.56
N LYS B 268 6.76 -1.58 -35.69
CA LYS B 268 7.25 -1.50 -34.31
C LYS B 268 8.75 -1.20 -34.31
N LYS B 269 9.49 -1.91 -35.15
CA LYS B 269 10.91 -1.67 -35.28
C LYS B 269 11.25 -0.21 -35.58
N GLN B 270 10.49 0.42 -36.46
CA GLN B 270 10.75 1.81 -36.81
C GLN B 270 10.47 2.75 -35.64
N ILE B 271 9.40 2.50 -34.90
CA ILE B 271 9.16 3.31 -33.70
C ILE B 271 10.28 3.14 -32.69
N ASP B 272 10.68 1.89 -32.44
CA ASP B 272 11.79 1.61 -31.52
C ASP B 272 13.05 2.36 -31.94
N GLU B 273 13.37 2.26 -33.22
CA GLU B 273 14.57 2.89 -33.76
C GLU B 273 14.51 4.42 -33.70
N ALA B 274 13.33 4.99 -33.89
CA ALA B 274 13.17 6.43 -33.76
C ALA B 274 13.37 6.89 -32.29
N MET B 275 12.76 6.17 -31.36
CA MET B 275 12.95 6.47 -29.96
C MET B 275 14.41 6.33 -29.55
N LYS B 276 15.06 5.25 -30.01
CA LYS B 276 16.44 4.99 -29.67
C LYS B 276 17.33 6.11 -30.21
N ALA B 277 17.18 6.43 -31.49
CA ALA B 277 17.91 7.52 -32.10
C ALA B 277 17.72 8.82 -31.31
N ALA B 278 16.47 9.12 -30.98
CA ALA B 278 16.16 10.34 -30.27
C ALA B 278 16.88 10.36 -28.93
N SER B 279 16.92 9.21 -28.25
CA SER B 279 17.53 9.14 -26.93
C SER B 279 19.05 9.35 -27.02
N GLU B 280 19.62 9.06 -28.18
CA GLU B 280 21.05 9.28 -28.38
C GLU B 280 21.35 10.67 -28.94
N SER B 281 20.31 11.41 -29.33
CA SER B 281 20.49 12.71 -29.95
C SER B 281 20.96 13.76 -28.95
N GLU B 282 21.58 14.81 -29.45
CA GLU B 282 22.02 15.93 -28.62
C GLU B 282 20.82 16.55 -27.89
N ARG B 283 19.76 16.76 -28.66
CA ARG B 283 18.54 17.38 -28.17
C ARG B 283 17.94 16.66 -26.96
N PHE B 284 17.92 15.33 -27.00
CA PHE B 284 17.16 14.60 -26.01
C PHE B 284 18.00 13.78 -25.06
N LYS B 285 19.31 13.75 -25.27
CA LYS B 285 20.18 12.94 -24.42
C LYS B 285 19.95 13.28 -22.95
N GLY B 286 19.60 12.27 -22.16
CA GLY B 286 19.41 12.49 -20.74
C GLY B 286 18.00 12.91 -20.39
N ILE B 287 17.25 13.37 -21.40
CA ILE B 287 15.86 13.77 -21.23
C ILE B 287 14.92 12.64 -21.61
N LEU B 288 15.02 12.18 -22.86
CA LEU B 288 14.28 11.02 -23.31
C LEU B 288 15.24 9.84 -23.32
N LYS B 289 14.91 8.81 -22.56
CA LYS B 289 15.71 7.61 -22.54
C LYS B 289 14.96 6.45 -23.16
N PHE B 290 15.68 5.36 -23.43
CA PHE B 290 15.15 4.18 -24.09
C PHE B 290 15.38 2.94 -23.25
N THR B 291 14.39 2.06 -23.18
CA THR B 291 14.67 0.74 -22.65
C THR B 291 13.96 -0.32 -23.46
N ASP B 292 14.58 -1.47 -23.56
CA ASP B 292 13.90 -2.65 -24.04
C ASP B 292 13.91 -3.74 -22.96
N GLU B 293 14.07 -3.34 -21.71
CA GLU B 293 14.09 -4.32 -20.62
C GLU B 293 12.75 -4.41 -19.91
N GLU B 294 12.61 -5.43 -19.05
CA GLU B 294 11.31 -5.74 -18.44
C GLU B 294 11.10 -4.94 -17.16
N VAL B 295 10.99 -3.63 -17.33
CA VAL B 295 11.01 -2.73 -16.21
C VAL B 295 9.66 -2.56 -15.55
N VAL B 296 9.70 -2.16 -14.28
CA VAL B 296 8.48 -1.73 -13.61
C VAL B 296 8.76 -0.40 -12.94
N SER B 297 7.73 0.22 -12.35
CA SER B 297 7.86 1.63 -11.99
C SER B 297 9.00 1.89 -11.01
N SER B 298 9.22 1.00 -10.04
CA SER B 298 10.27 1.27 -9.05
C SER B 298 11.65 1.31 -9.70
N ASP B 299 11.79 0.72 -10.88
CA ASP B 299 13.07 0.77 -11.59
C ASP B 299 13.44 2.19 -12.04
N PHE B 300 12.50 3.11 -11.96
CA PHE B 300 12.79 4.49 -12.34
C PHE B 300 12.90 5.46 -11.18
N VAL B 301 12.84 4.94 -9.96
CA VAL B 301 13.11 5.80 -8.82
C VAL B 301 14.51 6.37 -8.96
N HIS B 302 14.60 7.70 -8.86
CA HIS B 302 15.87 8.42 -8.94
C HIS B 302 16.50 8.30 -10.33
N ASP B 303 15.69 8.00 -11.32
CA ASP B 303 16.10 8.14 -12.72
C ASP B 303 15.75 9.55 -13.16
N SER B 304 16.74 10.31 -13.62
CA SER B 304 16.52 11.73 -13.91
C SER B 304 15.95 12.02 -15.30
N ALA B 305 15.60 10.99 -16.06
CA ALA B 305 14.92 11.22 -17.34
C ALA B 305 13.58 11.93 -17.19
N SER B 306 13.23 12.78 -18.16
CA SER B 306 11.84 13.27 -18.26
C SER B 306 10.94 12.16 -18.73
N SER B 307 11.53 11.22 -19.46
CA SER B 307 10.75 10.24 -20.18
C SER B 307 11.61 9.05 -20.55
N THR B 308 11.14 7.83 -20.29
CA THR B 308 11.86 6.66 -20.79
C THR B 308 10.89 5.82 -21.60
N TYR B 309 11.16 5.72 -22.89
CA TYR B 309 10.34 4.91 -23.76
C TYR B 309 10.51 3.43 -23.43
N ASP B 310 9.38 2.75 -23.26
CA ASP B 310 9.35 1.34 -22.89
C ASP B 310 9.05 0.53 -24.13
N SER B 311 10.08 0.00 -24.77
CA SER B 311 9.93 -0.67 -26.04
C SER B 311 8.99 -1.89 -25.96
N LYS B 312 9.21 -2.73 -24.94
CA LYS B 312 8.48 -3.98 -24.87
C LYS B 312 7.03 -3.79 -24.42
N ALA B 313 6.74 -2.73 -23.67
CA ALA B 313 5.37 -2.52 -23.20
C ALA B 313 4.51 -1.83 -24.25
N SER B 314 5.15 -1.12 -25.17
CA SER B 314 4.45 -0.37 -26.19
C SER B 314 3.94 -1.35 -27.22
N ILE B 315 2.73 -1.13 -27.72
CA ILE B 315 2.10 -2.08 -28.62
C ILE B 315 1.48 -1.34 -29.81
N CSD B 316 1.12 -2.08 -30.83
CA CSD B 316 0.27 -1.50 -31.88
CB CSD B 316 1.07 -1.07 -33.11
SG CSD B 316 2.72 -1.72 -33.12
C CSD B 316 -0.72 -2.49 -32.37
O CSD B 316 -0.51 -3.69 -32.40
OD1 CSD B 316 3.51 -0.62 -33.70
OD2 CSD B 316 2.53 -2.64 -34.46
N LEU B 317 -1.84 -1.95 -32.83
CA LEU B 317 -2.83 -2.76 -33.54
C LEU B 317 -2.39 -2.97 -34.98
N ASN B 318 -1.96 -1.89 -35.62
CA ASN B 318 -1.49 -1.96 -37.00
C ASN B 318 -0.47 -0.86 -37.21
N GLU B 319 -0.03 -0.65 -38.44
CA GLU B 319 1.06 0.30 -38.66
C GLU B 319 0.62 1.77 -38.53
N HIS B 320 -0.65 2.00 -38.21
CA HIS B 320 -1.13 3.38 -38.07
C HIS B 320 -1.79 3.70 -36.74
N PHE B 321 -1.77 2.74 -35.81
CA PHE B 321 -2.53 2.89 -34.58
C PHE B 321 -1.73 2.22 -33.48
N VAL B 322 -1.12 3.02 -32.63
CA VAL B 322 -0.14 2.52 -31.66
C VAL B 322 -0.41 3.03 -30.26
N LYS B 323 0.09 2.28 -29.29
CA LYS B 323 0.04 2.68 -27.89
C LYS B 323 1.49 2.67 -27.39
N VAL B 324 1.99 3.85 -27.06
CA VAL B 324 3.36 4.01 -26.61
C VAL B 324 3.35 4.24 -25.12
N VAL B 325 4.26 3.55 -24.45
CA VAL B 325 4.40 3.60 -22.99
C VAL B 325 5.70 4.29 -22.60
N ALA B 326 5.61 5.28 -21.72
CA ALA B 326 6.81 5.99 -21.28
C ALA B 326 6.79 6.31 -19.79
N TRP B 327 7.90 5.97 -19.13
CA TRP B 327 8.03 6.10 -17.67
C TRP B 327 8.63 7.42 -17.24
N TYR B 328 8.24 7.92 -16.06
CA TYR B 328 8.92 9.08 -15.51
C TYR B 328 8.87 9.12 -14.01
N ASP B 329 10.06 9.31 -13.42
CA ASP B 329 10.12 9.69 -12.03
C ASP B 329 9.58 11.11 -11.93
N ASN B 330 8.29 11.26 -11.60
CA ASN B 330 7.67 12.57 -11.49
C ASN B 330 8.35 13.53 -10.52
N GLU B 331 8.95 13.01 -9.45
CA GLU B 331 9.75 13.84 -8.53
C GLU B 331 11.14 14.20 -9.08
N TRP B 332 11.96 13.19 -9.40
CA TRP B 332 13.38 13.41 -9.66
C TRP B 332 13.64 13.95 -11.04
N GLY B 333 12.99 13.40 -12.07
CA GLY B 333 13.18 13.89 -13.42
C GLY B 333 12.79 15.34 -13.54
N TYR B 334 11.61 15.67 -13.04
CA TYR B 334 11.12 17.04 -13.09
C TYR B 334 12.05 18.02 -12.35
N SER B 335 12.49 17.63 -11.17
CA SER B 335 13.39 18.48 -10.40
C SER B 335 14.65 18.79 -11.17
N ASN B 336 15.17 17.77 -11.86
CA ASN B 336 16.38 17.96 -12.64
C ASN B 336 16.11 18.86 -13.85
N ARG B 337 14.93 18.73 -14.43
CA ARG B 337 14.55 19.60 -15.52
C ARG B 337 14.38 21.04 -15.06
N VAL B 338 13.95 21.26 -13.82
CA VAL B 338 13.81 22.63 -13.32
C VAL B 338 15.18 23.30 -13.38
N LEU B 339 16.20 22.60 -12.90
CA LEU B 339 17.57 23.12 -12.91
C LEU B 339 18.10 23.28 -14.34
N ASP B 340 17.81 22.32 -15.20
CA ASP B 340 18.20 22.45 -16.60
C ASP B 340 17.60 23.70 -17.23
N LEU B 341 16.34 23.99 -16.92
CA LEU B 341 15.68 25.13 -17.53
C LEU B 341 16.29 26.43 -17.00
N ILE B 342 16.62 26.45 -15.71
CA ILE B 342 17.28 27.60 -15.12
C ILE B 342 18.62 27.84 -15.81
N LYS B 343 19.40 26.78 -15.97
CA LYS B 343 20.71 26.90 -16.63
C LYS B 343 20.55 27.40 -18.07
N SER B 344 19.63 26.78 -18.79
CA SER B 344 19.41 27.08 -20.19
C SER B 344 19.00 28.54 -20.40
N THR B 345 17.99 28.97 -19.65
CA THR B 345 17.48 30.32 -19.79
C THR B 345 18.41 31.38 -19.17
N ALA B 346 19.22 31.00 -18.19
CA ALA B 346 20.14 31.97 -17.56
C ALA B 346 21.15 32.55 -18.56
N LYS B 347 21.48 31.78 -19.59
CA LYS B 347 22.40 32.24 -20.63
C LYS B 347 21.71 33.24 -21.55
N ILE B 348 20.39 33.33 -21.43
CA ILE B 348 19.61 34.21 -22.30
C ILE B 348 19.27 35.49 -21.53
N GLN B 349 19.97 36.57 -21.85
CA GLN B 349 19.86 37.85 -21.15
C GLN B 349 19.49 39.00 -22.09
N HIS C 16 43.11 -16.22 1.20
CA HIS C 16 43.09 -14.94 0.48
C HIS C 16 41.68 -14.37 0.32
N MET C 17 40.69 -15.25 0.23
CA MET C 17 39.32 -14.87 -0.10
C MET C 17 38.40 -16.07 0.05
N VAL C 18 37.29 -15.93 0.77
CA VAL C 18 36.41 -17.07 0.97
C VAL C 18 35.46 -17.24 -0.21
N LYS C 19 35.52 -18.40 -0.85
CA LYS C 19 34.66 -18.63 -2.00
C LYS C 19 33.32 -19.21 -1.56
N ILE C 20 32.26 -18.61 -2.09
CA ILE C 20 30.90 -18.82 -1.61
C ILE C 20 29.99 -19.30 -2.71
N GLY C 21 29.17 -20.28 -2.39
CA GLY C 21 28.10 -20.64 -3.31
C GLY C 21 26.80 -20.20 -2.67
N ILE C 22 25.87 -19.73 -3.51
CA ILE C 22 24.54 -19.39 -3.05
C ILE C 22 23.48 -20.38 -3.58
N ASN C 23 22.77 -21.01 -2.65
CA ASN C 23 21.64 -21.86 -3.00
C ASN C 23 20.36 -21.14 -2.68
N GLY C 24 19.64 -20.71 -3.72
CA GLY C 24 18.41 -19.96 -3.51
C GLY C 24 18.75 -18.49 -3.65
N PHE C 25 18.55 -17.99 -4.87
CA PHE C 25 18.94 -16.66 -5.21
C PHE C 25 17.75 -15.70 -5.00
N GLY C 26 17.14 -15.76 -3.83
CA GLY C 26 15.96 -14.97 -3.51
C GLY C 26 16.34 -13.63 -2.90
N ARG C 27 15.44 -13.06 -2.10
CA ARG C 27 15.71 -11.77 -1.48
C ARG C 27 17.04 -11.85 -0.72
N ILE C 28 17.18 -12.83 0.17
CA ILE C 28 18.45 -12.97 0.88
C ILE C 28 19.60 -13.37 -0.05
N GLY C 29 19.42 -14.45 -0.81
CA GLY C 29 20.44 -14.87 -1.75
C GLY C 29 21.02 -13.77 -2.64
N ARG C 30 20.16 -12.96 -3.26
CA ARG C 30 20.62 -11.90 -4.19
C ARG C 30 21.25 -10.74 -3.46
N LEU C 31 20.85 -10.53 -2.21
CA LEU C 31 21.35 -9.38 -1.49
C LEU C 31 22.66 -9.73 -0.77
N VAL C 32 22.77 -10.99 -0.32
CA VAL C 32 24.06 -11.55 0.02
C VAL C 32 24.99 -11.36 -1.17
N PHE C 33 24.50 -11.66 -2.37
CA PHE C 33 25.39 -11.54 -3.53
C PHE C 33 25.82 -10.10 -3.73
N ARG C 34 24.87 -9.17 -3.67
CA ARG C 34 25.21 -7.76 -3.79
C ARG C 34 26.18 -7.31 -2.72
N ALA C 35 25.90 -7.69 -1.47
CA ALA C 35 26.82 -7.38 -0.39
C ALA C 35 28.22 -7.93 -0.66
N SER C 36 28.32 -9.13 -1.22
CA SER C 36 29.61 -9.75 -1.46
C SER C 36 30.50 -8.94 -2.40
N LEU C 37 29.88 -8.14 -3.26
CA LEU C 37 30.62 -7.28 -4.19
C LEU C 37 31.33 -6.11 -3.53
N GLU C 38 30.91 -5.77 -2.31
CA GLU C 38 31.45 -4.59 -1.63
C GLU C 38 32.52 -4.91 -0.63
N ARG C 39 32.92 -6.17 -0.55
CA ARG C 39 34.00 -6.53 0.35
C ARG C 39 34.96 -7.47 -0.35
N THR C 40 36.23 -7.36 -0.05
CA THR C 40 37.22 -8.07 -0.82
C THR C 40 37.63 -9.40 -0.20
N ASP C 41 36.97 -9.80 0.88
CA ASP C 41 37.41 -10.98 1.61
C ASP C 41 36.53 -12.20 1.33
N VAL C 42 35.43 -11.97 0.63
CA VAL C 42 34.55 -13.07 0.26
C VAL C 42 34.13 -12.85 -1.18
N GLU C 43 33.92 -13.92 -1.93
CA GLU C 43 33.34 -13.76 -3.25
C GLU C 43 32.45 -14.95 -3.60
N VAL C 44 31.38 -14.64 -4.30
CA VAL C 44 30.44 -15.64 -4.76
C VAL C 44 30.90 -16.16 -6.11
N VAL C 45 31.14 -17.47 -6.19
CA VAL C 45 31.64 -18.05 -7.43
C VAL C 45 30.62 -19.00 -8.09
N ALA C 46 29.51 -19.27 -7.42
CA ALA C 46 28.47 -20.13 -7.99
C ALA C 46 27.13 -19.83 -7.39
N ILE C 47 26.10 -19.83 -8.24
CA ILE C 47 24.74 -19.58 -7.80
C ILE C 47 23.80 -20.63 -8.39
N ASN C 48 22.99 -21.22 -7.52
CA ASN C 48 21.95 -22.15 -7.94
C ASN C 48 20.59 -21.59 -7.60
N ASP C 49 19.68 -21.64 -8.55
CA ASP C 49 18.29 -21.32 -8.28
C ASP C 49 17.46 -22.01 -9.33
N ILE C 50 16.56 -22.88 -8.90
CA ILE C 50 15.81 -23.69 -9.84
CA ILE C 50 15.82 -23.70 -9.84
C ILE C 50 14.82 -22.92 -10.67
N MET C 51 14.57 -21.66 -10.32
CA MET C 51 13.58 -20.89 -11.07
C MET C 51 14.19 -19.85 -12.01
N MET C 52 15.50 -19.91 -12.21
CA MET C 52 16.20 -18.85 -12.96
C MET C 52 17.28 -19.35 -13.92
N THR C 53 17.14 -18.95 -15.19
CA THR C 53 18.20 -19.04 -16.17
C THR C 53 19.25 -17.98 -15.86
N PRO C 54 20.46 -18.09 -16.44
CA PRO C 54 21.40 -16.98 -16.23
C PRO C 54 20.81 -15.63 -16.65
N GLU C 55 20.11 -15.62 -17.77
CA GLU C 55 19.44 -14.44 -18.25
C GLU C 55 18.47 -13.85 -17.22
N TYR C 56 17.68 -14.70 -16.59
CA TYR C 56 16.75 -14.26 -15.58
C TYR C 56 17.50 -13.78 -14.35
N MET C 57 18.59 -14.48 -14.01
CA MET C 57 19.37 -14.08 -12.83
C MET C 57 19.91 -12.66 -12.94
N ILE C 58 20.35 -12.23 -14.13
CA ILE C 58 20.92 -10.90 -14.14
C ILE C 58 19.78 -9.89 -14.10
N TYR C 59 18.60 -10.24 -14.63
CA TYR C 59 17.43 -9.37 -14.49
C TYR C 59 17.14 -9.13 -13.02
N MET C 60 17.18 -10.22 -12.27
CA MET C 60 16.93 -10.19 -10.84
C MET C 60 17.94 -9.33 -10.08
N ILE C 61 19.20 -9.42 -10.46
CA ILE C 61 20.24 -8.57 -9.88
C ILE C 61 20.07 -7.13 -10.29
N LYS C 62 19.80 -6.93 -11.57
CA LYS C 62 19.80 -5.61 -12.15
C LYS C 62 18.79 -4.68 -11.49
N TYR C 63 17.59 -5.19 -11.28
CA TYR C 63 16.50 -4.37 -10.78
C TYR C 63 16.04 -4.86 -9.42
N ASP C 64 15.82 -3.94 -8.49
CA ASP C 64 15.36 -4.33 -7.16
C ASP C 64 14.41 -3.28 -6.66
N THR C 65 13.17 -3.70 -6.39
CA THR C 65 12.17 -2.76 -5.96
C THR C 65 12.58 -1.98 -4.71
N VAL C 66 13.22 -2.68 -3.78
CA VAL C 66 13.64 -2.09 -2.51
C VAL C 66 15.02 -1.44 -2.55
N HIS C 67 16.02 -2.15 -3.06
CA HIS C 67 17.38 -1.67 -2.91
C HIS C 67 17.93 -0.96 -4.16
N GLY C 68 17.07 -0.73 -5.14
CA GLY C 68 17.43 0.10 -6.28
C GLY C 68 18.21 -0.68 -7.31
N LYS C 69 18.41 -0.03 -8.45
CA LYS C 69 18.96 -0.68 -9.59
C LYS C 69 20.44 -0.99 -9.34
N PHE C 70 20.92 -2.11 -9.86
CA PHE C 70 22.33 -2.46 -9.77
C PHE C 70 23.17 -1.40 -10.46
N HIS C 71 24.09 -0.82 -9.71
N HIS C 71 24.24 -0.92 -9.84
CA HIS C 71 25.08 0.05 -10.27
CA HIS C 71 25.00 0.20 -10.43
C HIS C 71 26.27 -0.82 -10.61
C HIS C 71 26.13 -0.24 -11.35
N GLY C 72 26.40 -1.15 -11.87
N GLY C 72 26.40 -1.53 -11.41
CA GLY C 72 27.44 -2.04 -12.32
CA GLY C 72 27.44 -2.06 -12.29
C GLY C 72 26.94 -2.65 -13.59
N LYS C 73 27.76 -3.49 -14.20
CA LYS C 73 27.47 -4.02 -15.52
C LYS C 73 27.14 -5.50 -15.46
N LEU C 74 26.09 -5.93 -16.16
CA LEU C 74 25.70 -7.33 -16.16
C LEU C 74 25.61 -7.92 -17.55
N GLU C 75 26.19 -9.09 -17.73
CA GLU C 75 25.98 -9.86 -18.94
CA GLU C 75 26.04 -9.87 -18.94
C GLU C 75 25.81 -11.30 -18.52
N HIS C 76 25.52 -12.17 -19.46
CA HIS C 76 25.37 -13.58 -19.09
C HIS C 76 25.78 -14.45 -20.23
N THR C 77 25.96 -15.73 -19.93
CA THR C 77 26.16 -16.72 -20.99
C THR C 77 25.07 -17.76 -20.83
N GLU C 78 25.23 -18.89 -21.50
CA GLU C 78 24.28 -19.96 -21.33
C GLU C 78 24.49 -20.67 -19.97
N LYS C 79 25.61 -20.41 -19.29
CA LYS C 79 25.96 -21.20 -18.11
C LYS C 79 26.53 -20.38 -16.96
N SER C 80 26.49 -19.07 -17.10
CA SER C 80 27.08 -18.20 -16.11
C SER C 80 26.51 -16.79 -16.22
N ILE C 81 26.75 -15.99 -15.19
CA ILE C 81 26.48 -14.57 -15.27
C ILE C 81 27.81 -13.84 -15.16
N ILE C 82 27.87 -12.63 -15.71
CA ILE C 82 29.11 -11.86 -15.67
C ILE C 82 28.80 -10.55 -14.98
N VAL C 83 29.36 -10.37 -13.80
CA VAL C 83 29.05 -9.22 -12.95
C VAL C 83 30.29 -8.36 -12.81
N ASN C 84 30.19 -7.10 -13.24
CA ASN C 84 31.35 -6.24 -13.38
C ASN C 84 32.54 -7.01 -13.99
N GLY C 85 32.29 -7.76 -15.05
CA GLY C 85 33.36 -8.42 -15.79
C GLY C 85 33.86 -9.74 -15.21
N ARG C 86 33.31 -10.14 -14.07
CA ARG C 86 33.74 -11.38 -13.41
C ARG C 86 32.71 -12.47 -13.67
N GLU C 87 33.18 -13.60 -14.17
CA GLU C 87 32.26 -14.69 -14.49
C GLU C 87 31.93 -15.48 -13.22
N ILE C 88 30.64 -15.75 -13.05
CA ILE C 88 30.14 -16.56 -11.94
C ILE C 88 29.31 -17.67 -12.51
N HIS C 89 29.63 -18.92 -12.17
CA HIS C 89 28.91 -20.06 -12.74
CA HIS C 89 28.92 -20.05 -12.74
C HIS C 89 27.52 -20.15 -12.16
N VAL C 90 26.57 -20.58 -12.98
CA VAL C 90 25.18 -20.59 -12.62
C VAL C 90 24.65 -21.99 -12.78
N LEU C 91 23.81 -22.41 -11.82
CA LEU C 91 23.24 -23.75 -11.79
C LEU C 91 21.74 -23.70 -11.65
N CME C 92 21.12 -24.87 -11.81
CA CME C 92 19.67 -24.96 -11.85
CB CME C 92 19.20 -24.65 -13.27
SG CME C 92 17.41 -24.53 -13.43
SD CME C 92 17.17 -24.00 -15.38
CE CME C 92 16.07 -22.56 -15.31
CZ CME C 92 14.62 -22.98 -15.41
OH CME C 92 13.76 -21.85 -15.38
C CME C 92 19.40 -26.42 -11.54
O CME C 92 18.94 -27.19 -12.36
N GLU C 93 19.71 -26.79 -10.31
CA GLU C 93 19.54 -28.16 -9.88
C GLU C 93 18.75 -28.18 -8.57
N ARG C 94 17.69 -28.98 -8.52
CA ARG C 94 16.77 -28.95 -7.40
C ARG C 94 17.34 -29.52 -6.11
N ASP C 95 18.12 -30.60 -6.26
CA ASP C 95 18.59 -31.40 -5.15
C ASP C 95 19.98 -30.95 -4.73
N PRO C 96 20.13 -30.43 -3.50
CA PRO C 96 21.41 -29.91 -3.04
C PRO C 96 22.51 -30.96 -3.11
N GLU C 97 22.13 -32.22 -2.96
CA GLU C 97 23.10 -33.32 -2.97
C GLU C 97 23.76 -33.45 -4.35
N GLN C 98 23.14 -32.83 -5.35
CA GLN C 98 23.60 -32.93 -6.72
C GLN C 98 24.37 -31.69 -7.17
N LEU C 99 24.55 -30.74 -6.28
CA LEU C 99 25.22 -29.50 -6.66
C LEU C 99 26.73 -29.69 -6.67
N PRO C 100 27.37 -29.34 -7.78
CA PRO C 100 28.80 -29.50 -7.99
C PRO C 100 29.60 -28.35 -7.38
N TRP C 101 29.37 -28.10 -6.09
CA TRP C 101 30.07 -27.04 -5.37
C TRP C 101 31.59 -27.20 -5.42
N GLY C 102 32.07 -28.41 -5.16
CA GLY C 102 33.50 -28.72 -5.17
C GLY C 102 34.22 -28.33 -6.45
N GLN C 103 33.61 -28.64 -7.59
CA GLN C 103 34.18 -28.35 -8.91
C GLN C 103 34.47 -26.85 -9.12
N HIS C 104 33.70 -26.00 -8.46
CA HIS C 104 33.94 -24.56 -8.51
C HIS C 104 34.60 -24.06 -7.23
N ASN C 105 35.17 -24.99 -6.47
CA ASN C 105 35.89 -24.69 -5.23
C ASN C 105 35.11 -23.80 -4.29
N VAL C 106 33.83 -24.10 -4.14
CA VAL C 106 33.02 -23.42 -3.15
C VAL C 106 33.41 -23.91 -1.75
N GLU C 107 33.75 -22.99 -0.87
CA GLU C 107 34.05 -23.37 0.50
C GLU C 107 32.80 -23.32 1.37
N TYR C 108 32.09 -22.19 1.32
CA TYR C 108 30.84 -22.03 2.04
C TYR C 108 29.62 -22.00 1.11
N VAL C 109 28.58 -22.73 1.50
CA VAL C 109 27.31 -22.55 0.81
C VAL C 109 26.34 -21.78 1.68
N VAL C 110 25.81 -20.72 1.11
CA VAL C 110 24.69 -20.02 1.72
C VAL C 110 23.42 -20.76 1.28
N GLU C 111 22.76 -21.38 2.25
CA GLU C 111 21.52 -22.10 1.97
C GLU C 111 20.34 -21.17 2.22
N SER C 112 19.87 -20.52 1.16
CA SER C 112 18.84 -19.51 1.34
C SER C 112 17.62 -19.78 0.44
N THR C 113 17.33 -21.06 0.21
CA THR C 113 16.12 -21.40 -0.54
C THR C 113 14.88 -21.23 0.34
N GLY C 114 15.07 -21.37 1.65
CA GLY C 114 13.94 -21.46 2.55
C GLY C 114 13.34 -22.84 2.72
N ILE C 115 13.81 -23.82 1.95
CA ILE C 115 13.21 -25.13 2.03
C ILE C 115 14.18 -26.22 2.50
N PHE C 116 15.43 -25.85 2.80
CA PHE C 116 16.38 -26.83 3.33
C PHE C 116 16.90 -26.41 4.71
N THR C 117 15.97 -26.04 5.59
CA THR C 117 16.35 -25.44 6.87
C THR C 117 16.42 -26.51 7.95
N LYS C 118 16.78 -27.72 7.54
CA LYS C 118 17.02 -28.79 8.50
C LYS C 118 18.42 -29.30 8.28
N LEU C 119 19.05 -29.78 9.35
CA LEU C 119 20.40 -30.30 9.28
C LEU C 119 20.51 -31.35 8.17
N ASP C 120 19.59 -32.31 8.16
CA ASP C 120 19.57 -33.39 7.18
C ASP C 120 19.64 -32.88 5.75
N SER C 121 18.77 -31.94 5.44
CA SER C 121 18.70 -31.35 4.10
C SER C 121 19.92 -30.49 3.76
N ALA C 122 20.21 -29.53 4.62
CA ALA C 122 21.28 -28.57 4.35
C ALA C 122 22.64 -29.24 4.26
N ALA C 123 22.81 -30.34 4.99
CA ALA C 123 24.08 -31.07 4.96
C ALA C 123 24.32 -31.70 3.60
N LYS C 124 23.29 -31.82 2.78
CA LYS C 124 23.45 -32.47 1.49
C LYS C 124 24.46 -31.72 0.61
N HIS C 125 24.64 -30.42 0.87
CA HIS C 125 25.60 -29.59 0.13
C HIS C 125 27.05 -30.09 0.27
N LEU C 126 27.37 -30.70 1.40
CA LEU C 126 28.75 -31.15 1.62
C LEU C 126 29.04 -32.32 0.71
N LYS C 127 27.99 -33.07 0.38
CA LYS C 127 28.12 -34.19 -0.53
C LYS C 127 28.59 -33.69 -1.89
N GLY C 128 28.22 -32.46 -2.23
CA GLY C 128 28.69 -31.86 -3.46
C GLY C 128 30.07 -31.21 -3.37
N GLY C 129 30.72 -31.33 -2.22
CA GLY C 129 32.09 -30.86 -2.07
C GLY C 129 32.24 -29.49 -1.41
N ALA C 130 31.12 -28.87 -1.04
CA ALA C 130 31.19 -27.71 -0.17
C ALA C 130 31.75 -28.15 1.17
N LYS C 131 32.46 -27.23 1.83
CA LYS C 131 33.13 -27.55 3.09
C LYS C 131 32.23 -27.19 4.26
N ARG C 132 31.53 -26.08 4.13
CA ARG C 132 30.63 -25.61 5.18
C ARG C 132 29.34 -25.04 4.62
N VAL C 133 28.31 -25.00 5.46
CA VAL C 133 27.03 -24.48 5.03
C VAL C 133 26.52 -23.51 6.09
N VAL C 134 26.05 -22.37 5.64
CA VAL C 134 25.32 -21.45 6.48
C VAL C 134 23.87 -21.36 6.03
N ILE C 135 22.96 -21.83 6.86
CA ILE C 135 21.54 -21.78 6.59
C ILE C 135 21.04 -20.40 6.98
N SER C 136 20.39 -19.73 6.04
CA SER C 136 19.90 -18.37 6.23
C SER C 136 18.59 -18.31 7.05
N ALA C 137 18.49 -19.11 8.13
CA ALA C 137 17.25 -19.18 8.88
C ALA C 137 17.47 -20.03 10.12
N PRO C 138 16.55 -19.95 11.10
CA PRO C 138 16.62 -20.92 12.19
C PRO C 138 16.63 -22.36 11.68
N ALA C 139 17.30 -23.23 12.42
CA ALA C 139 17.42 -24.63 12.02
C ALA C 139 17.86 -25.45 13.22
N ASP C 140 17.79 -26.77 13.10
CA ASP C 140 18.28 -27.68 14.13
C ASP C 140 19.78 -27.87 13.92
N THR C 141 20.50 -26.75 13.97
CA THR C 141 21.94 -26.70 13.81
C THR C 141 22.47 -25.68 14.82
N PRO C 142 23.80 -25.67 15.06
CA PRO C 142 24.34 -24.56 15.85
C PRO C 142 23.88 -23.25 15.27
N THR C 143 23.52 -22.32 16.15
CA THR C 143 22.88 -21.08 15.76
C THR C 143 23.75 -19.91 16.19
N PHE C 144 23.95 -18.96 15.29
CA PHE C 144 24.84 -17.84 15.59
C PHE C 144 24.23 -16.49 15.30
N VAL C 145 24.60 -15.52 16.13
CA VAL C 145 24.28 -14.13 15.88
C VAL C 145 25.58 -13.35 16.05
N MET C 146 25.98 -12.67 14.98
CA MET C 146 27.22 -11.88 14.98
C MET C 146 27.17 -10.86 16.08
N GLY C 147 28.27 -10.75 16.82
CA GLY C 147 28.36 -9.82 17.93
C GLY C 147 27.88 -10.45 19.22
N VAL C 148 27.20 -11.58 19.11
CA VAL C 148 26.59 -12.16 20.31
C VAL C 148 27.21 -13.52 20.61
N ASN C 149 27.19 -14.47 19.69
CA ASN C 149 27.86 -15.73 20.05
C ASN C 149 28.71 -16.33 18.95
N ASN C 150 29.16 -15.53 18.00
CA ASN C 150 29.86 -16.09 16.83
C ASN C 150 31.26 -16.62 17.17
N HIS C 151 31.84 -16.16 18.27
CA HIS C 151 33.15 -16.69 18.66
C HIS C 151 33.00 -18.04 19.34
N GLU C 152 31.77 -18.52 19.45
CA GLU C 152 31.53 -19.84 20.03
C GLU C 152 31.57 -20.92 18.95
N TYR C 153 31.83 -20.50 17.70
CA TYR C 153 31.90 -21.43 16.59
C TYR C 153 33.06 -22.40 16.75
N LYS C 154 32.80 -23.65 16.38
CA LYS C 154 33.79 -24.70 16.42
C LYS C 154 33.94 -25.32 15.04
N PRO C 155 35.20 -25.59 14.63
CA PRO C 155 35.52 -26.02 13.28
C PRO C 155 34.85 -27.34 12.88
N GLU C 156 34.43 -28.14 13.85
CA GLU C 156 33.68 -29.35 13.54
C GLU C 156 32.25 -29.03 13.09
N MET C 157 31.79 -27.81 13.33
CA MET C 157 30.45 -27.41 12.92
C MET C 157 30.40 -27.10 11.42
N THR C 158 30.10 -28.11 10.61
CA THR C 158 30.14 -27.94 9.18
C THR C 158 28.82 -27.38 8.64
N VAL C 159 27.78 -27.42 9.46
CA VAL C 159 26.49 -26.87 9.07
C VAL C 159 25.96 -26.00 10.22
N ILE C 160 25.85 -24.71 9.97
CA ILE C 160 25.39 -23.79 11.01
C ILE C 160 24.29 -22.92 10.45
N ASN C 161 23.65 -22.14 11.31
CA ASN C 161 22.70 -21.16 10.81
C ASN C 161 22.93 -19.78 11.43
N ASN C 162 22.41 -18.76 10.75
CA ASN C 162 22.58 -17.37 11.14
C ASN C 162 21.30 -16.84 11.77
N ALA C 163 20.50 -17.75 12.33
CA ALA C 163 19.25 -17.37 13.03
C ALA C 163 18.30 -16.63 12.10
N SER C 164 17.36 -15.89 12.68
CA SER C 164 16.44 -15.12 11.87
C SER C 164 16.81 -13.65 11.86
N CSD C 165 16.25 -12.90 10.93
CA CSD C 165 16.43 -11.44 10.92
CB CSD C 165 15.72 -10.77 9.69
SG CSD C 165 14.03 -11.36 9.28
C CSD C 165 15.99 -10.84 12.28
O CSD C 165 16.64 -9.98 12.85
OD1 CSD C 165 13.16 -11.07 10.42
OD2 CSD C 165 14.17 -12.97 9.39
N OCS C 165 16.20 -12.91 10.94
CA OCS C 165 16.36 -11.45 10.89
CB OCS C 165 15.58 -10.86 9.71
SG OCS C 165 13.88 -11.37 9.63
C OCS C 165 15.93 -10.79 12.22
O OCS C 165 16.54 -9.86 12.72
OD1 OCS C 165 13.43 -11.07 8.29
OD2 OCS C 165 13.22 -10.47 10.57
OD3 OCS C 165 13.83 -12.73 10.09
N THR C 166 14.86 -11.32 12.80
CA THR C 166 14.35 -10.80 14.06
C THR C 166 15.28 -11.13 15.23
N THR C 167 15.83 -12.35 15.24
CA THR C 167 16.77 -12.72 16.29
C THR C 167 18.03 -11.85 16.22
N ASN C 168 18.49 -11.55 15.02
CA ASN C 168 19.67 -10.71 14.84
C ASN C 168 19.40 -9.27 15.25
N CYS C 169 18.13 -8.88 15.24
CA CYS C 169 17.79 -7.56 15.76
C CYS C 169 17.68 -7.59 17.28
N LEU C 170 16.98 -8.59 17.79
CA LEU C 170 16.69 -8.66 19.22
C LEU C 170 17.92 -9.00 20.07
N ALA C 171 18.70 -9.99 19.63
CA ALA C 171 19.82 -10.47 20.43
C ALA C 171 20.83 -9.38 20.86
N PRO C 172 21.26 -8.49 19.96
CA PRO C 172 22.22 -7.46 20.42
C PRO C 172 21.59 -6.47 21.40
N ILE C 173 20.34 -6.06 21.17
CA ILE C 173 19.63 -5.21 22.12
C ILE C 173 19.49 -5.91 23.49
N ALA C 174 19.08 -7.18 23.44
CA ALA C 174 18.95 -7.97 24.66
C ALA C 174 20.29 -8.10 25.38
N ALA C 175 21.33 -8.40 24.63
CA ALA C 175 22.68 -8.52 25.21
C ALA C 175 23.07 -7.30 26.02
N VAL C 176 22.89 -6.12 25.43
CA VAL C 176 23.29 -4.89 26.10
C VAL C 176 22.46 -4.68 27.36
N LEU C 177 21.14 -4.84 27.23
CA LEU C 177 20.25 -4.66 28.39
C LEU C 177 20.59 -5.65 29.49
N HIS C 178 20.75 -6.91 29.10
CA HIS C 178 20.98 -7.97 30.07
C HIS C 178 22.34 -7.80 30.73
N GLU C 179 23.34 -7.42 29.95
CA GLU C 179 24.68 -7.30 30.52
C GLU C 179 24.81 -6.09 31.42
N ASN C 180 24.11 -5.02 31.09
CA ASN C 180 24.20 -3.83 31.92
C ASN C 180 23.27 -3.86 33.13
N PHE C 181 22.03 -4.32 32.92
CA PHE C 181 21.00 -4.16 33.93
C PHE C 181 20.34 -5.46 34.35
N GLY C 182 20.44 -6.48 33.50
CA GLY C 182 19.82 -7.76 33.77
C GLY C 182 18.36 -7.77 33.40
N ILE C 183 18.02 -8.64 32.46
CA ILE C 183 16.65 -8.82 32.05
C ILE C 183 16.03 -9.93 32.87
N VAL C 184 15.06 -9.57 33.71
CA VAL C 184 14.31 -10.53 34.50
C VAL C 184 13.35 -11.28 33.59
N GLU C 185 12.73 -10.52 32.71
CA GLU C 185 11.72 -11.05 31.83
C GLU C 185 11.55 -10.07 30.67
N GLY C 186 11.28 -10.60 29.49
CA GLY C 186 11.06 -9.76 28.33
C GLY C 186 9.97 -10.31 27.46
N LEU C 187 9.14 -9.40 26.94
CA LEU C 187 8.09 -9.75 26.01
C LEU C 187 8.29 -8.87 24.77
N MET C 188 8.39 -9.51 23.62
CA MET C 188 8.78 -8.82 22.40
C MET C 188 7.63 -8.78 21.39
N THR C 189 7.51 -7.67 20.70
CA THR C 189 6.71 -7.64 19.50
C THR C 189 7.60 -7.14 18.37
N THR C 190 7.48 -7.75 17.20
CA THR C 190 8.13 -7.15 16.04
C THR C 190 7.04 -6.76 15.07
N VAL C 191 7.12 -5.52 14.61
CA VAL C 191 6.26 -5.06 13.53
C VAL C 191 7.08 -5.27 12.28
N HIS C 192 6.65 -6.21 11.46
CA HIS C 192 7.53 -6.77 10.47
C HIS C 192 7.00 -6.54 9.06
N ALA C 193 7.91 -6.21 8.16
CA ALA C 193 7.62 -6.06 6.75
C ALA C 193 7.11 -7.37 6.14
N VAL C 194 6.44 -7.26 4.99
CA VAL C 194 5.95 -8.45 4.30
C VAL C 194 7.16 -9.21 3.73
N THR C 195 7.03 -10.52 3.57
CA THR C 195 8.08 -11.34 2.94
C THR C 195 7.42 -12.31 1.98
N ALA C 196 8.25 -13.06 1.26
CA ALA C 196 7.83 -13.99 0.24
C ALA C 196 6.89 -15.07 0.74
N THR C 197 6.85 -15.28 2.06
CA THR C 197 6.01 -16.34 2.63
C THR C 197 4.54 -15.91 2.72
N GLN C 198 4.24 -14.65 2.43
CA GLN C 198 2.87 -14.17 2.49
C GLN C 198 2.36 -13.97 1.07
N PRO C 199 1.06 -14.20 0.84
CA PRO C 199 0.46 -14.00 -0.48
C PRO C 199 -0.07 -12.59 -0.63
N THR C 200 -0.31 -12.14 -1.86
CA THR C 200 -0.91 -10.85 -2.09
C THR C 200 -2.43 -10.80 -1.85
N VAL C 201 -3.11 -11.95 -1.93
CA VAL C 201 -4.56 -12.02 -1.68
C VAL C 201 -4.84 -13.09 -0.64
N ASP C 202 -6.06 -13.12 -0.08
CA ASP C 202 -6.40 -14.17 0.89
C ASP C 202 -6.18 -15.51 0.22
N ALA C 203 -5.24 -16.28 0.74
CA ALA C 203 -4.84 -17.53 0.06
C ALA C 203 -4.53 -18.66 1.08
N PRO C 204 -4.35 -19.91 0.59
CA PRO C 204 -4.09 -20.96 1.59
C PRO C 204 -2.72 -20.83 2.25
N SER C 205 -2.71 -21.21 3.51
CA SER C 205 -1.55 -21.21 4.35
C SER C 205 -1.90 -22.18 5.48
N ARG C 206 -1.97 -23.46 5.14
CA ARG C 206 -2.51 -24.53 5.99
C ARG C 206 -1.89 -24.58 7.40
N LYS C 207 -0.60 -24.27 7.48
CA LYS C 207 0.11 -24.34 8.75
C LYS C 207 -0.12 -23.08 9.61
N ASP C 208 -0.34 -21.95 8.94
CA ASP C 208 -0.46 -20.66 9.63
C ASP C 208 -1.61 -19.85 9.02
N TRP C 209 -2.82 -20.04 9.55
CA TRP C 209 -4.00 -19.49 8.90
C TRP C 209 -3.99 -18.00 8.71
N ARG C 210 -3.55 -17.26 9.72
CA ARG C 210 -3.53 -15.82 9.58
C ARG C 210 -2.55 -15.43 8.51
N GLY C 211 -1.47 -16.21 8.42
CA GLY C 211 -0.42 -15.96 7.43
C GLY C 211 -0.85 -16.08 5.96
N GLY C 212 -2.05 -16.59 5.70
CA GLY C 212 -2.56 -16.66 4.34
C GLY C 212 -3.32 -15.43 3.89
N ARG C 213 -3.59 -14.53 4.84
CA ARG C 213 -4.45 -13.40 4.54
C ARG C 213 -3.68 -12.33 3.73
N ALA C 214 -4.41 -11.62 2.86
CA ALA C 214 -3.78 -10.65 1.94
C ALA C 214 -2.73 -9.78 2.64
N ALA C 215 -1.47 -9.91 2.23
CA ALA C 215 -0.37 -9.30 2.99
C ALA C 215 -0.40 -7.78 3.04
N GLY C 216 -0.83 -7.16 1.94
CA GLY C 216 -0.71 -5.72 1.79
C GLY C 216 -1.86 -4.92 2.37
N TYR C 217 -2.81 -5.60 3.00
CA TYR C 217 -4.10 -5.01 3.39
C TYR C 217 -4.53 -5.49 4.77
N ASN C 218 -3.56 -5.96 5.53
CA ASN C 218 -3.83 -6.43 6.88
C ASN C 218 -2.65 -6.23 7.78
N ILE C 219 -2.96 -5.96 9.04
CA ILE C 219 -2.08 -6.22 10.16
C ILE C 219 -2.34 -7.67 10.57
N ILE C 220 -1.31 -8.50 10.51
CA ILE C 220 -1.46 -9.94 10.66
C ILE C 220 -0.60 -10.49 11.80
N PRO C 221 -1.24 -10.92 12.89
CA PRO C 221 -0.44 -11.54 13.97
C PRO C 221 0.27 -12.76 13.44
N SER C 222 1.56 -12.89 13.79
CA SER C 222 2.30 -14.06 13.38
C SER C 222 3.15 -14.58 14.53
N SER C 223 3.43 -15.87 14.51
CA SER C 223 4.25 -16.48 15.54
C SER C 223 5.68 -16.38 15.07
N THR C 224 6.57 -16.05 16.00
CA THR C 224 7.98 -15.97 15.69
C THR C 224 8.64 -16.78 16.81
N GLY C 225 9.81 -17.30 16.56
CA GLY C 225 10.50 -18.01 17.61
C GLY C 225 11.60 -17.14 18.18
N ALA C 226 11.74 -15.93 17.66
CA ALA C 226 12.93 -15.13 17.91
C ALA C 226 13.24 -14.95 19.39
N ALA C 227 12.25 -14.58 20.19
CA ALA C 227 12.51 -14.28 21.59
C ALA C 227 12.90 -15.54 22.37
N LYS C 228 12.23 -16.66 22.07
CA LYS C 228 12.69 -17.94 22.62
C LYS C 228 14.09 -18.25 22.07
N ALA C 229 14.31 -18.00 20.78
CA ALA C 229 15.60 -18.25 20.14
C ALA C 229 16.79 -17.57 20.83
N VAL C 230 16.58 -16.42 21.46
CA VAL C 230 17.69 -15.63 22.01
C VAL C 230 18.35 -16.40 23.17
N GLY C 231 17.60 -17.31 23.79
CA GLY C 231 18.17 -18.26 24.73
C GLY C 231 19.19 -19.17 24.09
N LEU C 232 19.09 -19.37 22.78
CA LEU C 232 20.04 -20.25 22.09
C LEU C 232 21.36 -19.53 21.81
N VAL C 233 21.35 -18.19 21.83
CA VAL C 233 22.59 -17.46 21.60
C VAL C 233 23.03 -16.72 22.85
N ILE C 234 22.08 -16.48 23.75
CA ILE C 234 22.40 -15.94 25.09
C ILE C 234 21.80 -16.87 26.13
N PRO C 235 22.57 -17.89 26.54
CA PRO C 235 22.01 -18.98 27.34
C PRO C 235 21.31 -18.48 28.59
N SER C 236 21.89 -17.48 29.25
CA SER C 236 21.31 -16.98 30.50
C SER C 236 19.92 -16.34 30.30
N LEU C 237 19.51 -16.14 29.05
CA LEU C 237 18.19 -15.56 28.82
C LEU C 237 17.20 -16.65 28.44
N ASN C 238 17.66 -17.90 28.42
CA ASN C 238 16.78 -18.99 28.05
C ASN C 238 15.58 -19.01 29.00
N GLY C 239 14.39 -18.94 28.42
CA GLY C 239 13.16 -18.97 29.20
C GLY C 239 12.72 -17.62 29.75
N LYS C 240 13.48 -16.57 29.47
CA LYS C 240 13.16 -15.26 30.00
C LYS C 240 12.49 -14.34 28.97
N LEU C 241 12.47 -14.78 27.72
CA LEU C 241 11.83 -13.99 26.65
C LEU C 241 10.83 -14.82 25.89
N THR C 242 9.77 -14.17 25.43
CA THR C 242 8.94 -14.78 24.40
C THR C 242 8.32 -13.63 23.63
N GLY C 243 7.60 -13.91 22.57
CA GLY C 243 7.15 -12.81 21.76
C GLY C 243 6.24 -13.19 20.62
N MET C 244 5.91 -12.19 19.83
CA MET C 244 5.03 -12.38 18.68
C MET C 244 5.37 -11.35 17.62
N ALA C 245 4.70 -11.44 16.49
CA ALA C 245 4.94 -10.53 15.39
C ALA C 245 3.63 -10.04 14.84
N PHE C 246 3.65 -8.85 14.24
CA PHE C 246 2.58 -8.40 13.38
C PHE C 246 3.23 -8.12 12.04
N ARG C 247 2.82 -8.84 11.01
CA ARG C 247 3.19 -8.49 9.65
C ARG C 247 2.33 -7.32 9.21
N VAL C 248 2.96 -6.31 8.63
CA VAL C 248 2.26 -5.11 8.20
C VAL C 248 2.68 -4.75 6.80
N PRO C 249 1.86 -3.96 6.09
CA PRO C 249 2.16 -3.72 4.68
C PRO C 249 3.28 -2.72 4.45
N THR C 250 4.51 -3.19 4.61
CA THR C 250 5.69 -2.48 4.11
C THR C 250 6.53 -3.50 3.37
N VAL C 251 7.29 -3.04 2.39
CA VAL C 251 8.00 -3.97 1.50
C VAL C 251 9.30 -4.46 2.14
N ASP C 252 9.79 -3.70 3.12
CA ASP C 252 11.04 -4.04 3.77
C ASP C 252 11.21 -3.15 4.97
N VAL C 253 12.07 -3.60 5.88
CA VAL C 253 12.38 -2.99 7.18
C VAL C 253 11.31 -3.25 8.23
N SER C 254 11.77 -3.73 9.36
CA SER C 254 10.95 -4.17 10.46
C SER C 254 11.47 -3.51 11.74
N VAL C 255 10.75 -3.70 12.84
CA VAL C 255 11.17 -3.06 14.06
C VAL C 255 10.79 -3.96 15.23
N VAL C 256 11.69 -4.03 16.18
CA VAL C 256 11.49 -4.77 17.42
C VAL C 256 11.05 -3.80 18.52
N ASP C 257 10.07 -4.27 19.29
CA ASP C 257 9.48 -3.55 20.40
C ASP C 257 9.65 -4.51 21.58
N LEU C 258 10.64 -4.27 22.43
CA LEU C 258 10.96 -5.20 23.49
C LEU C 258 10.68 -4.61 24.86
N THR C 259 9.76 -5.23 25.59
CA THR C 259 9.35 -4.72 26.88
C THR C 259 9.99 -5.58 27.93
N CYS C 260 10.74 -4.94 28.82
CA CYS C 260 11.56 -5.63 29.82
C CYS C 260 11.35 -5.13 31.22
N ARG C 261 11.30 -6.09 32.14
CA ARG C 261 11.58 -5.80 33.53
C ARG C 261 13.08 -5.98 33.75
N LEU C 262 13.73 -4.95 34.26
CA LEU C 262 15.16 -5.01 34.55
C LEU C 262 15.42 -5.38 36.02
N GLU C 263 16.47 -6.15 36.24
CA GLU C 263 16.84 -6.58 37.59
C GLU C 263 17.39 -5.40 38.37
N LYS C 264 18.25 -4.64 37.71
CA LYS C 264 18.87 -3.47 38.30
C LYS C 264 18.26 -2.24 37.66
N PRO C 265 18.14 -1.15 38.42
CA PRO C 265 17.53 0.06 37.87
C PRO C 265 18.35 0.68 36.73
N ALA C 266 17.65 1.25 35.75
CA ALA C 266 18.31 1.95 34.67
C ALA C 266 17.56 3.23 34.34
N THR C 267 18.27 4.35 34.31
CA THR C 267 17.66 5.58 33.84
C THR C 267 17.63 5.53 32.33
N LYS C 268 16.81 6.38 31.73
CA LYS C 268 16.78 6.47 30.25
C LYS C 268 18.17 6.79 29.74
N LYS C 269 18.78 7.80 30.34
CA LYS C 269 20.14 8.20 30.00
C LYS C 269 21.11 7.02 30.02
N GLN C 270 21.05 6.23 31.09
CA GLN C 270 21.95 5.09 31.21
C GLN C 270 21.71 4.06 30.11
N ILE C 271 20.44 3.86 29.74
CA ILE C 271 20.13 2.96 28.64
C ILE C 271 20.63 3.51 27.31
N ASP C 272 20.35 4.79 27.06
CA ASP C 272 20.81 5.41 25.83
C ASP C 272 22.31 5.31 25.69
N GLU C 273 23.03 5.60 26.76
CA GLU C 273 24.49 5.65 26.69
C GLU C 273 25.10 4.24 26.65
N ALA C 274 24.48 3.28 27.31
CA ALA C 274 24.86 1.87 27.15
C ALA C 274 24.69 1.40 25.69
N MET C 275 23.56 1.73 25.07
CA MET C 275 23.35 1.39 23.66
C MET C 275 24.34 2.13 22.75
N LYS C 276 24.54 3.41 23.02
CA LYS C 276 25.50 4.20 22.25
CA LYS C 276 25.49 4.18 22.22
C LYS C 276 26.91 3.61 22.36
N ALA C 277 27.30 3.28 23.58
CA ALA C 277 28.63 2.75 23.82
C ALA C 277 28.79 1.42 23.10
N ALA C 278 27.75 0.59 23.20
CA ALA C 278 27.78 -0.70 22.54
C ALA C 278 27.95 -0.50 21.05
N SER C 279 27.26 0.50 20.51
CA SER C 279 27.27 0.72 19.06
C SER C 279 28.68 1.13 18.58
N GLU C 280 29.49 1.67 19.49
CA GLU C 280 30.85 2.06 19.10
C GLU C 280 31.88 1.00 19.45
N SER C 281 31.47 -0.04 20.18
CA SER C 281 32.41 -1.06 20.60
C SER C 281 32.82 -1.85 19.37
N GLU C 282 34.00 -2.45 19.39
CA GLU C 282 34.37 -3.31 18.28
C GLU C 282 33.44 -4.52 18.19
N ARG C 283 32.90 -4.95 19.32
CA ARG C 283 32.02 -6.09 19.34
C ARG C 283 30.80 -5.84 18.45
N PHE C 284 30.18 -4.67 18.57
CA PHE C 284 28.93 -4.44 17.87
C PHE C 284 29.02 -3.45 16.73
N LYS C 285 30.21 -2.95 16.42
CA LYS C 285 30.27 -1.87 15.42
C LYS C 285 29.74 -2.34 14.07
N GLY C 286 28.76 -1.61 13.56
CA GLY C 286 28.14 -1.95 12.28
C GLY C 286 27.05 -2.97 12.46
N ILE C 287 27.01 -3.60 13.64
CA ILE C 287 25.99 -4.60 13.93
C ILE C 287 24.83 -3.97 14.67
N LEU C 288 25.14 -3.45 15.86
CA LEU C 288 24.20 -2.64 16.62
C LEU C 288 24.53 -1.18 16.42
N LYS C 289 23.59 -0.43 15.87
CA LYS C 289 23.77 1.00 15.72
C LYS C 289 22.83 1.76 16.64
N PHE C 290 23.06 3.07 16.73
CA PHE C 290 22.33 3.95 17.61
C PHE C 290 21.74 5.10 16.82
N THR C 291 20.51 5.49 17.11
CA THR C 291 20.05 6.77 16.60
C THR C 291 19.30 7.54 17.68
N ASP C 292 19.39 8.86 17.64
CA ASP C 292 18.54 9.70 18.46
C ASP C 292 17.76 10.67 17.56
N GLU C 293 17.53 10.27 16.32
CA GLU C 293 16.85 11.14 15.36
C GLU C 293 15.43 10.65 15.11
N GLU C 294 14.64 11.46 14.40
CA GLU C 294 13.22 11.18 14.25
C GLU C 294 12.98 10.28 13.07
N VAL C 295 13.51 9.07 13.15
CA VAL C 295 13.55 8.17 12.02
C VAL C 295 12.25 7.38 11.82
N VAL C 296 12.02 6.91 10.61
CA VAL C 296 10.89 6.02 10.34
C VAL C 296 11.45 4.85 9.54
N SER C 297 10.61 3.88 9.16
CA SER C 297 11.20 2.61 8.70
C SER C 297 12.01 2.74 7.41
N SER C 298 11.56 3.57 6.48
CA SER C 298 12.26 3.71 5.20
C SER C 298 13.65 4.26 5.37
N ASP C 299 13.95 4.88 6.52
CA ASP C 299 15.27 5.43 6.75
C ASP C 299 16.30 4.32 6.96
N PHE C 300 15.83 3.10 7.15
CA PHE C 300 16.71 1.96 7.32
C PHE C 300 16.78 1.05 6.12
N VAL C 301 16.14 1.45 5.03
CA VAL C 301 16.29 0.69 3.81
C VAL C 301 17.74 0.77 3.40
N HIS C 302 18.34 -0.40 3.18
CA HIS C 302 19.75 -0.52 2.84
C HIS C 302 20.68 -0.07 3.95
N ASP C 303 20.22 -0.19 5.19
CA ASP C 303 21.09 0.05 6.34
C ASP C 303 21.56 -1.32 6.78
N SER C 304 22.87 -1.55 6.78
CA SER C 304 23.40 -2.89 7.01
C SER C 304 23.40 -3.33 8.50
N ALA C 305 22.91 -2.50 9.42
CA ALA C 305 22.84 -2.87 10.83
C ALA C 305 21.98 -4.11 11.08
N SER C 306 22.32 -4.90 12.08
CA SER C 306 21.39 -5.94 12.53
C SER C 306 20.22 -5.29 13.27
N SER C 307 20.52 -4.14 13.86
CA SER C 307 19.68 -3.56 14.88
C SER C 307 20.07 -2.10 15.06
N THR C 308 19.11 -1.19 15.00
CA THR C 308 19.43 0.18 15.37
C THR C 308 18.54 0.61 16.50
N TYR C 309 19.15 0.82 17.65
CA TYR C 309 18.45 1.27 18.83
C TYR C 309 17.89 2.65 18.62
N ASP C 310 16.60 2.81 18.90
CA ASP C 310 15.92 4.08 18.66
C ASP C 310 15.70 4.74 20.00
N SER C 311 16.49 5.75 20.30
CA SER C 311 16.48 6.31 21.66
C SER C 311 15.21 7.11 21.92
N LYS C 312 14.77 7.88 20.93
CA LYS C 312 13.56 8.70 21.06
C LYS C 312 12.28 7.87 21.14
N ALA C 313 12.27 6.71 20.47
CA ALA C 313 11.07 5.89 20.42
C ALA C 313 11.00 4.96 21.64
N SER C 314 12.15 4.67 22.24
CA SER C 314 12.16 3.79 23.38
C SER C 314 11.59 4.57 24.56
N ILE C 315 10.77 3.92 25.38
CA ILE C 315 10.17 4.61 26.51
C ILE C 315 10.34 3.74 27.74
N CSD C 316 10.19 4.34 28.90
CA CSD C 316 10.09 3.54 30.13
CB CSD C 316 11.41 3.49 30.90
SG CSD C 316 12.08 5.13 31.11
C CSD C 316 9.01 4.07 31.04
O CSD C 316 8.64 5.23 31.00
OD1 CSD C 316 11.71 5.78 29.85
OD2 CSD C 316 13.60 4.74 30.72
N LEU C 317 8.48 3.19 31.89
CA LEU C 317 7.54 3.65 32.88
C LEU C 317 8.33 4.06 34.12
N ASN C 318 9.38 3.29 34.39
CA ASN C 318 10.25 3.57 35.51
C ASN C 318 11.57 2.87 35.29
N GLU C 319 12.42 2.87 36.32
CA GLU C 319 13.78 2.40 36.12
C GLU C 319 13.86 0.88 36.01
N HIS C 320 12.76 0.19 36.24
CA HIS C 320 12.77 -1.26 36.12
C HIS C 320 11.84 -1.79 35.05
N PHE C 321 11.28 -0.92 34.23
CA PHE C 321 10.26 -1.36 33.30
C PHE C 321 10.35 -0.51 32.05
N VAL C 322 10.91 -1.09 31.00
CA VAL C 322 11.25 -0.29 29.82
C VAL C 322 10.75 -0.94 28.55
N LYS C 323 10.59 -0.15 27.50
CA LYS C 323 10.24 -0.65 26.18
C LYS C 323 11.24 -0.09 25.20
N VAL C 324 12.07 -0.98 24.68
CA VAL C 324 13.16 -0.58 23.83
C VAL C 324 12.77 -0.88 22.39
N VAL C 325 12.99 0.10 21.52
CA VAL C 325 12.62 0.04 20.10
C VAL C 325 13.89 -0.12 19.26
N ALA C 326 13.93 -1.11 18.38
CA ALA C 326 15.11 -1.29 17.52
C ALA C 326 14.72 -1.66 16.09
N TRP C 327 15.25 -0.89 15.13
CA TRP C 327 14.97 -1.06 13.70
C TRP C 327 15.87 -2.09 13.02
N TYR C 328 15.36 -2.78 12.01
CA TYR C 328 16.25 -3.61 11.21
C TYR C 328 15.75 -3.77 9.78
N ASP C 329 16.67 -3.56 8.84
CA ASP C 329 16.40 -3.93 7.48
C ASP C 329 16.49 -5.45 7.42
N ASN C 330 15.34 -6.11 7.39
CA ASN C 330 15.31 -7.56 7.49
C ASN C 330 15.99 -8.24 6.32
N GLU C 331 16.01 -7.56 5.17
CA GLU C 331 16.78 -8.06 4.03
C GLU C 331 18.29 -7.77 4.10
N TRP C 332 18.63 -6.51 4.24
CA TRP C 332 19.99 -6.08 3.99
C TRP C 332 20.87 -6.29 5.22
N GLY C 333 20.32 -6.02 6.40
CA GLY C 333 21.08 -6.28 7.61
C GLY C 333 21.48 -7.74 7.69
N TYR C 334 20.49 -8.61 7.65
CA TYR C 334 20.72 -10.05 7.72
C TYR C 334 21.71 -10.55 6.66
N SER C 335 21.56 -10.06 5.42
CA SER C 335 22.42 -10.49 4.33
C SER C 335 23.86 -10.15 4.60
N ASN C 336 24.11 -8.93 5.09
CA ASN C 336 25.45 -8.62 5.50
C ASN C 336 25.92 -9.51 6.67
N ARG C 337 25.01 -9.82 7.59
CA ARG C 337 25.42 -10.68 8.70
C ARG C 337 25.83 -12.08 8.22
N VAL C 338 25.18 -12.57 7.16
CA VAL C 338 25.57 -13.87 6.62
C VAL C 338 27.03 -13.83 6.17
N LEU C 339 27.42 -12.77 5.48
CA LEU C 339 28.80 -12.67 5.02
C LEU C 339 29.73 -12.49 6.22
N ASP C 340 29.27 -11.73 7.22
CA ASP C 340 30.10 -11.58 8.43
C ASP C 340 30.33 -12.91 9.11
N LEU C 341 29.29 -13.73 9.17
CA LEU C 341 29.40 -15.00 9.88
C LEU C 341 30.36 -15.95 9.15
N ILE C 342 30.26 -15.93 7.83
CA ILE C 342 31.13 -16.72 6.98
C ILE C 342 32.57 -16.31 7.19
N LYS C 343 32.79 -15.01 7.13
CA LYS C 343 34.11 -14.43 7.39
C LYS C 343 34.61 -14.83 8.78
N SER C 344 33.77 -14.66 9.79
CA SER C 344 34.16 -14.92 11.17
C SER C 344 34.59 -16.36 11.35
N THR C 345 33.73 -17.27 10.89
CA THR C 345 33.93 -18.70 11.13
C THR C 345 35.00 -19.30 10.24
N ALA C 346 35.24 -18.69 9.09
CA ALA C 346 36.23 -19.21 8.17
C ALA C 346 37.61 -19.19 8.82
N LYS C 347 37.83 -18.21 9.70
CA LYS C 347 39.10 -18.08 10.43
C LYS C 347 39.32 -19.25 11.37
N ILE C 348 38.24 -19.94 11.71
CA ILE C 348 38.30 -21.07 12.64
C ILE C 348 38.42 -22.37 11.86
N GLN C 349 39.61 -22.98 11.91
CA GLN C 349 39.89 -24.20 11.15
C GLN C 349 40.20 -25.39 12.05
N HIS D 16 -38.02 13.15 22.98
CA HIS D 16 -37.76 11.90 22.28
C HIS D 16 -36.26 11.78 21.98
N MET D 17 -35.92 11.90 20.69
CA MET D 17 -34.54 11.72 20.23
C MET D 17 -33.61 12.82 20.72
N VAL D 18 -32.35 12.50 20.90
CA VAL D 18 -31.38 13.53 21.21
C VAL D 18 -30.96 14.20 19.90
N LYS D 19 -31.12 15.51 19.79
CA LYS D 19 -30.71 16.19 18.55
C LYS D 19 -29.26 16.59 18.61
N ILE D 20 -28.53 16.21 17.56
CA ILE D 20 -27.07 16.32 17.54
C ILE D 20 -26.60 17.21 16.41
N GLY D 21 -25.60 18.05 16.68
CA GLY D 21 -24.89 18.74 15.62
C GLY D 21 -23.49 18.13 15.49
N ILE D 22 -22.95 18.15 14.27
CA ILE D 22 -21.60 17.64 14.06
C ILE D 22 -20.71 18.76 13.58
N ASN D 23 -19.62 19.01 14.30
CA ASN D 23 -18.64 19.99 13.86
C ASN D 23 -17.39 19.27 13.36
N GLY D 24 -17.19 19.29 12.03
CA GLY D 24 -16.07 18.57 11.44
C GLY D 24 -16.60 17.26 10.88
N PHE D 25 -16.93 17.29 9.59
CA PHE D 25 -17.61 16.18 8.96
C PHE D 25 -16.57 15.28 8.29
N GLY D 26 -15.60 14.83 9.08
CA GLY D 26 -14.51 14.04 8.53
C GLY D 26 -14.77 12.55 8.74
N ARG D 27 -13.72 11.79 8.96
CA ARG D 27 -13.88 10.35 9.11
C ARG D 27 -14.82 10.04 10.29
N ILE D 28 -14.51 10.60 11.46
CA ILE D 28 -15.38 10.43 12.61
C ILE D 28 -16.72 11.13 12.41
N GLY D 29 -16.71 12.37 11.97
CA GLY D 29 -17.95 13.10 11.72
C GLY D 29 -18.95 12.32 10.87
N ARG D 30 -18.47 11.83 9.73
CA ARG D 30 -19.34 11.17 8.77
C ARG D 30 -19.84 9.81 9.24
N LEU D 31 -19.05 9.18 10.09
CA LEU D 31 -19.38 7.81 10.49
C LEU D 31 -20.25 7.82 11.74
N VAL D 32 -20.03 8.80 12.61
CA VAL D 32 -21.01 9.15 13.62
C VAL D 32 -22.34 9.43 12.90
N PHE D 33 -22.27 10.17 11.79
CA PHE D 33 -23.51 10.43 11.06
C PHE D 33 -24.18 9.13 10.56
N ARG D 34 -23.42 8.25 9.92
CA ARG D 34 -24.02 7.02 9.40
C ARG D 34 -24.57 6.19 10.54
N ALA D 35 -23.84 6.12 11.63
CA ALA D 35 -24.28 5.30 12.74
C ALA D 35 -25.58 5.88 13.31
N SER D 36 -25.70 7.21 13.30
CA SER D 36 -26.89 7.88 13.85
C SER D 36 -28.15 7.55 13.06
N LEU D 37 -27.99 7.10 11.81
CA LEU D 37 -29.15 6.74 10.99
C LEU D 37 -29.66 5.37 11.36
N GLU D 38 -28.86 4.60 12.10
CA GLU D 38 -29.20 3.21 12.42
C GLU D 38 -29.85 3.09 13.77
N ARG D 39 -30.10 4.21 14.43
CA ARG D 39 -30.73 4.15 15.73
C ARG D 39 -31.71 5.29 15.90
N THR D 40 -32.80 5.01 16.59
CA THR D 40 -33.91 5.93 16.58
C THR D 40 -33.89 6.88 17.77
N ASP D 41 -32.91 6.74 18.65
CA ASP D 41 -32.87 7.56 19.86
C ASP D 41 -32.03 8.83 19.69
N VAL D 42 -31.29 8.91 18.59
CA VAL D 42 -30.48 10.10 18.32
C VAL D 42 -30.65 10.50 16.86
N GLU D 43 -30.55 11.80 16.57
CA GLU D 43 -30.56 12.21 15.18
C GLU D 43 -29.69 13.43 14.99
N VAL D 44 -28.94 13.42 13.90
CA VAL D 44 -28.09 14.54 13.51
C VAL D 44 -28.93 15.54 12.72
N VAL D 45 -28.97 16.79 13.17
CA VAL D 45 -29.85 17.78 12.58
C VAL D 45 -29.07 18.91 11.91
N ALA D 46 -27.77 18.97 12.14
CA ALA D 46 -26.97 20.04 11.58
C ALA D 46 -25.50 19.61 11.53
N ILE D 47 -24.81 20.07 10.49
CA ILE D 47 -23.44 19.67 10.25
C ILE D 47 -22.65 20.89 9.82
N ASN D 48 -21.46 21.08 10.39
CA ASN D 48 -20.59 22.17 9.97
C ASN D 48 -19.28 21.61 9.46
N ASP D 49 -18.88 21.97 8.25
CA ASP D 49 -17.54 21.67 7.78
C ASP D 49 -17.08 22.76 6.84
N ILE D 50 -15.98 23.45 7.19
CA ILE D 50 -15.56 24.59 6.38
C ILE D 50 -14.95 24.22 5.05
N MET D 51 -14.74 22.93 4.82
CA MET D 51 -14.11 22.51 3.56
C MET D 51 -15.11 21.85 2.61
N MET D 52 -16.40 21.95 2.92
CA MET D 52 -17.42 21.24 2.13
C MET D 52 -18.64 22.08 1.87
N THR D 53 -19.11 22.05 0.65
CA THR D 53 -20.42 22.57 0.31
C THR D 53 -21.40 21.43 0.55
N PRO D 54 -22.71 21.73 0.62
CA PRO D 54 -23.70 20.64 0.76
C PRO D 54 -23.53 19.57 -0.33
N GLU D 55 -23.24 20.02 -1.53
CA GLU D 55 -23.06 19.14 -2.65
C GLU D 55 -21.89 18.19 -2.41
N TYR D 56 -20.80 18.74 -1.90
CA TYR D 56 -19.62 17.94 -1.69
C TYR D 56 -19.88 17.03 -0.49
N MET D 57 -20.68 17.52 0.44
CA MET D 57 -20.99 16.75 1.64
CA MET D 57 -20.97 16.73 1.64
C MET D 57 -21.71 15.44 1.28
N ILE D 58 -22.66 15.51 0.35
CA ILE D 58 -23.37 14.27 0.07
C ILE D 58 -22.49 13.30 -0.74
N TYR D 59 -21.56 13.83 -1.53
CA TYR D 59 -20.56 12.96 -2.15
C TYR D 59 -19.78 12.19 -1.10
N MET D 60 -19.42 12.86 -0.01
CA MET D 60 -18.54 12.23 0.96
C MET D 60 -19.28 11.18 1.79
N ILE D 61 -20.56 11.40 2.04
CA ILE D 61 -21.41 10.40 2.63
C ILE D 61 -21.66 9.24 1.69
N LYS D 62 -21.91 9.54 0.41
CA LYS D 62 -22.32 8.54 -0.56
C LYS D 62 -21.28 7.44 -0.73
N TYR D 63 -20.02 7.87 -0.81
CA TYR D 63 -18.94 6.93 -1.09
C TYR D 63 -17.95 6.94 0.06
N ASP D 64 -17.58 5.76 0.52
CA ASP D 64 -16.64 5.61 1.64
C ASP D 64 -15.65 4.50 1.29
N THR D 65 -14.38 4.84 1.17
CA THR D 65 -13.37 3.87 0.81
C THR D 65 -13.37 2.64 1.74
N VAL D 66 -13.69 2.86 2.99
CA VAL D 66 -13.57 1.79 3.99
C VAL D 66 -14.90 1.10 4.24
N HIS D 67 -15.92 1.90 4.48
CA HIS D 67 -17.16 1.37 5.01
C HIS D 67 -18.22 1.21 3.93
N GLY D 68 -17.82 1.42 2.68
CA GLY D 68 -18.69 1.10 1.56
C GLY D 68 -19.72 2.18 1.24
N LYS D 69 -20.45 1.96 0.15
CA LYS D 69 -21.43 2.91 -0.37
C LYS D 69 -22.59 3.08 0.57
N PHE D 70 -23.01 4.32 0.74
CA PHE D 70 -24.25 4.61 1.42
C PHE D 70 -25.39 3.98 0.63
N HIS D 71 -26.26 3.23 1.31
CA HIS D 71 -27.30 2.49 0.60
C HIS D 71 -28.49 3.36 0.25
N GLY D 72 -28.70 4.44 1.00
CA GLY D 72 -29.81 5.34 0.76
C GLY D 72 -29.61 6.33 -0.38
N LYS D 73 -30.48 7.34 -0.41
CA LYS D 73 -30.48 8.31 -1.49
C LYS D 73 -30.17 9.71 -0.96
N LEU D 74 -29.37 10.47 -1.71
CA LEU D 74 -28.90 11.78 -1.25
C LEU D 74 -29.23 12.89 -2.24
N GLU D 75 -29.65 14.01 -1.70
CA GLU D 75 -29.85 15.24 -2.46
C GLU D 75 -29.33 16.40 -1.58
N HIS D 76 -29.34 17.61 -2.12
CA HIS D 76 -28.91 18.75 -1.36
C HIS D 76 -29.60 20.02 -1.80
N THR D 77 -29.54 21.03 -0.96
CA THR D 77 -29.96 22.35 -1.37
C THR D 77 -28.74 23.25 -1.25
N GLU D 78 -28.96 24.56 -1.23
CA GLU D 78 -27.86 25.51 -1.07
C GLU D 78 -27.40 25.56 0.38
N LYS D 79 -28.20 25.01 1.29
CA LYS D 79 -27.88 25.16 2.71
C LYS D 79 -28.10 23.90 3.52
N SER D 80 -28.37 22.79 2.85
CA SER D 80 -28.68 21.57 3.55
C SER D 80 -28.36 20.38 2.69
N ILE D 81 -28.22 19.25 3.35
CA ILE D 81 -28.24 17.97 2.66
C ILE D 81 -29.54 17.26 2.99
N ILE D 82 -29.98 16.41 2.07
CA ILE D 82 -31.19 15.64 2.26
C ILE D 82 -30.81 14.16 2.33
N VAL D 83 -30.91 13.55 3.51
CA VAL D 83 -30.52 12.17 3.66
C VAL D 83 -31.72 11.31 3.99
N ASN D 84 -31.95 10.30 3.17
CA ASN D 84 -33.16 9.50 3.20
C ASN D 84 -34.41 10.37 3.36
N GLY D 85 -34.44 11.46 2.60
CA GLY D 85 -35.60 12.32 2.56
C GLY D 85 -35.68 13.34 3.68
N ARG D 86 -34.66 13.34 4.54
CA ARG D 86 -34.66 14.21 5.71
C ARG D 86 -33.63 15.32 5.57
N GLU D 87 -34.07 16.56 5.78
CA GLU D 87 -33.16 17.70 5.68
C GLU D 87 -32.23 17.85 6.89
N ILE D 88 -30.95 17.97 6.63
CA ILE D 88 -29.99 18.24 7.70
C ILE D 88 -29.30 19.55 7.35
N HIS D 89 -29.31 20.51 8.26
CA HIS D 89 -28.85 21.84 7.91
C HIS D 89 -27.34 21.87 7.84
N VAL D 90 -26.80 22.56 6.83
CA VAL D 90 -25.36 22.63 6.62
C VAL D 90 -24.84 24.02 6.94
N LEU D 91 -23.88 24.10 7.84
CA LEU D 91 -23.31 25.37 8.20
C LEU D 91 -21.90 25.43 7.61
N CME D 92 -21.37 26.65 7.52
CA CME D 92 -20.02 26.87 7.02
CB CME D 92 -19.95 27.29 5.54
SG CME D 92 -18.29 27.05 4.84
SD CME D 92 -18.60 26.11 3.07
C CME D 92 -19.59 28.06 7.92
O CME D 92 -19.74 29.22 7.58
N GLU D 93 -19.09 27.72 9.11
CA GLU D 93 -18.46 28.70 9.99
C GLU D 93 -17.16 28.16 10.51
N ARG D 94 -16.06 28.85 10.22
CA ARG D 94 -14.76 28.48 10.75
C ARG D 94 -14.72 28.59 12.28
N ASP D 95 -15.40 29.58 12.81
CA ASP D 95 -15.35 29.88 14.24
C ASP D 95 -16.55 29.26 14.94
N PRO D 96 -16.30 28.30 15.85
CA PRO D 96 -17.43 27.62 16.48
C PRO D 96 -18.35 28.54 17.25
N GLU D 97 -17.86 29.65 17.78
CA GLU D 97 -18.69 30.58 18.53
CA GLU D 97 -18.72 30.54 18.55
C GLU D 97 -19.78 31.18 17.65
N GLN D 98 -19.59 31.08 16.33
CA GLN D 98 -20.53 31.69 15.40
C GLN D 98 -21.55 30.69 14.87
N LEU D 99 -21.44 29.44 15.32
CA LEU D 99 -22.32 28.36 14.87
C LEU D 99 -23.66 28.45 15.57
N PRO D 100 -24.76 28.55 14.81
CA PRO D 100 -26.05 28.75 15.47
C PRO D 100 -26.77 27.45 15.83
N TRP D 101 -26.14 26.65 16.68
CA TRP D 101 -26.70 25.36 17.05
C TRP D 101 -28.08 25.48 17.67
N GLY D 102 -28.24 26.46 18.55
CA GLY D 102 -29.49 26.66 19.27
C GLY D 102 -30.66 26.86 18.33
N GLN D 103 -30.41 27.55 17.23
CA GLN D 103 -31.43 27.72 16.21
C GLN D 103 -31.93 26.42 15.62
N HIS D 104 -31.15 25.36 15.76
CA HIS D 104 -31.55 24.08 15.22
C HIS D 104 -31.83 23.10 16.35
N ASN D 105 -32.08 23.63 17.54
CA ASN D 105 -32.44 22.83 18.68
C ASN D 105 -31.43 21.71 18.96
N VAL D 106 -30.16 21.98 18.66
CA VAL D 106 -29.09 21.03 18.91
C VAL D 106 -28.77 20.90 20.42
N GLU D 107 -28.85 19.67 20.91
CA GLU D 107 -28.59 19.39 22.32
C GLU D 107 -27.10 19.15 22.47
N TYR D 108 -26.62 18.14 21.76
CA TYR D 108 -25.22 17.78 21.79
C TYR D 108 -24.52 18.19 20.51
N VAL D 109 -23.31 18.73 20.65
CA VAL D 109 -22.41 18.90 19.52
C VAL D 109 -21.31 17.86 19.63
N VAL D 110 -21.09 17.16 18.53
CA VAL D 110 -19.94 16.29 18.37
C VAL D 110 -18.82 17.13 17.80
N GLU D 111 -17.78 17.36 18.58
CA GLU D 111 -16.69 18.21 18.13
C GLU D 111 -15.59 17.34 17.53
N SER D 112 -15.62 17.17 16.21
CA SER D 112 -14.76 16.23 15.52
C SER D 112 -13.94 16.87 14.38
N THR D 113 -13.55 18.13 14.57
CA THR D 113 -12.67 18.82 13.62
C THR D 113 -11.22 18.43 13.85
N GLY D 114 -10.91 18.00 15.07
CA GLY D 114 -9.54 17.75 15.45
C GLY D 114 -8.77 19.00 15.86
N ILE D 115 -9.41 20.17 15.77
CA ILE D 115 -8.66 21.36 16.15
C ILE D 115 -9.25 22.13 17.35
N PHE D 116 -10.37 21.68 17.91
CA PHE D 116 -10.93 22.34 19.09
C PHE D 116 -10.99 21.36 20.26
N THR D 117 -9.85 20.79 20.57
CA THR D 117 -9.79 19.75 21.60
C THR D 117 -9.37 20.35 22.95
N LYS D 118 -9.71 21.60 23.19
CA LYS D 118 -9.46 22.21 24.49
C LYS D 118 -10.77 22.61 25.11
N LEU D 119 -10.81 22.62 26.45
CA LEU D 119 -11.96 23.12 27.20
C LEU D 119 -12.49 24.41 26.60
N ASP D 120 -11.62 25.39 26.42
CA ASP D 120 -12.09 26.71 26.01
C ASP D 120 -12.57 26.71 24.57
N SER D 121 -11.91 25.98 23.69
CA SER D 121 -12.28 26.02 22.29
C SER D 121 -13.58 25.21 22.07
N ALA D 122 -13.66 24.03 22.67
CA ALA D 122 -14.84 23.20 22.51
C ALA D 122 -16.07 23.85 23.17
N ALA D 123 -15.83 24.64 24.22
CA ALA D 123 -16.93 25.30 24.94
C ALA D 123 -17.57 26.39 24.10
N LYS D 124 -16.86 26.82 23.07
CA LYS D 124 -17.37 27.83 22.16
C LYS D 124 -18.71 27.43 21.53
N HIS D 125 -18.99 26.12 21.44
CA HIS D 125 -20.27 25.66 20.91
C HIS D 125 -21.43 26.02 21.82
N LEU D 126 -21.15 26.20 23.11
CA LEU D 126 -22.20 26.57 24.03
C LEU D 126 -22.73 27.98 23.74
N LYS D 127 -21.85 28.84 23.25
CA LYS D 127 -22.22 30.23 22.95
C LYS D 127 -23.29 30.29 21.87
N GLY D 128 -23.26 29.35 20.95
CA GLY D 128 -24.28 29.28 19.91
C GLY D 128 -25.52 28.52 20.32
N GLY D 129 -25.57 28.04 21.56
CA GLY D 129 -26.78 27.44 22.09
C GLY D 129 -26.80 25.92 22.19
N ALA D 130 -25.70 25.27 21.85
CA ALA D 130 -25.58 23.84 22.14
C ALA D 130 -25.63 23.67 23.65
N LYS D 131 -26.17 22.54 24.12
CA LYS D 131 -26.27 22.34 25.56
C LYS D 131 -25.04 21.64 26.08
N ARG D 132 -24.54 20.69 25.28
CA ARG D 132 -23.39 19.90 25.67
C ARG D 132 -22.53 19.57 24.47
N VAL D 133 -21.26 19.37 24.74
CA VAL D 133 -20.28 19.10 23.70
C VAL D 133 -19.53 17.83 24.02
N VAL D 134 -19.44 16.94 23.03
CA VAL D 134 -18.56 15.79 23.15
C VAL D 134 -17.41 15.96 22.17
N ILE D 135 -16.22 16.13 22.69
CA ILE D 135 -15.04 16.18 21.86
C ILE D 135 -14.66 14.77 21.45
N SER D 136 -14.50 14.56 20.16
CA SER D 136 -14.18 13.22 19.63
C SER D 136 -12.71 12.89 19.71
N ALA D 137 -12.05 13.21 20.82
CA ALA D 137 -10.60 13.06 20.90
C ALA D 137 -10.13 13.24 22.33
N PRO D 138 -8.87 12.86 22.63
CA PRO D 138 -8.33 13.18 23.95
C PRO D 138 -8.39 14.67 24.19
N ALA D 139 -8.77 15.06 25.40
CA ALA D 139 -8.77 16.45 25.76
C ALA D 139 -8.61 16.54 27.25
N ASP D 140 -8.15 17.69 27.71
CA ASP D 140 -8.09 17.91 29.14
C ASP D 140 -9.45 18.41 29.60
N THR D 141 -10.43 17.52 29.52
CA THR D 141 -11.81 17.75 29.95
C THR D 141 -12.22 16.44 30.62
N PRO D 142 -13.42 16.37 31.22
CA PRO D 142 -13.83 15.05 31.69
C PRO D 142 -13.82 14.06 30.54
N THR D 143 -13.20 12.92 30.79
CA THR D 143 -12.86 11.93 29.77
C THR D 143 -13.65 10.67 30.01
N PHE D 144 -14.35 10.19 28.99
CA PHE D 144 -15.21 9.03 29.19
C PHE D 144 -14.93 7.90 28.25
N VAL D 145 -14.99 6.68 28.82
CA VAL D 145 -14.97 5.48 28.03
C VAL D 145 -16.20 4.66 28.40
N MET D 146 -17.06 4.45 27.42
CA MET D 146 -18.27 3.67 27.63
C MET D 146 -17.94 2.30 28.18
N GLY D 147 -18.69 1.88 29.19
CA GLY D 147 -18.43 0.59 29.82
C GLY D 147 -17.47 0.70 30.99
N VAL D 148 -16.66 1.75 31.00
CA VAL D 148 -15.66 1.88 32.04
C VAL D 148 -16.06 2.98 33.04
N ASN D 149 -16.35 4.18 32.56
CA ASN D 149 -16.71 5.23 33.50
C ASN D 149 -17.82 6.17 33.08
N ASN D 150 -18.63 5.77 32.10
CA ASN D 150 -19.66 6.70 31.64
C ASN D 150 -20.69 7.06 32.73
N HIS D 151 -20.80 6.22 33.75
CA HIS D 151 -21.75 6.52 34.81
C HIS D 151 -21.22 7.53 35.82
N GLU D 152 -19.99 7.97 35.66
CA GLU D 152 -19.46 9.06 36.48
C GLU D 152 -19.82 10.44 35.90
N TYR D 153 -20.53 10.46 34.79
CA TYR D 153 -20.94 11.73 34.19
C TYR D 153 -21.85 12.54 35.14
N LYS D 154 -21.58 13.83 35.28
CA LYS D 154 -22.45 14.72 36.03
C LYS D 154 -22.91 15.87 35.13
N PRO D 155 -24.15 16.35 35.33
CA PRO D 155 -24.78 17.31 34.41
C PRO D 155 -24.08 18.67 34.30
N GLU D 156 -23.29 19.05 35.30
CA GLU D 156 -22.52 20.29 35.15
C GLU D 156 -21.42 20.14 34.09
N MET D 157 -21.13 18.90 33.70
CA MET D 157 -20.12 18.65 32.67
C MET D 157 -20.70 18.90 31.29
N THR D 158 -20.62 20.16 30.84
CA THR D 158 -21.16 20.55 29.54
C THR D 158 -20.15 20.33 28.40
N VAL D 159 -18.89 20.13 28.75
CA VAL D 159 -17.88 19.82 27.75
C VAL D 159 -17.13 18.60 28.22
N ILE D 160 -17.31 17.50 27.52
CA ILE D 160 -16.65 16.25 27.85
C ILE D 160 -15.95 15.70 26.62
N ASN D 161 -15.15 14.67 26.80
CA ASN D 161 -14.59 14.00 25.64
C ASN D 161 -14.74 12.48 25.72
N ASN D 162 -14.70 11.84 24.57
CA ASN D 162 -14.89 10.39 24.44
C ASN D 162 -13.55 9.69 24.27
N ALA D 163 -12.48 10.35 24.73
CA ALA D 163 -11.13 9.78 24.72
C ALA D 163 -10.66 9.50 23.29
N SER D 164 -9.57 8.76 23.15
CA SER D 164 -9.16 8.39 21.81
C SER D 164 -9.73 7.05 21.46
N CSD D 165 -9.63 6.69 20.18
CA CSD D 165 -9.95 5.32 19.76
CB CSD D 165 -9.82 5.14 18.20
SG CSD D 165 -8.38 5.96 17.40
C CSD D 165 -9.10 4.29 20.57
O CSD D 165 -9.60 3.29 21.06
OD1 CSD D 165 -7.22 5.41 18.13
OD2 CSD D 165 -8.43 7.45 18.07
N OCS D 165 -9.61 6.70 20.18
CA OCS D 165 -9.90 5.33 19.72
CB OCS D 165 -9.62 5.16 18.21
SG OCS D 165 -8.17 5.96 17.59
C OCS D 165 -9.10 4.30 20.57
O OCS D 165 -9.62 3.32 21.08
OD1 OCS D 165 -7.06 5.12 17.94
OD2 OCS D 165 -8.12 7.24 18.33
OD3 OCS D 165 -8.39 6.23 16.20
N THR D 166 -7.81 4.58 20.72
CA THR D 166 -6.90 3.69 21.43
C THR D 166 -7.25 3.52 22.92
N THR D 167 -7.61 4.61 23.58
CA THR D 167 -8.05 4.55 24.96
C THR D 167 -9.32 3.70 25.11
N ASN D 168 -10.23 3.83 24.16
CA ASN D 168 -11.45 3.04 24.17
C ASN D 168 -11.17 1.57 23.93
N CYS D 169 -10.09 1.25 23.21
CA CYS D 169 -9.70 -0.15 23.08
C CYS D 169 -9.05 -0.64 24.37
N LEU D 170 -8.09 0.12 24.86
CA LEU D 170 -7.27 -0.25 26.03
C LEU D 170 -8.01 -0.29 27.35
N ALA D 171 -8.85 0.72 27.62
CA ALA D 171 -9.48 0.83 28.92
C ALA D 171 -10.29 -0.42 29.33
N PRO D 172 -11.15 -0.95 28.43
CA PRO D 172 -11.91 -2.14 28.84
C PRO D 172 -11.00 -3.32 29.15
N ILE D 173 -9.95 -3.45 28.36
CA ILE D 173 -8.96 -4.50 28.55
C ILE D 173 -8.28 -4.34 29.92
N ALA D 174 -7.89 -3.11 30.24
CA ALA D 174 -7.21 -2.83 31.50
C ALA D 174 -8.15 -3.06 32.66
N ALA D 175 -9.40 -2.61 32.52
CA ALA D 175 -10.41 -2.76 33.55
C ALA D 175 -10.55 -4.22 33.91
N VAL D 176 -10.65 -5.08 32.90
CA VAL D 176 -10.76 -6.52 33.14
C VAL D 176 -9.52 -7.09 33.83
N LEU D 177 -8.34 -6.75 33.33
CA LEU D 177 -7.11 -7.27 33.95
C LEU D 177 -6.98 -6.78 35.37
N HIS D 178 -7.22 -5.49 35.54
CA HIS D 178 -6.98 -4.86 36.82
C HIS D 178 -7.99 -5.39 37.83
N GLU D 179 -9.24 -5.55 37.41
CA GLU D 179 -10.26 -6.06 38.32
C GLU D 179 -10.03 -7.52 38.67
N ASN D 180 -9.51 -8.31 37.75
CA ASN D 180 -9.32 -9.73 38.04
C ASN D 180 -7.97 -10.05 38.64
N PHE D 181 -6.94 -9.35 38.19
CA PHE D 181 -5.59 -9.79 38.59
C PHE D 181 -4.82 -8.65 39.20
N GLY D 182 -5.18 -7.43 38.84
CA GLY D 182 -4.49 -6.26 39.34
C GLY D 182 -3.30 -5.98 38.44
N ILE D 183 -3.31 -4.82 37.81
CA ILE D 183 -2.16 -4.41 37.03
C ILE D 183 -1.17 -3.66 37.89
N VAL D 184 0.06 -4.16 37.95
CA VAL D 184 1.10 -3.52 38.73
C VAL D 184 1.65 -2.38 37.88
N GLU D 185 1.89 -2.69 36.61
CA GLU D 185 2.37 -1.72 35.64
C GLU D 185 2.21 -2.30 34.26
N GLY D 186 2.14 -1.42 33.28
CA GLY D 186 1.93 -1.88 31.92
C GLY D 186 2.51 -0.90 30.92
N LEU D 187 3.02 -1.45 29.82
CA LEU D 187 3.53 -0.66 28.71
C LEU D 187 2.72 -1.06 27.50
N MET D 188 2.21 -0.08 26.76
CA MET D 188 1.32 -0.38 25.66
C MET D 188 1.92 0.06 24.35
N THR D 189 1.77 -0.76 23.33
CA THR D 189 2.01 -0.31 21.97
C THR D 189 0.72 -0.45 21.21
N THR D 190 0.38 0.52 20.38
CA THR D 190 -0.69 0.26 19.45
C THR D 190 -0.12 0.29 18.04
N VAL D 191 -0.46 -0.73 17.27
CA VAL D 191 -0.13 -0.74 15.86
C VAL D 191 -1.37 -0.22 15.14
N HIS D 192 -1.24 0.94 14.56
CA HIS D 192 -2.39 1.79 14.25
C HIS D 192 -2.46 2.15 12.77
N ALA D 193 -3.69 2.14 12.24
CA ALA D 193 -3.96 2.50 10.85
C ALA D 193 -3.60 3.96 10.59
N VAL D 194 -3.34 4.30 9.34
CA VAL D 194 -3.11 5.70 9.02
C VAL D 194 -4.37 6.54 9.28
N THR D 195 -4.20 7.81 9.64
CA THR D 195 -5.35 8.70 9.75
C THR D 195 -5.03 9.99 9.01
N ALA D 196 -6.01 10.89 8.98
CA ALA D 196 -5.94 12.16 8.26
C ALA D 196 -4.82 13.07 8.71
N THR D 197 -4.30 12.84 9.91
CA THR D 197 -3.19 13.67 10.40
C THR D 197 -1.90 13.34 9.65
N GLN D 198 -1.86 12.24 8.89
CA GLN D 198 -0.64 11.87 8.20
C GLN D 198 -0.75 12.22 6.72
N PRO D 199 0.36 12.63 6.11
CA PRO D 199 0.36 12.98 4.70
C PRO D 199 0.70 11.78 3.84
N THR D 200 0.48 11.89 2.53
CA THR D 200 0.74 10.78 1.63
C THR D 200 2.22 10.72 1.23
N VAL D 201 2.90 11.86 1.32
CA VAL D 201 4.31 11.95 1.00
C VAL D 201 5.03 12.64 2.16
N ASP D 202 6.36 12.59 2.20
CA ASP D 202 7.12 13.27 3.25
C ASP D 202 6.74 14.74 3.26
N ALA D 203 6.11 15.19 4.33
CA ALA D 203 5.57 16.54 4.36
C ALA D 203 5.80 17.20 5.73
N PRO D 204 5.47 18.50 5.86
CA PRO D 204 5.75 19.09 7.17
C PRO D 204 4.78 18.65 8.24
N SER D 205 5.35 18.42 9.41
CA SER D 205 4.61 18.12 10.62
C SER D 205 5.44 18.69 11.77
N ARG D 206 5.42 20.02 11.95
CA ARG D 206 6.39 20.72 12.80
C ARG D 206 6.40 20.24 14.24
N LYS D 207 5.25 19.80 14.73
CA LYS D 207 5.13 19.40 16.14
C LYS D 207 5.35 17.90 16.33
N ASP D 208 5.51 17.18 15.23
CA ASP D 208 5.71 15.73 15.30
C ASP D 208 6.43 15.26 14.05
N TRP D 209 7.75 15.35 14.06
CA TRP D 209 8.52 15.19 12.83
C TRP D 209 8.25 13.88 12.14
N ARG D 210 8.18 12.81 12.92
CA ARG D 210 8.01 11.52 12.28
C ARG D 210 6.65 11.46 11.62
N GLY D 211 5.68 12.19 12.16
CA GLY D 211 4.30 12.15 11.68
C GLY D 211 4.16 12.79 10.30
N GLY D 212 5.20 13.49 9.88
CA GLY D 212 5.21 14.06 8.55
C GLY D 212 5.63 13.08 7.47
N ARG D 213 6.16 11.92 7.83
CA ARG D 213 6.73 11.07 6.79
C ARG D 213 5.64 10.29 6.04
N ALA D 214 5.90 9.96 4.78
CA ALA D 214 4.90 9.35 3.89
C ALA D 214 4.18 8.20 4.60
N ALA D 215 2.88 8.34 4.82
CA ALA D 215 2.12 7.40 5.66
C ALA D 215 2.09 6.00 5.09
N GLY D 216 1.91 5.91 3.78
CA GLY D 216 1.69 4.62 3.15
C GLY D 216 2.93 3.78 2.98
N TYR D 217 4.10 4.33 3.34
CA TYR D 217 5.38 3.70 2.99
C TYR D 217 6.35 3.63 4.16
N ASN D 218 5.80 3.71 5.36
CA ASN D 218 6.61 3.70 6.57
C ASN D 218 5.88 3.09 7.74
N ILE D 219 6.63 2.40 8.57
CA ILE D 219 6.26 2.18 9.97
C ILE D 219 6.73 3.41 10.74
N ILE D 220 5.81 4.10 11.40
CA ILE D 220 6.13 5.40 12.02
C ILE D 220 5.84 5.43 13.51
N PRO D 221 6.88 5.54 14.34
CA PRO D 221 6.65 5.72 15.77
C PRO D 221 5.90 6.99 16.01
N SER D 222 4.93 6.92 16.89
CA SER D 222 4.09 8.05 17.19
C SER D 222 3.78 8.01 18.65
N SER D 223 3.42 9.15 19.23
CA SER D 223 3.09 9.12 20.63
C SER D 223 1.58 9.09 20.76
N THR D 224 1.16 8.57 21.89
CA THR D 224 -0.23 8.46 22.20
C THR D 224 -0.27 8.63 23.72
N GLY D 225 -1.32 9.28 24.21
CA GLY D 225 -1.43 9.46 25.64
C GLY D 225 -2.40 8.43 26.19
N ALA D 226 -2.77 7.45 25.36
CA ALA D 226 -3.83 6.51 25.71
C ALA D 226 -3.56 5.80 27.04
N ALA D 227 -2.32 5.35 27.23
CA ALA D 227 -2.03 4.54 28.39
C ALA D 227 -2.11 5.40 29.64
N LYS D 228 -1.54 6.59 29.58
CA LYS D 228 -1.67 7.49 30.72
C LYS D 228 -3.13 7.82 30.97
N ALA D 229 -3.86 8.08 29.90
CA ALA D 229 -5.28 8.45 30.00
C ALA D 229 -6.11 7.38 30.72
N VAL D 230 -5.76 6.12 30.52
CA VAL D 230 -6.49 5.03 31.15
C VAL D 230 -6.36 5.17 32.66
N GLY D 231 -5.20 5.69 33.07
CA GLY D 231 -4.99 6.05 34.46
C GLY D 231 -5.96 7.11 35.00
N LEU D 232 -6.59 7.89 34.13
CA LEU D 232 -7.56 8.88 34.57
C LEU D 232 -8.98 8.33 34.58
N VAL D 233 -9.27 7.52 33.58
CA VAL D 233 -10.56 6.86 33.46
C VAL D 233 -10.72 5.76 34.50
N ILE D 234 -9.60 5.12 34.85
CA ILE D 234 -9.55 4.13 35.92
C ILE D 234 -8.51 4.65 36.90
N PRO D 235 -8.96 5.47 37.88
CA PRO D 235 -8.09 6.25 38.74
C PRO D 235 -7.01 5.44 39.44
N SER D 236 -7.30 4.19 39.80
CA SER D 236 -6.30 3.40 40.52
C SER D 236 -5.15 3.00 39.60
N LEU D 237 -5.29 3.28 38.30
CA LEU D 237 -4.26 2.92 37.33
C LEU D 237 -3.39 4.12 37.03
N ASN D 238 -3.65 5.21 37.73
CA ASN D 238 -2.92 6.44 37.46
C ASN D 238 -1.44 6.18 37.68
N GLY D 239 -0.61 6.54 36.71
CA GLY D 239 0.81 6.37 36.83
C GLY D 239 1.33 4.95 36.59
N LYS D 240 0.45 4.02 36.22
CA LYS D 240 0.87 2.62 36.13
C LYS D 240 1.01 2.15 34.69
N LEU D 241 0.65 3.01 33.73
CA LEU D 241 0.72 2.65 32.34
C LEU D 241 1.30 3.79 31.50
N THR D 242 2.10 3.45 30.50
CA THR D 242 2.46 4.44 29.50
C THR D 242 2.62 3.67 28.21
N GLY D 243 2.79 4.36 27.09
CA GLY D 243 2.80 3.62 25.86
C GLY D 243 3.12 4.47 24.67
N MET D 244 3.01 3.88 23.50
CA MET D 244 3.33 4.58 22.28
C MET D 244 2.69 3.86 21.11
N ALA D 245 2.88 4.41 19.94
CA ALA D 245 2.22 3.88 18.77
C ALA D 245 3.20 3.67 17.63
N PHE D 246 2.83 2.76 16.74
CA PHE D 246 3.41 2.71 15.41
C PHE D 246 2.27 2.87 14.41
N ARG D 247 2.33 3.91 13.61
CA ARG D 247 1.43 4.04 12.48
C ARG D 247 1.96 3.19 11.34
N VAL D 248 1.08 2.37 10.75
CA VAL D 248 1.49 1.48 9.67
C VAL D 248 0.52 1.61 8.48
N PRO D 249 0.95 1.16 7.29
CA PRO D 249 0.07 1.47 6.15
C PRO D 249 -1.14 0.56 6.04
N THR D 250 -2.18 0.81 6.82
CA THR D 250 -3.49 0.21 6.61
C THR D 250 -4.50 1.35 6.67
N VAL D 251 -5.63 1.17 6.03
CA VAL D 251 -6.55 2.27 5.83
C VAL D 251 -7.45 2.44 7.05
N ASP D 252 -7.60 1.38 7.84
CA ASP D 252 -8.44 1.41 9.02
C ASP D 252 -8.20 0.13 9.78
N VAL D 253 -8.54 0.18 11.07
CA VAL D 253 -8.40 -0.90 12.07
C VAL D 253 -6.98 -0.90 12.65
N SER D 254 -6.92 -1.01 13.95
CA SER D 254 -5.73 -0.85 14.74
C SER D 254 -5.75 -1.93 15.79
N VAL D 255 -4.63 -2.10 16.48
CA VAL D 255 -4.54 -3.15 17.44
C VAL D 255 -3.68 -2.69 18.60
N VAL D 256 -4.14 -3.01 19.80
CA VAL D 256 -3.42 -2.72 21.02
C VAL D 256 -2.66 -3.95 21.46
N ASP D 257 -1.43 -3.70 21.89
CA ASP D 257 -0.48 -4.69 22.34
C ASP D 257 -0.06 -4.27 23.75
N LEU D 258 -0.73 -4.82 24.77
CA LEU D 258 -0.52 -4.38 26.13
C LEU D 258 0.31 -5.39 26.92
N THR D 259 1.51 -4.98 27.30
CA THR D 259 2.42 -5.82 28.06
C THR D 259 2.32 -5.38 29.48
N CYS D 260 1.76 -6.22 30.35
N CYS D 260 1.77 -6.25 30.34
CA CYS D 260 1.69 -5.79 31.73
CA CYS D 260 1.46 -5.92 31.74
C CYS D 260 2.12 -6.83 32.75
N ARG D 261 2.43 -6.29 33.92
CA ARG D 261 2.82 -7.09 35.08
C ARG D 261 1.59 -7.16 35.96
N LEU D 262 1.17 -8.37 36.31
CA LEU D 262 -0.02 -8.57 37.12
C LEU D 262 0.35 -8.88 38.56
N GLU D 263 -0.44 -8.37 39.50
CA GLU D 263 -0.15 -8.63 40.89
C GLU D 263 -0.46 -10.08 41.21
N LYS D 264 -1.71 -10.47 40.98
CA LYS D 264 -2.15 -11.84 41.22
C LYS D 264 -1.78 -12.70 40.02
N PRO D 265 -1.10 -13.83 40.25
CA PRO D 265 -0.73 -14.67 39.12
C PRO D 265 -1.98 -15.10 38.33
N ALA D 266 -1.84 -15.21 37.02
CA ALA D 266 -2.93 -15.59 36.15
C ALA D 266 -2.45 -16.55 35.06
N THR D 267 -3.22 -17.59 34.81
CA THR D 267 -2.95 -18.47 33.68
C THR D 267 -3.61 -17.90 32.43
N LYS D 268 -3.19 -18.38 31.27
CA LYS D 268 -3.77 -17.91 30.03
C LYS D 268 -5.28 -18.21 30.08
N LYS D 269 -5.60 -19.40 30.54
CA LYS D 269 -6.98 -19.82 30.71
C LYS D 269 -7.77 -18.80 31.56
N GLN D 270 -7.23 -18.41 32.69
CA GLN D 270 -7.93 -17.45 33.56
C GLN D 270 -8.11 -16.10 32.88
N ILE D 271 -7.12 -15.69 32.11
CA ILE D 271 -7.27 -14.44 31.35
C ILE D 271 -8.34 -14.56 30.26
N ASP D 272 -8.31 -15.63 29.48
CA ASP D 272 -9.35 -15.83 28.46
C ASP D 272 -10.74 -15.81 29.11
N GLU D 273 -10.87 -16.51 30.24
CA GLU D 273 -12.18 -16.64 30.87
C GLU D 273 -12.67 -15.31 31.41
N ALA D 274 -11.75 -14.50 31.97
CA ALA D 274 -12.11 -13.17 32.44
C ALA D 274 -12.57 -12.26 31.28
N MET D 275 -11.83 -12.33 30.19
CA MET D 275 -12.17 -11.55 29.00
C MET D 275 -13.51 -12.02 28.43
N LYS D 276 -13.68 -13.34 28.37
CA LYS D 276 -14.92 -13.90 27.84
C LYS D 276 -16.10 -13.49 28.72
N ALA D 277 -15.95 -13.67 30.04
CA ALA D 277 -17.00 -13.27 30.98
C ALA D 277 -17.33 -11.79 30.81
N ALA D 278 -16.30 -10.96 30.72
CA ALA D 278 -16.52 -9.52 30.59
C ALA D 278 -17.32 -9.22 29.34
N SER D 279 -16.91 -9.80 28.21
CA SER D 279 -17.60 -9.64 26.94
C SER D 279 -19.09 -10.02 26.98
N GLU D 280 -19.46 -10.86 27.93
CA GLU D 280 -20.83 -11.32 28.06
C GLU D 280 -21.58 -10.54 29.13
N SER D 281 -20.88 -9.63 29.81
CA SER D 281 -21.48 -8.85 30.89
C SER D 281 -22.39 -7.72 30.37
N GLU D 282 -23.36 -7.30 31.18
CA GLU D 282 -24.19 -6.16 30.81
C GLU D 282 -23.33 -4.94 30.57
N ARG D 283 -22.36 -4.75 31.45
CA ARG D 283 -21.47 -3.62 31.41
C ARG D 283 -20.72 -3.47 30.08
N PHE D 284 -20.24 -4.58 29.52
CA PHE D 284 -19.36 -4.50 28.36
C PHE D 284 -19.94 -5.08 27.06
N LYS D 285 -21.18 -5.57 27.10
CA LYS D 285 -21.76 -6.20 25.91
C LYS D 285 -21.76 -5.23 24.74
N GLY D 286 -21.19 -5.66 23.61
CA GLY D 286 -21.06 -4.83 22.42
C GLY D 286 -19.84 -3.90 22.46
N ILE D 287 -19.27 -3.73 23.65
CA ILE D 287 -18.14 -2.81 23.81
C ILE D 287 -16.83 -3.57 23.76
N LEU D 288 -16.72 -4.55 24.65
CA LEU D 288 -15.60 -5.46 24.63
C LEU D 288 -16.09 -6.81 24.11
N LYS D 289 -15.46 -7.29 23.05
CA LYS D 289 -15.80 -8.57 22.49
C LYS D 289 -14.61 -9.48 22.66
N PHE D 290 -14.85 -10.75 22.33
CA PHE D 290 -13.88 -11.82 22.52
C PHE D 290 -13.79 -12.64 21.24
N THR D 291 -12.57 -12.92 20.81
CA THR D 291 -12.45 -13.93 19.78
C THR D 291 -11.36 -14.92 20.09
N ASP D 292 -11.54 -16.14 19.59
CA ASP D 292 -10.51 -17.15 19.63
C ASP D 292 -10.24 -17.65 18.23
N GLU D 293 -10.56 -16.82 17.24
CA GLU D 293 -10.39 -17.20 15.85
C GLU D 293 -9.18 -16.53 15.24
N GLU D 294 -8.75 -17.02 14.08
CA GLU D 294 -7.49 -16.58 13.50
C GLU D 294 -7.71 -15.29 12.72
N VAL D 295 -8.10 -14.22 13.40
CA VAL D 295 -8.46 -12.96 12.72
C VAL D 295 -7.26 -12.09 12.32
N VAL D 296 -7.47 -11.23 11.34
CA VAL D 296 -6.49 -10.23 10.96
C VAL D 296 -7.25 -8.91 10.91
N SER D 297 -6.55 -7.79 10.70
CA SER D 297 -7.17 -6.49 10.93
C SER D 297 -8.43 -6.22 10.08
N SER D 298 -8.41 -6.61 8.81
CA SER D 298 -9.58 -6.35 7.94
C SER D 298 -10.85 -7.03 8.45
N ASP D 299 -10.69 -8.05 9.30
CA ASP D 299 -11.84 -8.71 9.85
C ASP D 299 -12.61 -7.84 10.83
N PHE D 300 -12.05 -6.71 11.21
CA PHE D 300 -12.73 -5.82 12.13
C PHE D 300 -13.25 -4.58 11.45
N VAL D 301 -13.09 -4.50 10.13
CA VAL D 301 -13.66 -3.37 9.41
C VAL D 301 -15.16 -3.37 9.62
N HIS D 302 -15.67 -2.23 10.10
CA HIS D 302 -17.08 -2.02 10.41
C HIS D 302 -17.56 -2.92 11.56
N ASP D 303 -16.64 -3.29 12.43
CA ASP D 303 -17.00 -3.95 13.69
C ASP D 303 -17.14 -2.87 14.75
N SER D 304 -18.32 -2.75 15.32
CA SER D 304 -18.61 -1.62 16.18
C SER D 304 -18.03 -1.76 17.59
N ALA D 305 -17.32 -2.85 17.88
CA ALA D 305 -16.69 -3.01 19.21
C ALA D 305 -15.67 -1.92 19.51
N SER D 306 -15.54 -1.55 20.77
CA SER D 306 -14.40 -0.73 21.19
C SER D 306 -13.11 -1.55 21.24
N SER D 307 -13.25 -2.83 21.52
CA SER D 307 -12.10 -3.67 21.80
C SER D 307 -12.48 -5.11 21.54
N THR D 308 -11.66 -5.84 20.79
CA THR D 308 -11.89 -7.27 20.71
C THR D 308 -10.64 -8.00 21.16
N TYR D 309 -10.75 -8.66 22.31
CA TYR D 309 -9.65 -9.41 22.86
C TYR D 309 -9.39 -10.62 21.99
N ASP D 310 -8.12 -10.79 21.61
CA ASP D 310 -7.68 -11.81 20.68
C ASP D 310 -7.00 -12.88 21.50
N SER D 311 -7.72 -13.95 21.80
CA SER D 311 -7.19 -14.91 22.76
C SER D 311 -5.98 -15.65 22.18
N LYS D 312 -6.03 -15.99 20.89
CA LYS D 312 -4.95 -16.74 20.26
C LYS D 312 -3.68 -15.92 20.11
N ALA D 313 -3.81 -14.62 19.89
CA ALA D 313 -2.62 -13.81 19.65
C ALA D 313 -2.01 -13.36 20.97
N SER D 314 -2.82 -13.27 22.00
CA SER D 314 -2.33 -12.84 23.29
C SER D 314 -1.40 -13.91 23.84
N ILE D 315 -0.32 -13.51 24.49
CA ILE D 315 0.63 -14.48 25.04
C ILE D 315 1.03 -14.13 26.47
N CSD D 316 1.51 -15.11 27.22
CA CSD D 316 2.22 -14.77 28.47
CB CSD D 316 1.43 -15.09 29.70
SG CSD D 316 0.66 -16.68 29.64
C CSD D 316 3.58 -15.43 28.61
O CSD D 316 3.83 -16.53 28.16
OD1 CSD D 316 0.70 -17.03 28.21
OD2 CSD D 316 -0.82 -16.03 29.67
N LEU D 317 4.49 -14.71 29.26
CA LEU D 317 5.79 -15.25 29.54
C LEU D 317 5.70 -16.11 30.78
N ASN D 318 5.03 -15.58 31.80
CA ASN D 318 4.76 -16.31 33.03
C ASN D 318 3.45 -15.76 33.56
N GLU D 319 3.05 -16.18 34.76
CA GLU D 319 1.74 -15.81 35.27
C GLU D 319 1.64 -14.38 35.77
N HIS D 320 2.77 -13.68 35.81
CA HIS D 320 2.75 -12.28 36.19
C HIS D 320 3.00 -11.38 35.03
N PHE D 321 3.28 -11.94 33.86
CA PHE D 321 3.83 -11.14 32.78
C PHE D 321 3.19 -11.56 31.45
N VAL D 322 2.29 -10.71 30.97
CA VAL D 322 1.44 -11.08 29.85
C VAL D 322 1.43 -10.01 28.77
N LYS D 323 1.10 -10.42 27.55
CA LYS D 323 0.95 -9.48 26.44
C LYS D 323 -0.43 -9.71 25.82
N VAL D 324 -1.33 -8.76 26.05
CA VAL D 324 -2.70 -8.88 25.59
C VAL D 324 -2.91 -8.09 24.29
N VAL D 325 -3.48 -8.77 23.29
CA VAL D 325 -3.73 -8.20 21.98
C VAL D 325 -5.22 -7.91 21.84
N ALA D 326 -5.59 -6.67 21.50
CA ALA D 326 -6.99 -6.31 21.32
C ALA D 326 -7.19 -5.43 20.09
N TRP D 327 -8.14 -5.81 19.25
CA TRP D 327 -8.43 -5.13 17.99
C TRP D 327 -9.45 -4.02 18.14
N TYR D 328 -9.33 -2.99 17.31
CA TYR D 328 -10.37 -1.97 17.26
C TYR D 328 -10.43 -1.31 15.89
N ASP D 329 -11.63 -1.22 15.35
CA ASP D 329 -11.89 -0.39 14.19
C ASP D 329 -11.89 1.03 14.74
N ASN D 330 -10.78 1.72 14.52
CA ASN D 330 -10.60 3.03 15.12
C ASN D 330 -11.59 4.05 14.59
N GLU D 331 -12.15 3.81 13.40
CA GLU D 331 -13.19 4.70 12.90
C GLU D 331 -14.59 4.32 13.44
N TRP D 332 -14.96 3.05 13.25
CA TRP D 332 -16.35 2.64 13.42
C TRP D 332 -16.72 2.40 14.87
N GLY D 333 -15.85 1.74 15.61
CA GLY D 333 -16.14 1.46 17.01
C GLY D 333 -16.26 2.78 17.74
N TYR D 334 -15.29 3.64 17.51
CA TYR D 334 -15.26 4.93 18.17
C TYR D 334 -16.51 5.75 17.85
N SER D 335 -16.89 5.82 16.57
CA SER D 335 -18.07 6.59 16.19
C SER D 335 -19.32 6.09 16.86
N ASN D 336 -19.48 4.79 16.96
CA ASN D 336 -20.58 4.25 17.72
C ASN D 336 -20.50 4.60 19.21
N ARG D 337 -19.30 4.58 19.77
CA ARG D 337 -19.17 4.96 21.18
C ARG D 337 -19.57 6.42 21.40
N VAL D 338 -19.25 7.30 20.45
CA VAL D 338 -19.64 8.69 20.59
C VAL D 338 -21.17 8.81 20.82
N LEU D 339 -21.94 8.11 19.98
CA LEU D 339 -23.39 8.12 20.10
C LEU D 339 -23.84 7.47 21.39
N ASP D 340 -23.16 6.39 21.76
CA ASP D 340 -23.48 5.71 23.04
C ASP D 340 -23.27 6.63 24.23
N LEU D 341 -22.19 7.40 24.19
CA LEU D 341 -21.88 8.30 25.27
C LEU D 341 -22.92 9.42 25.34
N ILE D 342 -23.34 9.90 24.18
CA ILE D 342 -24.37 10.93 24.11
C ILE D 342 -25.66 10.39 24.69
N LYS D 343 -26.07 9.20 24.27
CA LYS D 343 -27.28 8.57 24.80
C LYS D 343 -27.18 8.39 26.32
N SER D 344 -26.05 7.86 26.76
CA SER D 344 -25.86 7.58 28.18
C SER D 344 -25.95 8.85 29.05
N THR D 345 -25.20 9.86 28.66
CA THR D 345 -25.13 11.10 29.44
C THR D 345 -26.37 11.95 29.28
N ALA D 346 -27.11 11.80 28.19
CA ALA D 346 -28.29 12.63 27.95
C ALA D 346 -29.33 12.37 29.01
N LYS D 347 -29.33 11.14 29.52
CA LYS D 347 -30.25 10.71 30.57
C LYS D 347 -29.97 11.42 31.88
N ILE D 348 -28.74 11.90 32.04
CA ILE D 348 -28.35 12.57 33.28
C ILE D 348 -28.58 14.07 33.18
N GLN D 349 -29.54 14.59 33.93
CA GLN D 349 -29.90 16.01 33.81
C GLN D 349 -29.79 16.79 35.13
PA NAD E . -6.53 -18.24 -6.36
O1A NAD E . -7.09 -17.30 -5.41
O2A NAD E . -5.03 -18.49 -6.38
O5B NAD E . -7.29 -19.61 -6.26
C5B NAD E . -6.77 -20.82 -6.80
C4B NAD E . -7.20 -21.90 -5.87
O4B NAD E . -6.97 -23.18 -6.51
C3B NAD E . -6.49 -21.98 -4.51
O3B NAD E . -7.41 -22.05 -3.42
C2B NAD E . -5.65 -23.26 -4.62
O2B NAD E . -5.50 -23.95 -3.39
C1B NAD E . -6.54 -24.08 -5.53
N9A NAD E . -5.89 -25.19 -6.22
C8A NAD E . -4.62 -25.22 -6.74
N7A NAD E . -4.31 -26.35 -7.34
C5A NAD E . -5.46 -27.12 -7.19
C6A NAD E . -5.77 -28.43 -7.58
N6A NAD E . -4.91 -29.26 -8.17
N1A NAD E . -7.01 -28.89 -7.29
C2A NAD E . -7.86 -28.09 -6.64
N3A NAD E . -7.66 -26.84 -6.21
C4A NAD E . -6.44 -26.41 -6.52
O3 NAD E . -6.89 -17.74 -7.83
PN NAD E . -8.10 -16.82 -8.31
O1N NAD E . -9.37 -17.28 -7.65
O2N NAD E . -7.81 -15.39 -8.16
O5D NAD E . -8.19 -17.28 -9.84
C5D NAD E . -8.55 -18.60 -10.29
C4D NAD E . -8.76 -18.54 -11.78
O4D NAD E . -9.76 -17.55 -12.09
C3D NAD E . -7.52 -18.14 -12.58
O3D NAD E . -7.56 -18.80 -13.83
C2D NAD E . -7.69 -16.63 -12.69
O2D NAD E . -7.02 -16.15 -13.84
C1D NAD E . -9.19 -16.53 -12.89
N1N NAD E . -9.81 -15.26 -12.55
C2N NAD E . -9.37 -14.48 -11.53
C3N NAD E . -9.97 -13.25 -11.26
C7N NAD E . -9.51 -12.35 -10.13
O7N NAD E . -9.67 -11.12 -10.24
N7N NAD E . -8.97 -12.90 -9.04
C4N NAD E . -11.04 -12.81 -12.05
C5N NAD E . -11.50 -13.62 -13.06
C6N NAD E . -10.88 -14.82 -13.29
C1 PGE F . -18.66 -19.01 -28.73
O1 PGE F . -19.47 -19.20 -29.88
C2 PGE F . -17.59 -17.97 -29.00
O2 PGE F . -16.32 -18.48 -28.62
C3 PGE F . -15.21 -17.77 -29.15
C4 PGE F . -14.37 -18.68 -30.02
O4 PGE F . -13.88 -22.77 -30.84
C6 PGE F . -13.24 -22.14 -29.73
C5 PGE F . -13.09 -20.67 -30.05
O3 PGE F . -14.05 -19.88 -29.35
NA NA G . -28.25 -21.10 -4.05
PA NAD H . 4.66 19.70 -1.45
O1A NAD H . 3.38 19.74 -0.73
O2A NAD H . 5.55 18.53 -1.23
O5B NAD H . 5.56 20.99 -1.16
C5B NAD H . 4.97 22.30 -0.99
C4B NAD H . 5.83 23.00 0.03
O4B NAD H . 5.48 24.40 0.04
C3B NAD H . 5.63 22.49 1.47
O3B NAD H . 6.90 22.20 2.07
C2B NAD H . 4.91 23.65 2.17
O2B NAD H . 5.26 23.82 3.55
C1B NAD H . 5.46 24.84 1.38
N9A NAD H . 4.65 26.05 1.45
C8A NAD H . 3.29 26.15 1.56
N7A NAD H . 2.86 27.39 1.61
C5A NAD H . 4.02 28.15 1.51
C6A NAD H . 4.25 29.54 1.54
N6A NAD H . 3.28 30.46 1.67
N1A NAD H . 5.54 29.96 1.48
C2A NAD H . 6.51 29.06 1.40
N3A NAD H . 6.41 27.72 1.36
C4A NAD H . 5.12 27.33 1.43
O3 NAD H . 4.38 19.85 -3.02
PN NAD H . 5.21 19.27 -4.24
O1N NAD H . 4.87 17.82 -4.57
O2N NAD H . 6.68 19.45 -4.08
O5D NAD H . 4.68 20.20 -5.39
C5D NAD H . 4.99 21.61 -5.48
C4D NAD H . 4.56 22.09 -6.84
O4D NAD H . 5.25 21.33 -7.84
C3D NAD H . 3.08 21.93 -7.15
O3D NAD H . 2.74 23.02 -8.00
C2D NAD H . 3.03 20.58 -7.87
O2D NAD H . 1.93 20.46 -8.76
C1D NAD H . 4.32 20.68 -8.68
N1N NAD H . 4.90 19.41 -9.12
C2N NAD H . 4.87 18.30 -8.34
C3N NAD H . 5.44 17.10 -8.78
C7N NAD H . 5.41 15.88 -7.93
O7N NAD H . 5.44 14.74 -8.46
N7N NAD H . 5.35 16.03 -6.61
C4N NAD H . 6.04 17.04 -10.01
C5N NAD H . 6.10 18.18 -10.80
C6N NAD H . 5.53 19.34 -10.33
NA NA I . 25.65 23.25 -7.11
PA NAD J . 12.67 -16.03 -1.51
O1A NAD J . 11.34 -16.67 -1.76
O2A NAD J . 12.77 -14.60 -1.95
O5B NAD J . 13.89 -16.83 -2.16
C5B NAD J . 13.92 -18.26 -2.25
C4B NAD J . 14.64 -18.61 -3.53
O4B NAD J . 14.98 -20.02 -3.53
C3B NAD J . 13.82 -18.36 -4.80
O3B NAD J . 14.56 -17.57 -5.73
C2B NAD J . 13.54 -19.77 -5.33
O2B NAD J . 13.43 -19.85 -6.75
C1B NAD J . 14.76 -20.51 -4.82
N9A NAD J . 14.61 -21.96 -4.72
C8A NAD J . 13.50 -22.65 -4.33
N7A NAD J . 13.65 -23.95 -4.27
C5A NAD J . 14.97 -24.13 -4.66
C6A NAD J . 15.78 -25.29 -4.79
N6A NAD J . 15.32 -26.53 -4.60
N1A NAD J . 17.06 -25.12 -5.16
C2A NAD J . 17.51 -23.88 -5.40
N3A NAD J . 16.84 -22.73 -5.34
C4A NAD J . 15.58 -22.92 -4.94
O3 NAD J . 12.96 -16.08 0.05
PN NAD J . 13.84 -15.18 1.01
O1N NAD J . 13.00 -14.06 1.54
O2N NAD J . 15.09 -14.78 0.34
O5D NAD J . 14.17 -16.22 2.18
C5D NAD J . 15.11 -17.31 2.05
C4D NAD J . 15.39 -17.85 3.43
O4D NAD J . 15.98 -16.83 4.26
C3D NAD J . 14.17 -18.35 4.18
O3D NAD J . 14.54 -19.49 4.95
C2D NAD J . 13.79 -17.14 5.03
O2D NAD J . 13.13 -17.50 6.23
C1D NAD J . 15.16 -16.59 5.38
N1N NAD J . 15.22 -15.17 5.71
C2N NAD J . 14.42 -14.25 5.10
C3N NAD J . 14.56 -12.90 5.41
C7N NAD J . 13.76 -11.83 4.71
O7N NAD J . 13.60 -10.72 5.25
N7N NAD J . 13.26 -12.11 3.52
C4N NAD J . 15.49 -12.49 6.36
C5N NAD J . 16.23 -13.43 7.03
C6N NAD J . 16.09 -14.76 6.67
NA NA K . 33.85 -9.73 -2.84
PA NAD L . -10.70 14.40 9.54
O1A NAD L . -9.53 15.13 9.03
O2A NAD L . -11.14 13.20 8.71
O5B NAD L . -11.98 15.28 9.80
C5B NAD L . -11.87 16.64 10.31
C4B NAD L . -12.87 17.49 9.59
O4B NAD L . -12.97 18.78 10.24
C3B NAD L . -12.54 17.76 8.12
O3B NAD L . -13.60 17.35 7.25
C2B NAD L . -12.26 19.28 8.08
O2B NAD L . -12.66 19.91 6.87
C1B NAD L . -13.12 19.76 9.24
N9A NAD L . -12.75 21.06 9.78
C8A NAD L . -11.49 21.57 9.98
N7A NAD L . -11.48 22.74 10.56
C5A NAD L . -12.82 23.03 10.74
C6A NAD L . -13.49 24.12 11.33
N6A NAD L . -12.86 25.22 11.80
N1A NAD L . -14.84 24.06 11.40
C2A NAD L . -15.47 23.00 10.91
N3A NAD L . -14.95 21.92 10.32
C4A NAD L . -13.62 22.00 10.28
O3 NAD L . -10.28 13.82 10.95
PN NAD L . -10.83 12.56 11.74
O1N NAD L . -12.33 12.54 11.56
O2N NAD L . -10.08 11.36 11.33
O5D NAD L . -10.56 12.97 13.23
C5D NAD L . -11.40 13.96 13.88
C4D NAD L . -11.08 14.03 15.35
O4D NAD L . -11.44 12.77 15.96
C3D NAD L . -9.61 14.23 15.69
O3D NAD L . -9.54 14.93 16.92
C2D NAD L . -9.08 12.80 15.77
O2D NAD L . -7.95 12.72 16.62
C1D NAD L . -10.28 12.12 16.44
N1N NAD L . -10.43 10.69 16.20
C2N NAD L . -10.04 10.11 15.04
C3N NAD L . -10.21 8.73 14.86
C7N NAD L . -9.79 8.08 13.60
O7N NAD L . -9.55 6.86 13.62
N7N NAD L . -9.71 8.80 12.49
C4N NAD L . -10.76 7.95 15.89
C5N NAD L . -11.14 8.56 17.06
C6N NAD L . -10.96 9.91 17.19
NA NA M . -31.34 8.33 14.19
#